data_2QO3
#
_entry.id   2QO3
#
_cell.length_a   75.203
_cell.length_b   139.005
_cell.length_c   102.342
_cell.angle_alpha   90.00
_cell.angle_beta   106.14
_cell.angle_gamma   90.00
#
_symmetry.space_group_name_H-M   'P 1 21 1'
#
loop_
_entity.id
_entity.type
_entity.pdbx_description
1 polymer 'EryAII Erythromycin polyketide synthase modules 3 and 4'
2 non-polymer 'ACETATE ION'
3 non-polymer 'CHLORIDE ION'
4 non-polymer '(2S, 3R)-3-HYDROXY-4-OXO-7,10-TRANS,TRANS-DODECADIENAMIDE'
5 water water
#
_entity_poly.entity_id   1
_entity_poly.type   'polypeptide(L)'
_entity_poly.pdbx_seq_one_letter_code
;MELESDPIAIVSMACRLPGGVNTPQRLWELLREGGETLSGFPTDRGWDLARLHHPDPDNPGTSYVDKGGFLDDAAGFDAE
FFGVSPREAAAMDPQQRLLLETSWELVENAGIDPHSLRGTATGVFLGVAKFGYGEDTAAAEDVEGYSVTGVAPAVASGRI
SYTMGLEGPSISVDTACSSSLVALHLAVESLRKGESSMAVVGGAAVMATPGVFVDFSRQRALAADGRSKAFGAGADGFGF
SEGVTLVLLERLSEARRNGHEVLAVVRGSALNQDGASNGLSAPSGPAQRRVIRQALESCGLEPGDVDAVEAHGTGTALGD
PIEANALLDTYGRDRDADRPLWLGSVKSNIGHTQAAAGVTGLLKVVLALRNGELPATLHVEEPTPHVDWSSGGVALLAGN
QPWRRGERTRRAAVSAFGISGTNAHVIVEEAPEREHRETTAHDGRPVPLVVSARSTAALRAQAAQIAELLERPDADLAGV
GLGLATTRARHEHRAAVVASTREEAVRGLREIAAGAATADAVVEGVTEVDGRNVVFLFPGQGSQWAGMGAELLSSSPVFA
GKIRACDESMAPMQDWKVSDVLRQAPGAPGLDRVDVVQPVLFAVMVSLAELWRSYGVEPAAVVGHSQGEIAAAHVAGALT
LEDAAKLVVGRSRLMRSLSGEGGMAAVALGEAAVRERLRPWQDRLSVAAVNGPRSVVVSGEPGALRAFSEDCAAEGIRVR
DIDVDYASHSPQIERVREELLETTGDIAPRPARVTFHSTVESRSMDGTELDARYWYRNLRETVRFADAVTRLAESGYDAF
IEVSPHPVVVQAVEEAVEEADGAEDAVVVGSLHRDGGDLSAFLRSMATAHVSGVDIRWDVALPGAAPFALPTYPFQRKRY
WLQPAAPAAASDELAYRSSSVDKLAAALEHHHHHH
;
_entity_poly.pdbx_strand_id   A,B
#
loop_
_chem_comp.id
_chem_comp.type
_chem_comp.name
_chem_comp.formula
ACT non-polymer 'ACETATE ION' 'C2 H3 O2 -1'
CER non-polymer '(2S, 3R)-3-HYDROXY-4-OXO-7,10-TRANS,TRANS-DODECADIENAMIDE' 'C12 H19 N O3'
CL non-polymer 'CHLORIDE ION' 'Cl -1'
#
# COMPACT_ATOMS: atom_id res chain seq x y z
N GLU A 4 6.02 -21.60 8.94
CA GLU A 4 5.40 -20.24 8.94
C GLU A 4 6.54 -19.20 8.97
N SER A 5 7.34 -19.20 10.07
CA SER A 5 8.84 -19.12 10.07
C SER A 5 9.66 -17.89 10.47
N ASP A 6 9.60 -16.81 9.70
CA ASP A 6 10.10 -15.55 10.23
C ASP A 6 9.21 -14.39 9.87
N PRO A 7 8.20 -14.20 10.71
CA PRO A 7 7.28 -13.16 10.43
C PRO A 7 7.81 -11.83 10.98
N ILE A 8 6.94 -10.87 11.06
CA ILE A 8 7.31 -9.50 11.29
C ILE A 8 7.00 -9.17 12.71
N ALA A 9 8.04 -8.80 13.43
CA ALA A 9 7.90 -8.36 14.79
C ALA A 9 7.43 -6.91 14.81
N ILE A 10 6.56 -6.60 15.76
CA ILE A 10 6.31 -5.27 16.23
C ILE A 10 7.29 -5.13 17.38
N VAL A 11 8.10 -4.11 17.33
CA VAL A 11 9.13 -3.91 18.29
C VAL A 11 8.89 -2.65 19.08
N SER A 12 7.80 -1.94 18.79
CA SER A 12 7.66 -0.65 19.42
C SER A 12 6.36 -0.01 19.05
N MET A 13 5.95 0.93 19.92
CA MET A 13 4.59 1.42 20.07
C MET A 13 4.65 2.91 20.44
N ALA A 14 3.75 3.71 19.86
CA ALA A 14 3.66 5.14 20.27
C ALA A 14 2.27 5.70 19.95
N CYS A 15 1.76 6.62 20.80
CA CYS A 15 0.43 7.17 20.56
C CYS A 15 0.06 8.56 21.15
N ARG A 16 -0.87 9.23 20.50
CA ARG A 16 -1.51 10.40 21.08
C ARG A 16 -2.97 10.12 20.97
N LEU A 17 -3.61 9.87 22.10
CA LEU A 17 -5.04 9.70 22.09
C LEU A 17 -5.69 10.71 23.06
N PRO A 18 -7.04 10.84 23.02
CA PRO A 18 -7.77 11.77 23.88
C PRO A 18 -7.59 11.53 25.36
N GLY A 19 -7.79 12.58 26.17
CA GLY A 19 -7.83 12.42 27.59
C GLY A 19 -6.45 12.27 28.18
N GLY A 20 -5.48 12.90 27.57
CA GLY A 20 -4.15 12.84 28.13
C GLY A 20 -3.50 11.51 27.82
N VAL A 21 -4.15 10.66 27.02
CA VAL A 21 -3.65 9.30 26.75
C VAL A 21 -2.45 9.36 25.78
N ASN A 22 -1.32 9.88 26.26
CA ASN A 22 -0.18 10.15 25.38
C ASN A 22 0.97 9.12 25.41
N THR A 23 0.74 7.95 25.99
CA THR A 23 1.78 6.99 26.19
C THR A 23 1.06 5.65 26.06
N PRO A 24 1.69 4.59 25.51
CA PRO A 24 0.99 3.31 25.48
C PRO A 24 0.57 2.84 26.88
N GLN A 25 1.43 2.98 27.88
CA GLN A 25 1.05 2.50 29.17
C GLN A 25 -0.16 3.30 29.71
N ARG A 26 -0.27 4.60 29.42
CA ARG A 26 -1.49 5.35 29.81
C ARG A 26 -2.68 4.81 29.09
N LEU A 27 -2.44 4.30 27.88
CA LEU A 27 -3.51 3.68 27.15
C LEU A 27 -3.92 2.44 27.91
N TRP A 28 -2.95 1.77 28.53
CA TRP A 28 -3.28 0.52 29.22
C TRP A 28 -3.97 0.81 30.51
N GLU A 29 -3.60 1.91 31.14
CA GLU A 29 -4.24 2.37 32.37
C GLU A 29 -5.72 2.45 32.07
N LEU A 30 -6.03 3.08 30.93
CA LEU A 30 -7.40 3.32 30.55
C LEU A 30 -8.23 2.05 30.27
N LEU A 31 -7.68 1.09 29.51
CA LEU A 31 -8.34 -0.21 29.25
C LEU A 31 -8.53 -1.04 30.54
N ARG A 32 -7.56 -0.97 31.44
CA ARG A 32 -7.67 -1.68 32.71
C ARG A 32 -8.82 -1.14 33.59
N GLU A 33 -8.90 0.17 33.77
CA GLU A 33 -9.99 0.75 34.57
C GLU A 33 -11.31 0.88 33.83
N GLY A 34 -11.33 0.46 32.57
CA GLY A 34 -12.51 0.59 31.70
C GLY A 34 -13.01 2.01 31.65
N GLY A 35 -12.10 2.91 31.29
CA GLY A 35 -12.42 4.31 31.22
C GLY A 35 -12.73 4.80 29.82
N GLU A 36 -13.21 6.04 29.79
CA GLU A 36 -13.75 6.66 28.62
C GLU A 36 -13.02 7.95 28.42
N THR A 37 -13.10 8.52 27.20
CA THR A 37 -12.49 9.82 26.99
C THR A 37 -13.36 10.89 26.33
N LEU A 38 -14.65 10.61 26.21
CA LEU A 38 -15.67 11.59 25.85
C LEU A 38 -15.45 12.99 26.50
N SER A 39 -15.66 14.08 25.76
CA SER A 39 -15.42 15.40 26.30
C SER A 39 -16.14 16.42 25.45
N GLY A 40 -16.35 17.62 25.95
CA GLY A 40 -16.90 18.67 25.10
C GLY A 40 -16.00 19.01 23.91
N PHE A 41 -16.57 19.75 22.98
CA PHE A 41 -15.88 20.18 21.77
C PHE A 41 -14.90 21.23 22.24
N PRO A 42 -13.67 21.20 21.73
CA PRO A 42 -12.60 22.07 22.26
C PRO A 42 -12.85 23.56 22.05
N THR A 43 -12.37 24.35 22.98
CA THR A 43 -12.60 25.79 22.97
C THR A 43 -11.37 26.55 22.46
N ASP A 44 -10.38 25.83 21.95
CA ASP A 44 -9.18 26.50 21.44
C ASP A 44 -8.94 26.32 19.92
N ARG A 45 -9.99 26.00 19.15
CA ARG A 45 -9.74 25.70 17.74
C ARG A 45 -10.41 26.66 16.78
N GLY A 46 -11.10 27.64 17.35
CA GLY A 46 -11.76 28.67 16.58
C GLY A 46 -13.11 28.27 16.04
N TRP A 47 -13.70 27.17 16.52
CA TRP A 47 -15.06 26.76 16.07
C TRP A 47 -16.08 27.73 16.67
N ASP A 48 -17.16 28.04 15.93
CA ASP A 48 -18.27 28.84 16.46
C ASP A 48 -19.18 27.92 17.23
N LEU A 49 -18.78 27.67 18.48
CA LEU A 49 -19.50 26.77 19.33
C LEU A 49 -20.95 27.25 19.51
N ALA A 50 -21.16 28.50 19.89
CA ALA A 50 -22.53 28.96 20.11
C ALA A 50 -23.50 28.55 19.01
N ARG A 51 -23.06 28.52 17.73
CA ARG A 51 -23.97 28.31 16.58
C ARG A 51 -23.91 26.91 16.06
N LEU A 52 -22.92 26.15 16.53
CA LEU A 52 -22.63 24.86 15.98
C LEU A 52 -23.62 23.76 16.37
N HIS A 53 -24.27 23.92 17.51
CA HIS A 53 -24.97 22.78 18.10
C HIS A 53 -26.47 23.00 18.13
N HIS A 54 -27.21 21.95 17.75
CA HIS A 54 -28.66 22.00 17.59
C HIS A 54 -29.27 20.56 17.47
N PRO A 55 -30.26 20.24 18.34
CA PRO A 55 -30.93 18.94 18.50
C PRO A 55 -31.73 18.36 17.30
N ASP A 56 -32.33 19.16 16.45
CA ASP A 56 -32.95 18.59 15.26
C ASP A 56 -31.89 18.29 14.21
N PRO A 57 -31.70 17.00 13.86
CA PRO A 57 -30.82 16.59 12.76
C PRO A 57 -31.06 17.30 11.41
N ASP A 58 -32.32 17.58 11.06
CA ASP A 58 -32.63 18.19 9.76
C ASP A 58 -32.01 19.56 9.52
N ASN A 59 -31.63 20.22 10.60
CA ASN A 59 -31.25 21.63 10.53
C ASN A 59 -29.86 21.84 9.96
N PRO A 60 -29.77 22.47 8.77
CA PRO A 60 -28.49 22.71 8.06
C PRO A 60 -27.39 23.41 8.88
N GLY A 61 -26.15 22.95 8.76
CA GLY A 61 -24.98 23.62 9.33
C GLY A 61 -24.51 23.16 10.72
N THR A 62 -25.30 22.30 11.38
CA THR A 62 -25.18 22.02 12.82
C THR A 62 -24.96 20.58 13.20
N SER A 63 -24.60 20.34 14.45
CA SER A 63 -24.58 18.95 14.95
C SER A 63 -25.52 18.81 16.12
N TYR A 64 -26.11 17.63 16.23
CA TYR A 64 -26.98 17.36 17.36
C TYR A 64 -26.22 16.75 18.52
N VAL A 65 -24.94 16.53 18.28
CA VAL A 65 -23.99 15.98 19.24
C VAL A 65 -22.96 17.04 19.64
N ASP A 66 -22.62 17.07 20.92
CA ASP A 66 -21.76 18.12 21.48
C ASP A 66 -20.53 17.53 22.21
N LYS A 67 -20.33 16.22 22.07
CA LYS A 67 -19.29 15.50 22.77
C LYS A 67 -18.54 14.74 21.70
N GLY A 68 -17.27 14.41 21.94
CA GLY A 68 -16.39 13.72 20.99
C GLY A 68 -15.08 13.40 21.70
N GLY A 69 -14.24 12.55 21.12
CA GLY A 69 -12.87 12.30 21.61
C GLY A 69 -11.77 13.14 20.98
N PHE A 70 -11.22 14.10 21.73
CA PHE A 70 -10.22 15.08 21.26
C PHE A 70 -8.91 15.09 22.04
N LEU A 71 -7.81 15.36 21.32
CA LEU A 71 -6.48 15.49 21.95
C LEU A 71 -6.41 16.71 22.88
N ASP A 72 -5.48 16.68 23.83
CA ASP A 72 -5.27 17.78 24.80
C ASP A 72 -4.53 19.00 24.22
N ASP A 73 -3.47 18.76 23.46
CA ASP A 73 -2.69 19.81 22.82
C ASP A 73 -2.49 19.57 21.34
N ALA A 74 -3.56 19.64 20.57
CA ALA A 74 -3.40 19.43 19.13
C ALA A 74 -2.58 20.54 18.48
N ALA A 75 -2.70 21.75 18.96
CA ALA A 75 -2.01 22.88 18.38
C ALA A 75 -0.54 23.01 18.82
N GLY A 76 -0.12 22.32 19.90
CA GLY A 76 1.23 22.46 20.46
C GLY A 76 2.33 21.67 19.78
N PHE A 77 3.41 22.33 19.36
CA PHE A 77 4.50 21.71 18.64
C PHE A 77 5.88 22.33 18.98
N ASP A 78 6.94 21.51 18.96
CA ASP A 78 8.32 21.95 19.27
C ASP A 78 8.99 22.00 17.95
N ALA A 79 8.95 23.16 17.33
CA ALA A 79 9.26 23.35 15.94
C ALA A 79 10.73 23.51 15.77
N GLU A 80 11.33 24.16 16.75
CA GLU A 80 12.77 24.35 16.74
C GLU A 80 13.37 22.96 16.77
N PHE A 81 12.79 22.07 17.57
CA PHE A 81 13.34 20.71 17.68
C PHE A 81 13.45 20.09 16.32
N PHE A 82 12.47 20.31 15.47
CA PHE A 82 12.47 19.55 14.21
C PHE A 82 13.05 20.34 13.04
N GLY A 83 13.56 21.55 13.32
CA GLY A 83 14.11 22.39 12.27
C GLY A 83 13.05 23.11 11.47
N VAL A 84 11.90 23.37 12.07
CA VAL A 84 10.80 23.98 11.39
C VAL A 84 10.70 25.46 11.81
N SER A 85 10.29 26.34 10.90
CA SER A 85 10.26 27.72 11.20
C SER A 85 8.89 28.05 11.77
N PRO A 86 8.80 29.02 12.70
CA PRO A 86 7.44 29.22 13.24
C PRO A 86 6.37 29.49 12.16
N ARG A 87 6.80 29.85 10.95
CA ARG A 87 5.85 30.10 9.87
C ARG A 87 5.41 28.79 9.28
N GLU A 88 6.36 27.92 8.95
CA GLU A 88 6.00 26.62 8.39
C GLU A 88 5.12 25.82 9.34
N ALA A 89 5.42 25.96 10.63
CA ALA A 89 4.69 25.30 11.72
C ALA A 89 3.22 25.74 11.78
N ALA A 90 2.95 27.05 11.81
CA ALA A 90 1.55 27.47 11.85
C ALA A 90 0.81 26.82 10.66
N ALA A 91 1.51 26.71 9.55
CA ALA A 91 1.00 26.21 8.29
C ALA A 91 0.97 24.69 8.19
N MET A 92 1.60 23.98 9.13
CA MET A 92 1.56 22.50 9.17
C MET A 92 0.24 22.00 9.77
N ASP A 93 -0.45 21.11 9.04
CA ASP A 93 -1.59 20.37 9.61
C ASP A 93 -1.14 19.80 10.97
N PRO A 94 -1.91 19.99 12.04
CA PRO A 94 -1.57 19.31 13.30
C PRO A 94 -1.29 17.85 13.11
N GLN A 95 -2.00 17.22 12.17
CA GLN A 95 -1.77 15.79 11.82
C GLN A 95 -0.30 15.56 11.49
N GLN A 96 0.33 16.42 10.70
CA GLN A 96 1.76 16.29 10.39
C GLN A 96 2.70 16.54 11.59
N ARG A 97 2.44 17.59 12.38
CA ARG A 97 3.25 17.88 13.58
C ARG A 97 3.23 16.73 14.60
N LEU A 98 2.05 16.21 14.93
CA LEU A 98 2.01 15.12 15.89
C LEU A 98 2.70 13.90 15.38
N LEU A 99 2.64 13.70 14.05
CA LEU A 99 3.32 12.54 13.45
C LEU A 99 4.82 12.65 13.56
N LEU A 100 5.32 13.88 13.49
CA LEU A 100 6.72 14.10 13.73
C LEU A 100 7.05 13.77 15.18
N GLU A 101 6.21 14.17 16.11
CA GLU A 101 6.56 13.93 17.47
C GLU A 101 6.41 12.48 17.81
N THR A 102 5.28 11.89 17.43
CA THR A 102 5.06 10.54 17.90
C THR A 102 6.06 9.58 17.21
N SER A 103 6.41 9.81 15.96
CA SER A 103 7.40 8.93 15.35
C SER A 103 8.72 9.04 16.06
N TRP A 104 9.14 10.24 16.44
CA TRP A 104 10.33 10.37 17.32
C TRP A 104 10.24 9.47 18.53
N GLU A 105 9.13 9.58 19.29
CA GLU A 105 8.94 8.77 20.50
C GLU A 105 8.96 7.27 20.19
N LEU A 106 8.65 6.90 18.97
CA LEU A 106 8.32 5.53 18.71
C LEU A 106 9.64 4.81 18.69
N VAL A 107 10.59 5.41 17.99
CA VAL A 107 11.95 4.90 17.88
C VAL A 107 12.64 4.86 19.26
N GLU A 108 12.53 5.95 20.01
CA GLU A 108 13.06 5.96 21.33
C GLU A 108 12.39 4.86 22.16
N ASN A 109 11.12 4.57 21.92
CA ASN A 109 10.48 3.53 22.76
C ASN A 109 11.02 2.17 22.46
N ALA A 110 11.66 2.08 21.32
CA ALA A 110 12.18 0.86 20.82
C ALA A 110 13.54 0.53 21.45
N GLY A 111 14.18 1.50 22.15
CA GLY A 111 15.59 1.34 22.53
C GLY A 111 16.54 1.53 21.33
N ILE A 112 16.27 2.56 20.52
CA ILE A 112 17.15 2.88 19.42
C ILE A 112 17.39 4.39 19.47
N ASP A 113 18.63 4.80 19.22
CA ASP A 113 19.04 6.18 18.97
C ASP A 113 18.54 6.56 17.57
N PRO A 114 17.57 7.47 17.51
CA PRO A 114 16.91 7.70 16.22
C PRO A 114 17.86 8.22 15.17
N HIS A 115 19.05 8.67 15.57
CA HIS A 115 20.11 9.06 14.62
C HIS A 115 20.71 7.86 13.95
N SER A 116 20.67 6.68 14.58
CA SER A 116 21.22 5.48 13.94
C SER A 116 20.42 5.01 12.72
N LEU A 117 19.22 5.57 12.52
CA LEU A 117 18.39 5.21 11.38
C LEU A 117 18.59 6.14 10.23
N ARG A 118 19.31 7.26 10.42
CA ARG A 118 19.59 8.11 9.26
C ARG A 118 20.35 7.30 8.23
N GLY A 119 19.96 7.46 6.96
CA GLY A 119 20.54 6.71 5.85
C GLY A 119 20.20 5.22 5.78
N THR A 120 19.23 4.80 6.58
CA THR A 120 18.70 3.44 6.58
C THR A 120 17.51 3.31 5.60
N ALA A 121 17.20 2.08 5.18
CA ALA A 121 16.00 1.78 4.41
C ALA A 121 14.71 1.67 5.26
N THR A 122 14.55 2.48 6.29
CA THR A 122 13.29 2.45 7.04
C THR A 122 12.19 3.03 6.18
N GLY A 123 11.05 2.36 6.16
CA GLY A 123 9.94 2.75 5.34
C GLY A 123 8.87 3.29 6.25
N VAL A 124 7.91 4.01 5.65
CA VAL A 124 6.87 4.71 6.41
C VAL A 124 5.55 4.52 5.71
N PHE A 125 4.63 3.88 6.42
CA PHE A 125 3.34 3.61 5.82
C PHE A 125 2.18 4.11 6.65
N LEU A 126 1.48 5.16 6.16
CA LEU A 126 0.41 5.82 6.98
C LEU A 126 -0.95 5.99 6.30
N GLY A 127 -2.01 5.71 7.08
CA GLY A 127 -3.32 6.24 6.79
C GLY A 127 -3.48 7.67 7.29
N VAL A 128 -3.76 8.58 6.39
CA VAL A 128 -4.11 9.97 6.75
C VAL A 128 -5.09 10.45 5.71
N ALA A 129 -5.86 11.47 6.09
CA ALA A 129 -6.74 12.24 5.18
C ALA A 129 -6.74 13.72 5.62
N LYS A 130 -6.96 14.62 4.65
CA LYS A 130 -7.29 16.02 4.93
C LYS A 130 -8.59 16.16 5.77
N PHE A 131 -8.48 16.74 6.96
CA PHE A 131 -9.58 17.42 7.60
C PHE A 131 -9.12 18.82 7.33
N GLY A 132 -10.07 19.74 7.12
CA GLY A 132 -9.75 21.03 6.47
C GLY A 132 -8.87 22.07 7.17
N TYR A 133 -7.69 21.69 7.63
CA TYR A 133 -6.90 22.64 8.37
C TYR A 133 -6.72 24.04 7.74
N GLY A 134 -6.15 24.12 6.57
CA GLY A 134 -5.89 25.45 6.06
C GLY A 134 -7.04 26.16 5.38
N GLU A 135 -8.21 25.49 5.26
CA GLU A 135 -9.17 25.77 4.17
C GLU A 135 -9.92 27.12 4.15
N ASP A 136 -9.82 27.91 5.22
CA ASP A 136 -9.86 29.38 5.05
C ASP A 136 -9.44 30.30 6.19
N THR A 137 -8.13 30.31 6.40
CA THR A 137 -7.43 31.46 6.93
C THR A 137 -7.40 32.49 5.79
N ALA A 138 -6.82 32.10 4.65
CA ALA A 138 -6.80 32.83 3.36
C ALA A 138 -5.39 32.97 2.77
N ASP A 142 4.15 33.98 1.37
CA ASP A 142 4.18 32.51 1.33
C ASP A 142 4.86 32.03 0.07
N VAL A 143 5.99 32.66 -0.19
CA VAL A 143 6.88 32.28 -1.25
C VAL A 143 7.52 30.90 -0.99
N GLU A 144 7.25 30.28 0.16
CA GLU A 144 7.89 28.99 0.53
C GLU A 144 7.08 27.73 0.21
N GLY A 145 5.80 27.89 -0.03
CA GLY A 145 4.95 26.74 -0.33
C GLY A 145 4.56 25.99 0.94
N TYR A 146 4.39 26.72 2.04
CA TYR A 146 4.25 26.11 3.34
C TYR A 146 2.82 25.68 3.49
N SER A 147 1.94 26.45 2.87
CA SER A 147 0.51 26.25 2.99
C SER A 147 -0.01 25.21 2.04
N VAL A 148 0.87 24.65 1.24
CA VAL A 148 0.55 23.59 0.31
C VAL A 148 1.17 22.28 0.80
N THR A 149 2.45 22.38 1.12
CA THR A 149 3.17 21.25 1.66
C THR A 149 2.70 20.92 3.10
N GLY A 150 2.16 21.91 3.81
CA GLY A 150 1.74 21.75 5.19
C GLY A 150 0.49 20.90 5.36
N VAL A 151 -0.31 20.78 4.31
CA VAL A 151 -1.54 20.01 4.39
C VAL A 151 -1.54 18.80 3.46
N ALA A 152 -0.62 18.73 2.50
CA ALA A 152 -0.54 17.53 1.65
C ALA A 152 -0.48 16.25 2.48
N PRO A 153 -1.53 15.40 2.42
CA PRO A 153 -1.47 13.99 2.90
C PRO A 153 -0.17 13.22 2.53
N ALA A 154 0.37 13.45 1.35
CA ALA A 154 1.63 12.78 0.98
C ALA A 154 2.84 13.27 1.79
N VAL A 155 2.81 14.53 2.25
CA VAL A 155 3.87 15.08 3.03
C VAL A 155 3.83 14.65 4.51
N ALA A 156 2.71 14.11 4.99
CA ALA A 156 2.71 13.60 6.33
C ALA A 156 3.63 12.38 6.46
N SER A 157 3.75 11.54 5.43
CA SER A 157 4.70 10.44 5.48
C SER A 157 6.07 10.96 5.13
N GLY A 158 6.15 11.62 3.95
CA GLY A 158 7.38 12.21 3.41
C GLY A 158 8.21 13.07 4.36
N ARG A 159 7.53 13.90 5.16
CA ARG A 159 8.17 14.69 6.24
C ARG A 159 8.82 13.86 7.33
N ILE A 160 8.20 12.73 7.68
CA ILE A 160 8.85 11.81 8.61
C ILE A 160 10.16 11.34 7.98
N SER A 161 10.15 11.01 6.70
CA SER A 161 11.35 10.47 6.09
C SER A 161 12.42 11.57 5.91
N TYR A 162 11.96 12.78 5.55
CA TYR A 162 12.91 13.87 5.36
C TYR A 162 13.62 14.22 6.66
N THR A 163 12.90 14.38 7.75
CA THR A 163 13.57 14.81 8.96
C THR A 163 14.31 13.67 9.63
N MET A 164 13.91 12.42 9.46
CA MET A 164 14.69 11.34 10.12
C MET A 164 15.71 10.66 9.20
N GLY A 165 15.97 11.16 7.99
CA GLY A 165 16.96 10.57 7.05
C GLY A 165 16.59 9.12 6.65
N LEU A 166 15.29 8.82 6.62
CA LEU A 166 14.81 7.44 6.32
C LEU A 166 14.68 7.27 4.83
N GLU A 167 14.94 6.09 4.28
CA GLU A 167 15.17 6.02 2.82
C GLU A 167 14.43 4.93 2.11
N GLY A 168 13.56 4.26 2.87
CA GLY A 168 12.59 3.39 2.23
C GLY A 168 11.37 4.10 1.69
N PRO A 169 10.45 3.33 1.14
CA PRO A 169 9.22 3.90 0.60
C PRO A 169 8.49 4.65 1.66
N SER A 170 8.00 5.85 1.36
CA SER A 170 7.03 6.41 2.29
C SER A 170 5.74 6.83 1.58
N ILE A 171 4.68 6.15 2.02
CA ILE A 171 3.39 6.02 1.35
C ILE A 171 2.30 6.55 2.29
N SER A 172 1.55 7.53 1.81
CA SER A 172 0.27 7.83 2.42
C SER A 172 -0.85 7.07 1.72
N VAL A 173 -1.82 6.59 2.48
CA VAL A 173 -2.80 5.61 2.04
C VAL A 173 -4.10 6.07 2.66
N ASP A 174 -5.12 6.15 1.84
CA ASP A 174 -6.48 6.52 2.32
C ASP A 174 -7.46 5.42 1.94
N THR A 175 -7.77 4.64 2.94
CA THR A 175 -8.76 3.62 2.74
C THR A 175 -9.89 3.88 3.71
N ALA A 176 -9.88 5.08 4.29
CA ALA A 176 -10.86 5.47 5.27
C ALA A 176 -10.57 4.78 6.60
N CYS A 177 -11.32 4.16 7.43
CA CYS A 177 -11.41 3.35 8.66
C CYS A 177 -10.57 2.11 8.41
N SER A 178 -10.21 1.82 7.22
CA SER A 178 -9.21 0.75 7.44
C SER A 178 -7.75 1.15 7.11
N SER A 179 -7.55 2.44 6.84
CA SER A 179 -6.23 2.94 6.37
C SER A 179 -5.04 2.40 7.14
N SER A 180 -5.10 2.36 8.45
CA SER A 180 -3.97 1.85 9.24
C SER A 180 -3.73 0.36 8.93
N LEU A 181 -4.79 -0.43 8.76
CA LEU A 181 -4.57 -1.85 8.68
C LEU A 181 -4.05 -2.15 7.29
N VAL A 182 -4.54 -1.43 6.27
CA VAL A 182 -3.95 -1.47 4.93
C VAL A 182 -2.49 -1.07 4.98
N ALA A 183 -2.24 0.07 5.62
CA ALA A 183 -0.89 0.53 5.83
C ALA A 183 -0.07 -0.65 6.36
N LEU A 184 -0.60 -1.35 7.35
CA LEU A 184 0.14 -2.46 7.97
C LEU A 184 0.47 -3.54 6.95
N HIS A 185 -0.55 -4.10 6.31
CA HIS A 185 -0.36 -5.02 5.22
C HIS A 185 0.74 -4.70 4.17
N LEU A 186 0.82 -3.42 3.79
CA LEU A 186 1.75 -3.02 2.80
C LEU A 186 3.13 -3.01 3.42
N ALA A 187 3.19 -2.59 4.68
CA ALA A 187 4.49 -2.55 5.35
C ALA A 187 5.07 -3.97 5.44
N VAL A 188 4.23 -4.90 5.86
CA VAL A 188 4.63 -6.29 6.09
C VAL A 188 5.19 -6.92 4.82
N GLU A 189 4.58 -6.58 3.67
CA GLU A 189 5.00 -7.01 2.36
C GLU A 189 6.37 -6.52 1.92
N SER A 190 6.61 -5.23 2.18
CA SER A 190 7.86 -4.57 1.95
C SER A 190 8.94 -5.09 2.90
N LEU A 191 8.56 -5.49 4.12
CA LEU A 191 9.55 -6.11 5.00
C LEU A 191 9.85 -7.52 4.50
N ARG A 192 8.80 -8.30 4.20
CA ARG A 192 8.91 -9.68 3.78
C ARG A 192 9.77 -9.79 2.55
N LYS A 193 9.81 -8.74 1.75
CA LYS A 193 10.58 -8.81 0.52
C LYS A 193 11.81 -7.95 0.56
N GLY A 194 12.20 -7.55 1.76
CA GLY A 194 13.46 -6.87 1.98
C GLY A 194 13.59 -5.49 1.41
N GLU A 195 12.49 -4.88 1.00
CA GLU A 195 12.52 -3.53 0.40
C GLU A 195 12.69 -2.40 1.44
N SER A 196 12.34 -2.71 2.68
CA SER A 196 12.54 -1.89 3.85
C SER A 196 13.19 -2.79 4.87
N SER A 197 14.01 -2.19 5.74
CA SER A 197 14.63 -2.88 6.86
C SER A 197 13.74 -2.73 8.10
N MET A 198 13.21 -1.54 8.30
CA MET A 198 12.23 -1.30 9.36
C MET A 198 11.11 -0.49 8.73
N ALA A 199 9.95 -0.44 9.40
CA ALA A 199 8.84 0.35 8.86
C ALA A 199 8.03 0.96 9.97
N VAL A 200 7.80 2.28 9.89
CA VAL A 200 6.90 3.01 10.78
C VAL A 200 5.48 2.92 10.17
N VAL A 201 4.52 2.50 10.98
CA VAL A 201 3.17 2.16 10.52
C VAL A 201 2.20 2.64 11.56
N GLY A 202 1.08 3.17 11.09
CA GLY A 202 0.12 3.79 11.92
C GLY A 202 -0.74 4.72 11.09
N GLY A 203 -1.37 5.67 11.77
CA GLY A 203 -2.18 6.65 11.11
C GLY A 203 -2.31 7.91 11.96
N ALA A 204 -2.87 8.95 11.36
CA ALA A 204 -3.16 10.15 12.08
C ALA A 204 -4.56 10.66 11.71
N ALA A 205 -5.32 11.11 12.71
CA ALA A 205 -6.55 11.89 12.53
C ALA A 205 -6.71 13.02 13.58
N VAL A 206 -6.72 14.27 13.09
CA VAL A 206 -7.02 15.44 13.88
C VAL A 206 -8.06 16.28 13.11
N MET A 207 -9.21 16.53 13.73
CA MET A 207 -10.29 17.29 13.11
C MET A 207 -10.03 18.76 13.35
N ALA A 208 -9.66 19.49 12.31
CA ALA A 208 -9.41 20.90 12.43
C ALA A 208 -10.75 21.65 12.48
N THR A 209 -11.74 21.14 11.72
CA THR A 209 -13.07 21.78 11.62
C THR A 209 -14.15 20.82 12.12
N PRO A 210 -15.28 21.35 12.57
CA PRO A 210 -16.30 20.41 13.03
C PRO A 210 -16.99 19.59 11.92
N GLY A 211 -16.50 19.71 10.70
CA GLY A 211 -17.13 19.16 9.48
C GLY A 211 -17.72 17.77 9.62
N VAL A 212 -17.00 16.81 10.17
CA VAL A 212 -17.55 15.45 10.18
C VAL A 212 -18.80 15.43 11.05
N PHE A 213 -18.77 16.20 12.14
CA PHE A 213 -19.88 16.28 13.07
C PHE A 213 -21.11 16.88 12.41
N VAL A 214 -20.92 17.92 11.60
CA VAL A 214 -22.03 18.51 10.84
C VAL A 214 -22.54 17.54 9.82
N ASP A 215 -21.61 16.93 9.11
CA ASP A 215 -21.89 15.94 8.09
C ASP A 215 -22.68 14.70 8.53
N PHE A 216 -22.12 13.94 9.47
CA PHE A 216 -22.80 12.77 9.96
C PHE A 216 -23.97 13.09 10.92
N SER A 217 -24.23 14.37 11.25
CA SER A 217 -25.50 14.70 11.93
C SER A 217 -26.62 14.69 10.91
N ARG A 218 -26.34 15.30 9.77
CA ARG A 218 -27.35 15.42 8.74
C ARG A 218 -27.87 14.06 8.27
N GLN A 219 -27.17 12.97 8.58
CA GLN A 219 -27.61 11.61 8.24
C GLN A 219 -28.02 10.80 9.47
N ARG A 220 -28.03 11.43 10.63
CA ARG A 220 -28.42 10.76 11.87
C ARG A 220 -27.51 9.56 12.13
N ALA A 221 -26.24 9.70 11.78
CA ALA A 221 -25.31 8.61 11.94
C ALA A 221 -24.66 8.68 13.32
N LEU A 222 -24.86 9.79 14.03
CA LEU A 222 -24.11 10.02 15.26
C LEU A 222 -24.82 9.54 16.52
N ALA A 223 -24.12 8.79 17.36
CA ALA A 223 -24.59 8.43 18.69
C ALA A 223 -24.88 9.73 19.43
N ALA A 224 -26.14 9.86 19.88
CA ALA A 224 -26.68 11.06 20.55
C ALA A 224 -25.74 11.41 21.69
N ASP A 225 -25.64 10.43 22.55
CA ASP A 225 -24.68 10.24 23.62
C ASP A 225 -23.21 10.50 23.22
N GLY A 226 -22.82 10.03 22.05
CA GLY A 226 -21.44 10.15 21.59
C GLY A 226 -20.60 8.96 22.05
N ARG A 227 -21.27 8.02 22.71
CA ARG A 227 -20.61 6.81 23.19
C ARG A 227 -20.75 5.76 22.12
N SER A 228 -19.63 5.16 21.74
CA SER A 228 -19.61 4.12 20.73
C SER A 228 -19.90 2.77 21.38
N LYS A 229 -21.19 2.45 21.47
CA LYS A 229 -21.68 1.28 22.16
C LYS A 229 -21.56 0.00 21.33
N ALA A 230 -20.32 -0.40 21.06
CA ALA A 230 -20.05 -1.55 20.18
C ALA A 230 -20.70 -2.85 20.70
N PHE A 231 -21.45 -3.49 19.83
CA PHE A 231 -22.23 -4.70 20.16
C PHE A 231 -23.19 -4.51 21.34
N GLY A 232 -23.63 -3.27 21.56
CA GLY A 232 -24.54 -2.98 22.65
C GLY A 232 -25.97 -2.87 22.20
N ALA A 233 -26.91 -3.10 23.12
CA ALA A 233 -28.33 -3.04 22.79
C ALA A 233 -28.73 -1.68 22.28
N GLY A 234 -28.01 -0.65 22.76
CA GLY A 234 -28.39 0.73 22.61
C GLY A 234 -27.50 1.46 21.63
N ALA A 235 -26.74 0.70 20.84
CA ALA A 235 -26.03 1.21 19.64
C ALA A 235 -26.85 2.18 18.75
N ASP A 236 -26.25 3.31 18.52
CA ASP A 236 -26.90 4.60 18.29
C ASP A 236 -26.25 5.24 17.07
N GLY A 237 -25.04 4.80 16.72
CA GLY A 237 -24.20 5.45 15.74
C GLY A 237 -22.77 5.69 16.19
N PHE A 238 -21.96 6.18 15.24
CA PHE A 238 -20.56 6.51 15.48
C PHE A 238 -20.37 7.47 16.65
N GLY A 239 -19.16 7.49 17.19
CA GLY A 239 -18.69 8.56 18.07
C GLY A 239 -17.25 8.85 17.62
N PHE A 240 -17.03 10.07 17.11
CA PHE A 240 -15.75 10.35 16.46
C PHE A 240 -14.75 10.89 17.42
N SER A 241 -13.47 10.68 17.08
CA SER A 241 -12.33 10.99 17.90
C SER A 241 -11.11 11.31 17.07
N GLU A 242 -10.11 11.87 17.74
CA GLU A 242 -8.83 12.09 17.08
C GLU A 242 -7.77 11.12 17.65
N GLY A 243 -6.88 10.63 16.81
CA GLY A 243 -5.73 9.91 17.29
C GLY A 243 -4.57 9.92 16.33
N VAL A 244 -3.38 9.69 16.87
CA VAL A 244 -2.18 9.53 16.06
C VAL A 244 -1.49 8.33 16.61
N THR A 245 -1.30 7.31 15.79
CA THR A 245 -0.84 6.04 16.35
C THR A 245 0.11 5.20 15.51
N LEU A 246 1.18 4.74 16.15
CA LEU A 246 2.23 4.14 15.36
C LEU A 246 2.73 2.88 16.01
N VAL A 247 3.25 1.97 15.23
CA VAL A 247 4.00 0.83 15.69
C VAL A 247 5.25 0.75 14.82
N LEU A 248 6.29 0.09 15.28
CA LEU A 248 7.51 -0.02 14.47
C LEU A 248 7.62 -1.47 14.13
N LEU A 249 7.57 -1.78 12.86
CA LEU A 249 7.71 -3.18 12.49
C LEU A 249 9.13 -3.52 12.03
N GLU A 250 9.40 -4.81 11.96
CA GLU A 250 10.63 -5.36 11.43
C GLU A 250 10.58 -6.87 11.55
N ARG A 251 11.35 -7.57 10.71
CA ARG A 251 11.21 -8.99 10.72
C ARG A 251 11.89 -9.65 11.94
N LEU A 252 11.25 -10.68 12.48
CA LEU A 252 11.73 -11.30 13.68
C LEU A 252 13.25 -11.41 13.70
N SER A 253 13.81 -11.90 12.60
CA SER A 253 15.25 -12.18 12.50
C SER A 253 16.14 -10.94 12.61
N GLU A 254 15.63 -9.79 12.19
CA GLU A 254 16.42 -8.59 12.25
C GLU A 254 16.41 -8.05 13.67
N ALA A 255 15.23 -8.06 14.26
CA ALA A 255 15.02 -7.65 15.61
C ALA A 255 15.85 -8.52 16.54
N ARG A 256 16.01 -9.79 16.22
CA ARG A 256 16.94 -10.62 17.00
C ARG A 256 18.39 -10.22 16.74
N ARG A 257 18.79 -10.04 15.49
CA ARG A 257 20.15 -9.52 15.20
C ARG A 257 20.50 -8.27 15.98
N ASN A 258 19.75 -7.18 15.79
CA ASN A 258 20.06 -5.94 16.48
C ASN A 258 19.74 -5.95 17.99
N GLY A 259 19.16 -7.03 18.50
CA GLY A 259 18.78 -7.05 19.93
C GLY A 259 17.60 -6.15 20.30
N HIS A 260 16.69 -5.94 19.35
CA HIS A 260 15.43 -5.25 19.60
C HIS A 260 14.44 -6.14 20.27
N GLU A 261 13.85 -5.66 21.37
CA GLU A 261 12.77 -6.38 22.06
C GLU A 261 11.53 -6.47 21.18
N VAL A 262 11.01 -7.68 21.05
CA VAL A 262 9.85 -8.07 20.26
C VAL A 262 8.56 -8.10 21.14
N LEU A 263 7.60 -7.26 20.82
CA LEU A 263 6.44 -7.13 21.68
C LEU A 263 5.38 -8.16 21.31
N ALA A 264 5.36 -8.53 20.03
CA ALA A 264 4.32 -9.33 19.46
C ALA A 264 4.73 -9.59 18.02
N VAL A 265 3.89 -10.34 17.32
CA VAL A 265 4.23 -10.78 16.01
C VAL A 265 3.05 -10.67 15.09
N VAL A 266 3.28 -10.20 13.88
CA VAL A 266 2.18 -10.11 12.93
C VAL A 266 2.27 -11.41 12.19
N ARG A 267 1.30 -12.26 12.44
CA ARG A 267 1.34 -13.60 11.89
C ARG A 267 0.81 -13.59 10.47
N GLY A 268 -0.37 -13.00 10.30
CA GLY A 268 -1.16 -13.15 9.11
C GLY A 268 -2.11 -11.98 8.98
N SER A 269 -2.65 -11.84 7.77
CA SER A 269 -3.10 -10.54 7.29
C SER A 269 -3.83 -10.61 5.92
N ALA A 270 -5.00 -10.02 5.78
CA ALA A 270 -5.64 -9.99 4.47
C ALA A 270 -6.50 -8.78 4.23
N LEU A 271 -6.65 -8.41 2.97
CA LEU A 271 -7.40 -7.24 2.57
C LEU A 271 -8.46 -7.66 1.56
N ASN A 272 -9.67 -7.14 1.58
CA ASN A 272 -10.60 -7.35 0.46
C ASN A 272 -11.61 -6.23 0.33
N GLN A 273 -12.65 -6.47 -0.47
CA GLN A 273 -13.66 -5.47 -0.70
C GLN A 273 -15.07 -6.02 -0.60
N ASP A 274 -16.02 -5.19 -0.12
CA ASP A 274 -17.42 -5.57 -0.10
C ASP A 274 -17.89 -5.92 -1.49
N GLY A 275 -17.33 -5.22 -2.49
CA GLY A 275 -17.86 -5.23 -3.85
C GLY A 275 -19.25 -4.65 -3.94
N ALA A 276 -20.12 -5.26 -4.75
CA ALA A 276 -21.49 -4.80 -4.94
C ALA A 276 -22.38 -5.37 -3.85
N SER A 277 -22.54 -4.58 -2.82
CA SER A 277 -23.28 -4.92 -1.62
C SER A 277 -24.53 -4.06 -1.62
N ASN A 278 -25.04 -3.72 -0.45
CA ASN A 278 -26.31 -3.02 -0.31
C ASN A 278 -26.21 -1.52 -0.49
N GLY A 279 -25.02 -1.00 -0.72
CA GLY A 279 -24.90 0.45 -0.82
C GLY A 279 -23.49 0.86 -0.53
N LEU A 280 -23.03 1.87 -1.26
CA LEU A 280 -21.65 2.28 -1.22
C LEU A 280 -21.07 2.26 0.21
N SER A 281 -21.73 2.87 1.19
CA SER A 281 -21.10 2.95 2.50
C SER A 281 -21.59 1.86 3.48
N ALA A 282 -22.22 0.83 2.96
CA ALA A 282 -22.79 -0.22 3.80
C ALA A 282 -21.89 -1.46 3.92
N PRO A 283 -21.81 -2.04 5.15
CA PRO A 283 -20.94 -3.20 5.44
C PRO A 283 -21.47 -4.52 4.84
N SER A 284 -20.57 -5.40 4.40
CA SER A 284 -20.99 -6.68 3.82
C SER A 284 -20.56 -7.90 4.65
N GLY A 285 -21.54 -8.66 5.14
CA GLY A 285 -21.29 -9.87 5.92
C GLY A 285 -20.47 -10.89 5.15
N PRO A 286 -20.98 -11.38 3.99
CA PRO A 286 -20.15 -12.25 3.11
C PRO A 286 -18.73 -11.75 2.95
N ALA A 287 -18.54 -10.45 2.70
CA ALA A 287 -17.17 -9.88 2.57
C ALA A 287 -16.34 -10.00 3.87
N GLN A 288 -17.00 -9.81 5.02
CA GLN A 288 -16.36 -10.01 6.33
C GLN A 288 -15.97 -11.45 6.54
N ARG A 289 -16.86 -12.37 6.17
CA ARG A 289 -16.52 -13.81 6.28
C ARG A 289 -15.27 -14.14 5.46
N ARG A 290 -15.25 -13.81 4.16
CA ARG A 290 -14.13 -14.11 3.28
C ARG A 290 -12.78 -13.47 3.72
N VAL A 291 -12.82 -12.30 4.35
CA VAL A 291 -11.60 -11.61 4.71
C VAL A 291 -10.98 -12.29 5.93
N ILE A 292 -11.83 -12.71 6.86
CA ILE A 292 -11.39 -13.52 7.98
C ILE A 292 -10.69 -14.78 7.49
N ARG A 293 -11.35 -15.52 6.58
CA ARG A 293 -10.85 -16.81 6.13
C ARG A 293 -9.57 -16.74 5.27
N GLN A 294 -9.32 -15.56 4.69
CA GLN A 294 -8.11 -15.33 3.90
C GLN A 294 -6.96 -15.01 4.86
N ALA A 295 -7.26 -14.25 5.90
CA ALA A 295 -6.31 -14.05 7.00
C ALA A 295 -5.78 -15.39 7.46
N LEU A 296 -6.71 -16.24 7.91
CA LEU A 296 -6.34 -17.55 8.48
C LEU A 296 -5.55 -18.40 7.50
N GLU A 297 -6.01 -18.43 6.26
CA GLU A 297 -5.44 -19.34 5.27
C GLU A 297 -4.09 -18.91 4.76
N SER A 298 -3.80 -17.62 4.76
CA SER A 298 -2.50 -17.11 4.29
C SER A 298 -1.41 -17.24 5.32
N CYS A 299 -1.75 -17.52 6.58
CA CYS A 299 -0.68 -17.75 7.58
C CYS A 299 -0.58 -19.17 8.11
N GLY A 300 -1.35 -20.09 7.50
CA GLY A 300 -1.39 -21.47 7.95
C GLY A 300 -2.14 -21.76 9.25
N LEU A 301 -3.10 -20.91 9.62
CA LEU A 301 -3.84 -21.11 10.84
C LEU A 301 -5.21 -21.62 10.52
N GLU A 302 -5.88 -22.03 11.58
CA GLU A 302 -7.26 -22.40 11.57
C GLU A 302 -8.03 -21.56 12.58
N PRO A 303 -9.34 -21.38 12.37
CA PRO A 303 -10.11 -20.48 13.22
C PRO A 303 -9.93 -20.78 14.72
N GLY A 304 -10.01 -22.05 15.11
CA GLY A 304 -9.83 -22.44 16.48
C GLY A 304 -8.49 -22.06 17.10
N ASP A 305 -7.54 -21.57 16.30
CA ASP A 305 -6.26 -21.15 16.83
C ASP A 305 -6.22 -19.69 17.32
N VAL A 306 -7.38 -19.00 17.35
CA VAL A 306 -7.49 -17.57 17.76
C VAL A 306 -8.36 -17.35 19.01
N ASP A 307 -7.90 -16.49 19.92
CA ASP A 307 -8.51 -16.39 21.27
C ASP A 307 -9.50 -15.22 21.40
N ALA A 308 -9.25 -14.16 20.64
CA ALA A 308 -9.96 -12.89 20.80
C ALA A 308 -10.06 -12.10 19.49
N VAL A 309 -11.09 -11.28 19.38
CA VAL A 309 -11.13 -10.37 18.28
C VAL A 309 -11.38 -8.94 18.71
N GLU A 310 -10.47 -8.07 18.27
CA GLU A 310 -10.64 -6.65 18.41
C GLU A 310 -11.42 -6.10 17.21
N ALA A 311 -12.69 -5.84 17.45
CA ALA A 311 -13.59 -5.62 16.34
C ALA A 311 -13.44 -4.25 15.73
N HIS A 312 -13.86 -4.12 14.49
CA HIS A 312 -14.12 -2.81 13.96
C HIS A 312 -15.07 -2.02 14.90
N GLY A 313 -15.98 -2.76 15.54
CA GLY A 313 -16.91 -2.26 16.55
C GLY A 313 -17.17 -0.78 16.61
N THR A 314 -17.97 -0.27 15.68
CA THR A 314 -18.20 1.17 15.64
C THR A 314 -19.38 1.61 16.45
N GLY A 315 -20.23 0.67 16.84
CA GLY A 315 -21.39 0.97 17.69
C GLY A 315 -22.58 1.43 16.87
N THR A 316 -22.57 1.10 15.58
CA THR A 316 -23.68 1.35 14.68
C THR A 316 -24.79 0.30 14.87
N ALA A 317 -26.05 0.72 14.89
CA ALA A 317 -27.18 -0.22 14.99
C ALA A 317 -27.17 -1.26 13.85
N LEU A 318 -26.79 -0.83 12.63
CA LEU A 318 -26.75 -1.73 11.49
C LEU A 318 -25.45 -2.52 11.21
N GLY A 319 -24.32 -2.09 11.74
CA GLY A 319 -23.06 -2.73 11.41
C GLY A 319 -22.61 -3.83 12.35
N ASP A 320 -22.87 -3.69 13.65
CA ASP A 320 -22.39 -4.66 14.66
C ASP A 320 -22.90 -6.10 14.49
N PRO A 321 -24.22 -6.27 14.32
CA PRO A 321 -24.77 -7.61 14.10
C PRO A 321 -24.15 -8.25 12.87
N ILE A 322 -24.03 -7.49 11.78
CA ILE A 322 -23.35 -7.96 10.59
C ILE A 322 -21.93 -8.42 10.96
N GLU A 323 -21.20 -7.57 11.66
CA GLU A 323 -19.87 -7.89 12.09
C GLU A 323 -19.86 -9.15 12.99
N ALA A 324 -20.76 -9.18 13.95
CA ALA A 324 -20.74 -10.25 14.95
C ALA A 324 -21.16 -11.57 14.31
N ASN A 325 -22.12 -11.52 13.38
CA ASN A 325 -22.55 -12.73 12.71
C ASN A 325 -21.46 -13.28 11.79
N ALA A 326 -20.61 -12.40 11.27
CA ALA A 326 -19.51 -12.85 10.47
C ALA A 326 -18.57 -13.66 11.37
N LEU A 327 -18.22 -13.10 12.53
CA LEU A 327 -17.46 -13.80 13.56
C LEU A 327 -18.14 -15.10 13.93
N LEU A 328 -19.39 -15.00 14.38
CA LEU A 328 -20.21 -16.17 14.70
C LEU A 328 -20.34 -17.15 13.57
N ASP A 329 -20.03 -16.74 12.35
CA ASP A 329 -20.07 -17.69 11.22
C ASP A 329 -18.70 -18.30 10.82
N THR A 330 -17.60 -17.72 11.30
CA THR A 330 -16.27 -18.26 11.00
C THR A 330 -15.54 -18.77 12.24
N TYR A 331 -15.35 -17.92 13.23
CA TYR A 331 -14.64 -18.32 14.44
C TYR A 331 -15.49 -19.18 15.37
N GLY A 332 -16.72 -18.78 15.59
CA GLY A 332 -17.64 -19.66 16.25
C GLY A 332 -18.35 -20.34 15.11
N ARG A 333 -18.56 -21.63 15.27
CA ARG A 333 -19.29 -22.40 14.29
C ARG A 333 -19.05 -23.80 14.80
N ASP A 334 -17.82 -24.25 14.61
CA ASP A 334 -17.21 -25.20 15.50
C ASP A 334 -16.48 -24.27 16.42
N ARG A 335 -16.36 -24.65 17.68
CA ARG A 335 -15.58 -23.91 18.67
C ARG A 335 -15.71 -24.91 19.77
N ASP A 336 -14.79 -24.92 20.73
CA ASP A 336 -15.16 -25.60 21.98
C ASP A 336 -16.10 -24.70 22.77
N ALA A 337 -17.26 -25.27 23.11
CA ALA A 337 -17.88 -24.86 24.32
C ALA A 337 -16.67 -24.99 25.26
N ASP A 338 -16.26 -23.87 25.88
CA ASP A 338 -15.17 -23.82 26.87
C ASP A 338 -14.07 -22.80 26.62
N ARG A 339 -13.65 -22.66 25.36
CA ARG A 339 -12.72 -21.61 24.93
C ARG A 339 -13.32 -20.81 23.79
N PRO A 340 -14.27 -19.94 24.10
CA PRO A 340 -14.92 -19.28 23.00
C PRO A 340 -14.14 -18.02 22.58
N LEU A 341 -14.52 -17.48 21.44
CA LEU A 341 -13.85 -16.33 20.96
C LEU A 341 -14.29 -15.12 21.80
N TRP A 342 -13.29 -14.46 22.42
CA TRP A 342 -13.54 -13.21 23.15
C TRP A 342 -13.59 -12.10 22.15
N LEU A 343 -14.62 -11.28 22.28
CA LEU A 343 -14.87 -10.14 21.42
C LEU A 343 -14.96 -8.82 22.19
N GLY A 344 -14.27 -7.80 21.73
CA GLY A 344 -14.47 -6.47 22.29
C GLY A 344 -14.06 -5.49 21.25
N SER A 345 -14.21 -4.19 21.54
CA SER A 345 -13.83 -3.06 20.64
C SER A 345 -13.26 -1.85 21.42
N VAL A 346 -12.01 -1.45 21.20
CA VAL A 346 -11.44 -0.21 21.80
C VAL A 346 -12.30 1.05 21.72
N LYS A 347 -13.20 1.09 20.77
CA LYS A 347 -13.99 2.28 20.55
C LYS A 347 -15.03 2.52 21.60
N SER A 348 -15.34 1.48 22.36
CA SER A 348 -16.16 1.62 23.53
C SER A 348 -15.41 2.55 24.49
N ASN A 349 -14.10 2.37 24.56
CA ASN A 349 -13.25 3.15 25.42
C ASN A 349 -12.99 4.56 24.90
N ILE A 350 -12.63 4.66 23.62
CA ILE A 350 -12.01 5.87 23.11
C ILE A 350 -12.59 6.42 21.84
N GLY A 351 -13.69 5.85 21.36
CA GLY A 351 -14.25 6.34 20.12
C GLY A 351 -13.55 5.90 18.84
N HIS A 352 -14.25 6.15 17.73
CA HIS A 352 -13.70 5.96 16.39
C HIS A 352 -12.69 7.07 16.08
N THR A 353 -11.44 6.67 16.10
CA THR A 353 -10.30 7.53 15.84
C THR A 353 -9.92 7.59 14.34
N GLN A 354 -10.63 6.80 13.52
CA GLN A 354 -10.69 7.05 12.09
C GLN A 354 -9.49 6.43 11.34
N ALA A 355 -8.75 7.23 10.55
CA ALA A 355 -7.54 6.66 9.93
C ALA A 355 -6.74 5.80 10.94
N ALA A 356 -6.71 6.22 12.22
CA ALA A 356 -5.86 5.56 13.21
C ALA A 356 -6.55 4.39 13.89
N ALA A 357 -7.77 4.05 13.46
CA ALA A 357 -8.57 3.18 14.31
C ALA A 357 -7.91 1.81 14.37
N GLY A 358 -7.39 1.34 13.22
CA GLY A 358 -6.88 0.01 13.09
C GLY A 358 -5.63 -0.24 13.90
N VAL A 359 -4.58 0.52 13.62
CA VAL A 359 -3.41 0.49 14.53
C VAL A 359 -3.74 0.71 16.00
N THR A 360 -4.73 1.56 16.34
CA THR A 360 -5.07 1.65 17.77
C THR A 360 -5.67 0.35 18.39
N GLY A 361 -6.61 -0.27 17.68
CA GLY A 361 -6.98 -1.63 18.00
C GLY A 361 -5.75 -2.53 18.12
N LEU A 362 -4.86 -2.40 17.18
CA LEU A 362 -3.68 -3.20 17.25
C LEU A 362 -2.92 -2.92 18.58
N LEU A 363 -2.95 -1.67 19.05
CA LEU A 363 -2.16 -1.33 20.25
C LEU A 363 -2.76 -1.98 21.43
N LYS A 364 -4.08 -1.84 21.55
CA LYS A 364 -4.87 -2.63 22.46
C LYS A 364 -4.44 -4.08 22.51
N VAL A 365 -4.39 -4.73 21.36
CA VAL A 365 -4.12 -6.19 21.32
C VAL A 365 -2.77 -6.55 21.91
N VAL A 366 -1.76 -5.75 21.58
CA VAL A 366 -0.40 -5.99 22.04
C VAL A 366 -0.24 -5.72 23.52
N LEU A 367 -0.91 -4.68 24.02
CA LEU A 367 -0.74 -4.31 25.41
C LEU A 367 -1.38 -5.43 26.17
N ALA A 368 -2.40 -6.01 25.54
CA ALA A 368 -3.10 -7.14 26.15
C ALA A 368 -2.15 -8.34 26.14
N LEU A 369 -1.38 -8.45 25.08
CA LEU A 369 -0.38 -9.50 25.08
C LEU A 369 0.65 -9.27 26.19
N ARG A 370 1.22 -8.07 26.30
CA ARG A 370 2.22 -7.81 27.34
C ARG A 370 1.75 -7.95 28.78
N ASN A 371 0.47 -7.76 29.03
CA ASN A 371 0.02 -7.71 30.43
C ASN A 371 -0.70 -8.95 30.82
N GLY A 372 -0.89 -9.86 29.88
CA GLY A 372 -1.45 -11.15 30.21
C GLY A 372 -2.94 -11.05 30.46
N GLU A 373 -3.56 -10.00 29.97
CA GLU A 373 -5.02 -10.02 30.03
C GLU A 373 -5.71 -9.31 28.90
N LEU A 374 -6.96 -9.71 28.67
CA LEU A 374 -7.86 -9.04 27.73
C LEU A 374 -8.76 -8.10 28.50
N PRO A 375 -8.72 -6.81 28.13
CA PRO A 375 -9.58 -5.80 28.82
C PRO A 375 -11.05 -5.86 28.39
N ALA A 376 -11.92 -5.37 29.27
CA ALA A 376 -13.34 -5.40 29.09
C ALA A 376 -13.69 -4.43 27.98
N THR A 377 -14.76 -4.76 27.25
CA THR A 377 -15.42 -3.82 26.35
C THR A 377 -16.63 -3.23 27.07
N LEU A 378 -17.02 -2.03 26.68
CA LEU A 378 -17.95 -1.25 27.44
C LEU A 378 -19.30 -1.13 26.74
N HIS A 379 -20.31 -0.70 27.48
CA HIS A 379 -21.66 -0.47 26.99
C HIS A 379 -22.35 -1.75 26.50
N VAL A 380 -22.02 -2.85 27.16
CA VAL A 380 -22.63 -4.15 26.89
C VAL A 380 -23.40 -4.75 28.06
N GLU A 381 -23.89 -3.92 28.99
CA GLU A 381 -24.89 -4.37 29.99
C GLU A 381 -25.94 -5.30 29.38
N GLU A 382 -26.55 -4.89 28.28
CA GLU A 382 -27.31 -5.79 27.44
C GLU A 382 -26.75 -5.82 26.01
N PRO A 383 -26.22 -7.00 25.57
CA PRO A 383 -25.78 -7.26 24.21
C PRO A 383 -26.95 -7.09 23.30
N THR A 384 -26.70 -6.70 22.07
CA THR A 384 -27.77 -6.50 21.12
C THR A 384 -28.46 -7.84 20.87
N PRO A 385 -29.80 -7.82 20.73
CA PRO A 385 -30.57 -9.03 20.50
C PRO A 385 -30.61 -9.47 19.03
N HIS A 386 -30.22 -8.60 18.11
CA HIS A 386 -30.14 -8.94 16.67
C HIS A 386 -29.01 -9.93 16.37
N VAL A 387 -28.30 -10.36 17.42
CA VAL A 387 -27.24 -11.36 17.31
C VAL A 387 -27.62 -12.50 18.24
N ASP A 388 -26.96 -13.64 18.07
CA ASP A 388 -27.31 -14.88 18.69
C ASP A 388 -26.13 -15.41 19.52
N TRP A 389 -25.84 -14.69 20.60
CA TRP A 389 -24.80 -15.05 21.56
C TRP A 389 -25.16 -16.31 22.33
N SER A 390 -26.47 -16.52 22.47
CA SER A 390 -27.10 -17.77 22.91
C SER A 390 -26.20 -18.99 22.77
N SER A 391 -26.24 -19.63 21.59
CA SER A 391 -25.55 -20.90 21.38
C SER A 391 -24.20 -20.76 20.66
N GLY A 392 -23.13 -20.66 21.43
CA GLY A 392 -21.80 -20.85 20.85
C GLY A 392 -20.67 -19.82 20.95
N GLY A 393 -19.98 -19.67 19.83
CA GLY A 393 -18.57 -19.30 19.84
C GLY A 393 -18.16 -17.93 20.31
N VAL A 394 -19.07 -16.97 20.28
CA VAL A 394 -18.64 -15.63 20.54
C VAL A 394 -19.17 -15.08 21.85
N ALA A 395 -18.24 -14.54 22.63
CA ALA A 395 -18.51 -14.14 23.99
C ALA A 395 -17.88 -12.79 24.05
N LEU A 396 -18.70 -11.82 24.41
CA LEU A 396 -18.30 -10.44 24.51
C LEU A 396 -17.46 -10.30 25.79
N LEU A 397 -16.42 -9.50 25.72
CA LEU A 397 -15.62 -9.22 26.89
C LEU A 397 -16.40 -8.33 27.88
N ALA A 398 -17.37 -8.94 28.53
CA ALA A 398 -18.15 -8.22 29.56
C ALA A 398 -17.28 -7.71 30.71
N GLY A 399 -16.22 -8.45 31.04
CA GLY A 399 -15.28 -8.04 32.05
C GLY A 399 -13.88 -8.43 31.64
N ASN A 400 -12.89 -7.88 32.32
CA ASN A 400 -11.51 -8.24 32.01
C ASN A 400 -11.40 -9.78 32.10
N GLN A 401 -10.57 -10.37 31.25
CA GLN A 401 -10.25 -11.82 31.33
C GLN A 401 -8.73 -12.01 31.32
N PRO A 402 -8.17 -12.87 32.22
CA PRO A 402 -6.77 -13.35 32.05
C PRO A 402 -6.44 -13.96 30.69
N TRP A 403 -5.25 -13.65 30.18
CA TRP A 403 -4.80 -14.10 28.87
C TRP A 403 -3.27 -14.21 28.90
N ARG A 404 -2.80 -15.29 29.53
CA ARG A 404 -1.39 -15.45 29.87
C ARG A 404 -0.66 -16.42 29.00
N ARG A 405 0.63 -16.16 28.80
CA ARG A 405 1.58 -17.11 28.22
C ARG A 405 1.29 -18.51 28.73
N GLY A 406 1.49 -19.52 27.89
CA GLY A 406 1.61 -20.86 28.43
C GLY A 406 1.28 -21.96 27.47
N GLU A 407 0.07 -22.47 27.61
CA GLU A 407 -0.42 -23.65 26.92
C GLU A 407 -0.45 -23.43 25.39
N ARG A 408 -1.61 -23.00 24.90
CA ARG A 408 -1.76 -22.72 23.49
C ARG A 408 -1.07 -21.39 23.22
N THR A 409 -0.60 -21.20 22.00
CA THR A 409 0.02 -19.91 21.64
C THR A 409 -1.10 -18.86 21.74
N ARG A 410 -0.81 -17.66 22.27
CA ARG A 410 -1.84 -16.62 22.29
C ARG A 410 -1.85 -15.91 20.95
N ARG A 411 -3.05 -15.86 20.37
CA ARG A 411 -3.33 -15.11 19.15
C ARG A 411 -4.66 -14.36 19.24
N ALA A 412 -4.65 -13.14 18.72
CA ALA A 412 -5.84 -12.34 18.56
C ALA A 412 -5.87 -11.61 17.19
N ALA A 413 -7.06 -11.30 16.70
CA ALA A 413 -7.23 -10.56 15.47
C ALA A 413 -7.79 -9.13 15.68
N VAL A 414 -7.48 -8.22 14.77
CA VAL A 414 -7.96 -6.85 14.83
C VAL A 414 -8.61 -6.74 13.51
N SER A 415 -9.86 -6.31 13.48
CA SER A 415 -10.46 -6.13 12.18
C SER A 415 -10.77 -4.65 11.89
N ALA A 416 -10.77 -4.24 10.63
CA ALA A 416 -11.07 -2.84 10.32
C ALA A 416 -11.77 -2.74 8.97
N PHE A 417 -12.84 -1.93 8.90
CA PHE A 417 -13.70 -1.88 7.71
C PHE A 417 -14.09 -0.48 7.27
N GLY A 418 -13.45 0.04 6.27
CA GLY A 418 -13.83 1.36 5.81
C GLY A 418 -15.18 1.56 5.10
N ILE A 419 -15.70 2.80 5.14
CA ILE A 419 -16.93 3.15 4.42
C ILE A 419 -16.76 3.07 2.92
N SER A 420 -15.53 2.90 2.43
CA SER A 420 -15.29 2.76 0.99
C SER A 420 -15.37 1.29 0.53
N GLY A 421 -15.61 0.42 1.52
CA GLY A 421 -15.75 -1.02 1.37
C GLY A 421 -14.50 -1.87 1.37
N THR A 422 -13.33 -1.25 1.57
CA THR A 422 -12.10 -2.01 1.65
C THR A 422 -11.94 -2.51 3.09
N ASN A 423 -11.77 -3.84 3.25
CA ASN A 423 -11.72 -4.54 4.56
C ASN A 423 -10.38 -5.15 4.94
N ALA A 424 -10.17 -5.33 6.24
CA ALA A 424 -8.86 -5.72 6.75
C ALA A 424 -8.98 -6.64 7.92
N HIS A 425 -8.29 -7.75 7.87
CA HIS A 425 -8.25 -8.63 9.03
C HIS A 425 -6.80 -9.03 9.21
N VAL A 426 -6.29 -8.83 10.43
CA VAL A 426 -4.90 -9.02 10.72
C VAL A 426 -4.81 -9.85 11.99
N ILE A 427 -3.90 -10.84 11.97
CA ILE A 427 -3.68 -11.75 13.08
C ILE A 427 -2.36 -11.48 13.79
N VAL A 428 -2.47 -11.23 15.08
CA VAL A 428 -1.37 -10.80 15.90
C VAL A 428 -1.14 -11.96 16.81
N GLU A 429 0.11 -12.32 17.02
CA GLU A 429 0.49 -13.42 17.89
C GLU A 429 1.46 -12.87 18.94
N GLU A 430 1.45 -13.45 20.13
CA GLU A 430 2.47 -13.17 21.15
C GLU A 430 3.91 -13.35 20.66
N ALA A 431 4.82 -12.65 21.31
CA ALA A 431 6.24 -12.81 21.04
C ALA A 431 6.67 -14.23 21.29
N PRO A 432 7.72 -14.67 20.61
CA PRO A 432 8.19 -15.98 21.04
C PRO A 432 8.91 -15.94 22.41
N GLU A 433 9.05 -17.11 22.99
CA GLU A 433 9.88 -17.36 24.19
C GLU A 433 10.92 -16.29 24.52
N HIS A 442 24.96 -6.71 39.85
CA HIS A 442 24.90 -5.32 39.41
C HIS A 442 26.25 -4.63 39.54
N ASP A 443 26.29 -3.31 39.39
CA ASP A 443 27.47 -2.53 39.81
C ASP A 443 27.64 -2.46 41.37
N GLY A 444 28.66 -1.76 41.86
CA GLY A 444 28.67 -1.13 43.20
C GLY A 444 29.31 0.18 42.75
N ARG A 445 30.39 -0.05 41.99
CA ARG A 445 30.90 0.68 40.85
C ARG A 445 30.23 1.98 40.35
N PRO A 446 31.02 2.92 39.79
CA PRO A 446 30.49 4.16 39.16
C PRO A 446 29.63 4.00 37.87
N VAL A 447 28.61 4.85 37.78
CA VAL A 447 27.66 4.89 36.66
C VAL A 447 27.61 6.29 36.05
N PRO A 448 28.00 6.42 34.79
CA PRO A 448 27.83 7.64 34.03
C PRO A 448 26.43 7.81 33.44
N LEU A 449 25.84 8.96 33.70
CA LEU A 449 24.55 9.34 33.19
C LEU A 449 24.71 10.53 32.26
N VAL A 450 24.72 10.29 30.97
CA VAL A 450 24.65 11.40 30.03
C VAL A 450 23.19 11.75 29.66
N VAL A 451 22.85 13.04 29.77
CA VAL A 451 21.63 13.59 29.19
C VAL A 451 21.97 14.63 28.10
N SER A 452 21.14 14.73 27.07
CA SER A 452 21.30 15.77 26.06
C SER A 452 19.96 16.24 25.50
N ALA A 453 19.92 17.46 24.96
CA ALA A 453 18.72 17.92 24.27
C ALA A 453 19.05 19.03 23.27
N ARG A 454 18.04 19.47 22.52
CA ARG A 454 18.27 20.52 21.50
C ARG A 454 18.26 21.97 22.04
N SER A 455 17.59 22.23 23.17
CA SER A 455 17.72 23.52 23.85
C SER A 455 18.01 23.33 25.34
N THR A 456 18.40 24.41 26.02
CA THR A 456 18.72 24.36 27.46
C THR A 456 17.49 24.16 28.31
N ALA A 457 16.36 24.70 27.86
CA ALA A 457 15.10 24.48 28.55
C ALA A 457 14.84 22.99 28.51
N ALA A 458 15.13 22.38 27.37
CA ALA A 458 14.89 20.97 27.18
C ALA A 458 15.87 20.10 27.95
N LEU A 459 17.08 20.60 28.20
CA LEU A 459 18.03 19.78 28.99
C LEU A 459 17.60 19.73 30.43
N ARG A 460 17.26 20.89 30.97
CA ARG A 460 16.69 20.99 32.28
C ARG A 460 15.47 20.04 32.45
N ALA A 461 14.58 19.99 31.46
CA ALA A 461 13.46 19.03 31.51
C ALA A 461 13.88 17.57 31.49
N GLN A 462 14.79 17.19 30.62
CA GLN A 462 15.25 15.82 30.54
C GLN A 462 15.96 15.35 31.80
N ALA A 463 16.73 16.24 32.39
CA ALA A 463 17.41 15.98 33.65
C ALA A 463 16.31 15.79 34.65
N ALA A 464 15.33 16.69 34.60
CA ALA A 464 14.26 16.66 35.56
C ALA A 464 13.58 15.31 35.49
N GLN A 465 13.36 14.80 34.28
CA GLN A 465 12.47 13.68 34.22
C GLN A 465 13.20 12.42 34.56
N ILE A 466 14.49 12.40 34.30
CA ILE A 466 15.34 11.31 34.73
C ILE A 466 15.61 11.27 36.23
N ALA A 467 15.65 12.43 36.87
CA ALA A 467 15.77 12.46 38.30
C ALA A 467 14.52 11.80 38.82
N GLU A 468 13.34 12.12 38.27
CA GLU A 468 12.09 11.49 38.76
C GLU A 468 12.18 9.99 38.58
N LEU A 469 12.74 9.54 37.45
CA LEU A 469 12.79 8.13 37.17
C LEU A 469 13.59 7.43 38.23
N LEU A 470 14.68 8.06 38.60
CA LEU A 470 15.58 7.54 39.60
C LEU A 470 15.09 7.57 41.04
N GLU A 471 13.94 8.17 41.33
CA GLU A 471 13.42 7.98 42.68
C GLU A 471 12.56 6.73 42.76
N ARG A 472 11.78 6.45 41.73
CA ARG A 472 10.92 5.28 41.79
C ARG A 472 11.68 4.19 42.54
N PRO A 473 11.11 3.66 43.64
CA PRO A 473 11.81 2.55 44.25
C PRO A 473 11.97 1.51 43.15
N ASP A 474 13.09 0.80 43.13
CA ASP A 474 13.45 -0.05 41.97
C ASP A 474 14.57 0.67 41.21
N ALA A 475 14.22 1.69 40.41
CA ALA A 475 15.21 2.44 39.69
C ALA A 475 16.10 1.49 38.88
N ASP A 476 17.32 1.27 39.36
CA ASP A 476 18.44 0.64 38.59
C ASP A 476 19.28 1.72 37.91
N LEU A 477 20.37 2.08 38.58
CA LEU A 477 21.27 3.12 38.12
C LEU A 477 21.88 2.77 36.80
N ALA A 478 22.50 1.58 36.74
CA ALA A 478 23.32 1.14 35.59
C ALA A 478 22.46 0.85 34.36
N GLY A 479 21.29 0.30 34.59
CA GLY A 479 20.27 0.22 33.56
C GLY A 479 19.93 1.55 32.88
N VAL A 480 19.61 2.55 33.69
CA VAL A 480 19.25 3.88 33.21
C VAL A 480 20.49 4.46 32.51
N GLY A 481 21.63 4.39 33.19
CA GLY A 481 22.87 4.66 32.53
C GLY A 481 22.99 3.96 31.18
N LEU A 482 22.72 2.66 31.12
CA LEU A 482 23.03 1.90 29.90
C LEU A 482 22.11 2.40 28.83
N GLY A 483 20.92 2.81 29.22
CA GLY A 483 19.92 3.21 28.26
C GLY A 483 20.05 4.65 27.83
N LEU A 484 20.57 5.50 28.70
CA LEU A 484 20.78 6.87 28.31
C LEU A 484 21.91 6.94 27.30
N ALA A 485 22.80 5.96 27.38
CA ALA A 485 24.04 6.01 26.65
C ALA A 485 23.93 5.35 25.29
N THR A 486 23.10 4.30 25.19
CA THR A 486 22.98 3.49 23.98
C THR A 486 21.63 3.61 23.25
N THR A 487 20.82 4.57 23.64
CA THR A 487 19.40 4.47 23.34
C THR A 487 18.79 5.81 22.91
N ARG A 488 19.55 6.88 23.09
CA ARG A 488 19.13 8.24 22.89
C ARG A 488 20.11 8.98 22.00
N ALA A 489 19.58 9.76 21.06
CA ALA A 489 20.40 10.71 20.29
C ALA A 489 21.28 11.51 21.23
N ARG A 490 22.51 11.79 20.83
CA ARG A 490 23.28 12.80 21.52
C ARG A 490 23.16 14.16 20.89
N HIS A 491 22.42 15.05 21.53
CA HIS A 491 22.18 16.37 20.95
C HIS A 491 23.22 17.41 21.33
N GLU A 492 22.89 18.69 21.14
CA GLU A 492 23.88 19.78 21.27
C GLU A 492 24.15 20.17 22.72
N HIS A 493 23.11 20.26 23.52
CA HIS A 493 23.28 20.68 24.87
C HIS A 493 23.42 19.40 25.66
N ARG A 494 24.49 19.29 26.45
CA ARG A 494 24.81 18.04 27.10
C ARG A 494 25.18 18.21 28.57
N ALA A 495 24.86 17.21 29.39
CA ALA A 495 25.25 17.24 30.79
C ALA A 495 25.45 15.83 31.24
N ALA A 496 26.17 15.64 32.35
CA ALA A 496 26.57 14.32 32.81
C ALA A 496 26.79 14.32 34.30
N VAL A 497 26.40 13.23 34.94
CA VAL A 497 26.60 13.06 36.37
C VAL A 497 27.32 11.76 36.46
N VAL A 498 28.35 11.69 37.31
CA VAL A 498 29.09 10.48 37.58
C VAL A 498 28.84 10.14 39.04
N ALA A 499 28.03 9.09 39.23
CA ALA A 499 27.47 8.73 40.51
C ALA A 499 27.70 7.25 40.85
N SER A 500 27.74 6.94 42.13
CA SER A 500 27.84 5.55 42.56
C SER A 500 26.54 5.12 43.22
N THR A 501 25.74 6.09 43.66
CA THR A 501 24.40 5.80 44.17
C THR A 501 23.28 6.54 43.47
N ARG A 502 22.09 5.97 43.54
CA ARG A 502 20.85 6.69 43.29
C ARG A 502 20.77 8.09 43.95
N GLU A 503 21.01 8.21 45.27
CA GLU A 503 20.74 9.49 45.95
C GLU A 503 21.59 10.57 45.29
N GLU A 504 22.86 10.23 45.04
CA GLU A 504 23.81 11.20 44.48
C GLU A 504 23.56 11.52 43.00
N ALA A 505 23.03 10.57 42.23
CA ALA A 505 22.70 10.80 40.83
C ALA A 505 21.60 11.86 40.70
N VAL A 506 20.54 11.63 41.46
CA VAL A 506 19.41 12.51 41.60
C VAL A 506 19.88 13.91 42.00
N ARG A 507 20.68 14.03 43.06
CA ARG A 507 21.33 15.31 43.41
C ARG A 507 21.93 16.05 42.22
N GLY A 508 22.57 15.29 41.34
CA GLY A 508 23.30 15.87 40.26
C GLY A 508 22.40 16.35 39.16
N LEU A 509 21.46 15.50 38.75
CA LEU A 509 20.48 15.82 37.74
C LEU A 509 19.63 16.98 38.19
N ARG A 510 19.05 16.88 39.39
CA ARG A 510 18.27 17.97 39.97
C ARG A 510 19.01 19.27 39.88
N GLU A 511 20.33 19.18 39.83
CA GLU A 511 21.18 20.35 39.96
C GLU A 511 21.28 20.97 38.59
N ILE A 512 21.47 20.11 37.58
CA ILE A 512 21.38 20.50 36.18
C ILE A 512 20.01 21.06 35.78
N ALA A 513 18.95 20.54 36.39
CA ALA A 513 17.60 20.97 36.08
C ALA A 513 17.28 22.29 36.78
N ALA A 514 18.01 22.57 37.85
CA ALA A 514 17.85 23.81 38.64
C ALA A 514 18.37 25.02 37.88
N GLY A 515 19.24 24.78 36.90
CA GLY A 515 19.70 25.83 35.99
C GLY A 515 20.93 26.58 36.48
N ALA A 516 21.65 25.99 37.42
CA ALA A 516 22.90 26.57 37.89
C ALA A 516 23.67 25.63 38.81
N ALA A 517 24.99 25.82 38.77
CA ALA A 517 25.95 25.27 39.72
C ALA A 517 26.48 23.85 39.53
N THR A 518 27.67 23.68 40.05
CA THR A 518 28.41 22.46 39.87
C THR A 518 28.63 21.83 41.23
N ALA A 519 28.39 20.53 41.28
CA ALA A 519 29.13 19.66 42.16
C ALA A 519 30.18 19.09 41.22
N ASP A 520 31.27 18.57 41.78
CA ASP A 520 32.35 18.02 40.96
C ASP A 520 31.88 16.94 40.04
N ALA A 521 30.79 16.29 40.42
CA ALA A 521 30.30 15.11 39.75
C ALA A 521 29.53 15.46 38.47
N VAL A 522 29.25 16.74 38.29
CA VAL A 522 28.37 17.26 37.24
C VAL A 522 29.10 18.19 36.29
N VAL A 523 28.85 18.03 34.99
CA VAL A 523 29.44 18.87 33.94
C VAL A 523 28.44 19.11 32.83
N GLU A 524 28.47 20.31 32.27
CA GLU A 524 27.62 20.68 31.16
C GLU A 524 28.43 21.19 30.02
N GLY A 525 27.86 21.17 28.85
CA GLY A 525 28.56 21.72 27.71
C GLY A 525 27.60 21.86 26.56
N VAL A 526 28.06 22.60 25.57
CA VAL A 526 27.31 22.86 24.36
C VAL A 526 28.32 22.64 23.25
N THR A 527 27.92 21.85 22.27
CA THR A 527 28.82 21.48 21.21
C THR A 527 28.03 21.43 19.90
N GLU A 528 28.65 21.82 18.81
CA GLU A 528 27.91 21.70 17.57
C GLU A 528 28.44 20.59 16.66
N VAL A 529 29.22 19.64 17.22
CA VAL A 529 29.86 18.60 16.38
C VAL A 529 29.52 17.08 16.47
N ASP A 530 29.32 16.52 17.68
CA ASP A 530 29.17 15.03 17.88
C ASP A 530 30.42 14.22 17.42
N GLY A 531 31.59 14.86 17.46
CA GLY A 531 32.83 14.27 16.99
C GLY A 531 33.95 15.31 16.88
N ARG A 532 35.17 14.90 17.27
CA ARG A 532 36.35 15.79 17.32
C ARG A 532 37.61 15.14 16.73
N ASN A 533 38.60 15.92 16.34
CA ASN A 533 39.87 15.28 16.01
C ASN A 533 40.77 15.37 17.26
N VAL A 534 40.99 14.23 17.94
CA VAL A 534 41.65 14.20 19.24
C VAL A 534 43.18 14.25 19.17
N VAL A 535 43.75 15.06 20.06
CA VAL A 535 45.19 15.01 20.35
C VAL A 535 45.38 14.50 21.78
N PHE A 536 46.30 13.57 21.90
CA PHE A 536 46.74 12.99 23.14
C PHE A 536 48.07 13.65 23.50
N LEU A 537 48.17 14.19 24.71
CA LEU A 537 49.38 14.88 25.10
C LEU A 537 50.05 14.21 26.26
N PHE A 538 51.35 14.08 26.16
CA PHE A 538 52.13 13.30 27.08
C PHE A 538 53.23 14.11 27.69
N PRO A 539 52.95 14.73 28.84
CA PRO A 539 53.86 15.61 29.55
C PRO A 539 55.04 14.89 30.21
N GLY A 540 55.92 15.67 30.84
CA GLY A 540 57.07 15.12 31.56
C GLY A 540 56.96 15.14 33.10
N GLN A 541 58.11 15.16 33.75
CA GLN A 541 58.24 15.19 35.20
C GLN A 541 57.37 16.32 35.71
N GLY A 542 56.77 16.12 36.89
CA GLY A 542 55.92 17.15 37.49
C GLY A 542 54.59 16.61 37.96
N SER A 543 54.01 15.69 37.20
CA SER A 543 52.70 15.16 37.52
C SER A 543 52.66 14.04 38.58
N GLN A 544 53.81 13.68 39.13
CA GLN A 544 53.90 12.51 40.04
C GLN A 544 53.19 12.71 41.36
N TRP A 545 52.37 11.75 41.74
CA TRP A 545 51.89 11.71 43.13
C TRP A 545 51.78 10.27 43.71
N ALA A 546 52.16 10.17 44.98
CA ALA A 546 52.15 8.90 45.70
C ALA A 546 50.76 8.30 45.66
N GLY A 547 50.61 7.09 45.13
CA GLY A 547 49.33 6.39 45.16
C GLY A 547 48.63 6.42 43.83
N MET A 548 49.10 7.32 42.98
CA MET A 548 48.82 7.41 41.56
C MET A 548 47.99 6.26 41.00
N GLY A 549 48.62 5.16 40.67
CA GLY A 549 47.86 4.15 39.96
C GLY A 549 46.84 3.39 40.79
N ALA A 550 47.06 3.34 42.10
CA ALA A 550 46.47 2.33 42.98
C ALA A 550 44.99 1.96 42.82
N GLU A 551 44.06 2.78 43.30
CA GLU A 551 42.65 2.35 43.26
C GLU A 551 42.29 1.86 41.86
N LEU A 552 42.99 2.43 40.88
CA LEU A 552 42.86 2.07 39.46
C LEU A 552 43.39 0.69 39.05
N LEU A 553 44.52 0.28 39.64
CA LEU A 553 45.00 -1.08 39.48
C LEU A 553 43.92 -2.04 39.96
N SER A 554 43.57 -1.95 41.25
CA SER A 554 42.52 -2.79 41.85
C SER A 554 41.24 -2.77 41.02
N SER A 555 40.93 -1.61 40.44
CA SER A 555 39.77 -1.45 39.59
C SER A 555 40.23 -1.74 38.16
N SER A 556 39.53 -1.21 37.16
CA SER A 556 40.04 -1.18 35.79
C SER A 556 41.23 -2.08 35.47
N PRO A 557 40.97 -3.32 35.01
CA PRO A 557 41.97 -4.24 34.43
C PRO A 557 42.65 -3.79 33.12
N VAL A 558 42.02 -2.94 32.32
CA VAL A 558 42.74 -2.47 31.14
C VAL A 558 44.03 -1.78 31.63
N PHE A 559 43.85 -0.90 32.59
CA PHE A 559 44.94 -0.22 33.22
C PHE A 559 45.95 -1.19 33.82
N ALA A 560 45.49 -2.08 34.70
CA ALA A 560 46.37 -3.07 35.38
C ALA A 560 47.15 -3.92 34.40
N GLY A 561 46.55 -4.22 33.25
CA GLY A 561 47.15 -5.11 32.26
C GLY A 561 48.36 -4.47 31.64
N LYS A 562 48.22 -3.26 31.12
CA LYS A 562 49.36 -2.53 30.60
C LYS A 562 50.44 -2.26 31.69
N ILE A 563 50.01 -1.92 32.89
CA ILE A 563 50.95 -1.77 33.99
C ILE A 563 51.77 -3.05 34.13
N ARG A 564 51.08 -4.20 34.11
CA ARG A 564 51.75 -5.48 34.21
C ARG A 564 52.65 -5.67 32.98
N ALA A 565 52.13 -5.32 31.81
CA ALA A 565 52.92 -5.41 30.58
C ALA A 565 54.22 -4.56 30.66
N CYS A 566 54.13 -3.36 31.25
CA CYS A 566 55.33 -2.56 31.53
C CYS A 566 56.25 -3.22 32.53
N ASP A 567 55.67 -3.95 33.51
CA ASP A 567 56.47 -4.54 34.55
C ASP A 567 57.34 -5.69 34.01
N GLU A 568 56.84 -6.41 33.02
CA GLU A 568 57.66 -7.39 32.33
C GLU A 568 58.75 -6.63 31.56
N SER A 569 58.35 -5.77 30.63
CA SER A 569 59.33 -5.06 29.83
C SER A 569 60.57 -4.57 30.60
N MET A 570 60.34 -3.97 31.76
CA MET A 570 61.39 -3.30 32.53
C MET A 570 62.12 -4.28 33.39
N ALA A 571 61.59 -5.50 33.50
CA ALA A 571 62.12 -6.51 34.46
C ALA A 571 63.63 -6.85 34.34
N PRO A 572 64.15 -7.09 33.10
CA PRO A 572 65.60 -7.30 32.96
C PRO A 572 66.48 -6.07 33.28
N MET A 573 65.85 -4.91 33.44
CA MET A 573 66.55 -3.62 33.48
C MET A 573 66.60 -3.00 34.86
N GLN A 574 65.84 -3.54 35.80
CA GLN A 574 65.82 -2.98 37.14
C GLN A 574 65.31 -3.95 38.16
N ASP A 575 65.38 -3.55 39.41
CA ASP A 575 64.99 -4.40 40.54
C ASP A 575 63.49 -4.31 40.92
N TRP A 576 62.90 -3.12 40.82
CA TRP A 576 61.59 -2.84 41.45
C TRP A 576 60.44 -2.88 40.47
N LYS A 577 59.29 -3.37 40.93
CA LYS A 577 58.11 -3.42 40.05
C LYS A 577 57.41 -2.07 40.04
N VAL A 578 57.06 -1.61 38.84
CA VAL A 578 56.26 -0.40 38.77
C VAL A 578 54.95 -0.66 39.53
N SER A 579 54.39 -1.87 39.42
CA SER A 579 53.20 -2.20 40.22
C SER A 579 53.43 -1.85 41.68
N ASP A 580 54.60 -2.18 42.22
CA ASP A 580 54.93 -1.94 43.65
C ASP A 580 54.99 -0.47 44.03
N VAL A 581 55.34 0.41 43.10
CA VAL A 581 55.50 1.82 43.44
C VAL A 581 54.17 2.55 43.60
N LEU A 582 53.16 2.13 42.84
CA LEU A 582 51.83 2.71 42.96
C LEU A 582 51.13 2.24 44.24
N ARG A 583 51.20 0.94 44.53
CA ARG A 583 50.54 0.45 45.74
C ARG A 583 51.34 0.85 46.96
N GLN A 584 52.54 1.40 46.75
CA GLN A 584 53.47 1.73 47.85
C GLN A 584 53.69 0.48 48.69
N ALA A 585 54.34 -0.51 48.09
CA ALA A 585 54.70 -1.75 48.76
C ALA A 585 55.76 -1.50 49.84
N PRO A 586 55.65 -2.18 51.01
CA PRO A 586 56.71 -2.04 52.01
C PRO A 586 58.10 -2.16 51.36
N GLY A 587 58.92 -1.14 51.51
CA GLY A 587 60.26 -1.15 50.95
C GLY A 587 60.31 -1.02 49.44
N ALA A 588 59.44 -0.17 48.89
CA ALA A 588 59.39 0.15 47.47
C ALA A 588 59.96 1.55 47.23
N PRO A 589 60.71 1.71 46.13
CA PRO A 589 61.55 2.82 45.65
C PRO A 589 61.16 4.27 45.95
N GLY A 590 59.92 4.67 45.70
CA GLY A 590 59.48 6.02 46.07
C GLY A 590 59.84 7.07 45.03
N LEU A 591 59.04 8.13 44.95
CA LEU A 591 59.16 9.10 43.86
C LEU A 591 60.08 10.29 44.18
N ASP A 592 61.32 10.01 44.56
CA ASP A 592 62.22 11.08 44.91
C ASP A 592 63.42 11.09 43.99
N ARG A 593 63.44 10.16 43.06
CA ARG A 593 64.58 10.06 42.16
C ARG A 593 64.19 9.63 40.77
N VAL A 594 64.74 10.37 39.81
CA VAL A 594 64.39 10.28 38.41
C VAL A 594 64.32 8.89 37.86
N ASP A 595 65.19 8.01 38.34
CA ASP A 595 65.33 6.64 37.79
C ASP A 595 64.15 5.77 38.15
N VAL A 596 63.29 6.31 38.99
CA VAL A 596 62.02 5.69 39.29
C VAL A 596 60.92 6.51 38.67
N VAL A 597 60.99 7.81 38.89
CA VAL A 597 59.92 8.72 38.54
C VAL A 597 59.64 8.63 37.05
N GLN A 598 60.70 8.54 36.24
CA GLN A 598 60.52 8.50 34.81
C GLN A 598 59.91 7.17 34.35
N PRO A 599 60.54 6.04 34.68
CA PRO A 599 59.84 4.84 34.26
C PRO A 599 58.41 4.75 34.79
N VAL A 600 58.16 5.17 36.04
CA VAL A 600 56.78 5.04 36.54
C VAL A 600 55.77 5.91 35.74
N LEU A 601 56.15 7.15 35.43
CA LEU A 601 55.31 8.01 34.60
C LEU A 601 55.14 7.50 33.15
N PHE A 602 56.22 7.01 32.56
CA PHE A 602 56.05 6.30 31.32
C PHE A 602 54.93 5.26 31.43
N ALA A 603 55.01 4.42 32.45
CA ALA A 603 54.08 3.29 32.57
C ALA A 603 52.67 3.77 32.90
N VAL A 604 52.55 4.86 33.67
CA VAL A 604 51.20 5.29 34.00
C VAL A 604 50.55 5.92 32.78
N MET A 605 51.23 6.90 32.17
CA MET A 605 50.71 7.51 30.93
C MET A 605 50.33 6.43 29.89
N VAL A 606 51.20 5.48 29.63
CA VAL A 606 50.93 4.49 28.61
C VAL A 606 49.62 3.68 28.93
N SER A 607 49.50 3.19 30.17
CA SER A 607 48.25 2.61 30.71
C SER A 607 47.02 3.48 30.65
N LEU A 608 47.17 4.77 31.00
CA LEU A 608 46.01 5.72 30.85
C LEU A 608 45.59 5.84 29.38
N ALA A 609 46.57 5.92 28.47
CA ALA A 609 46.23 5.97 27.05
C ALA A 609 45.47 4.74 26.58
N GLU A 610 45.71 3.58 27.20
CA GLU A 610 44.95 2.38 26.84
C GLU A 610 43.58 2.35 27.47
N LEU A 611 43.41 3.09 28.55
CA LEU A 611 42.12 3.26 29.17
C LEU A 611 41.20 4.07 28.25
N TRP A 612 41.68 5.25 27.85
CA TRP A 612 40.91 6.13 26.93
C TRP A 612 40.46 5.42 25.67
N ARG A 613 41.39 4.67 25.07
CA ARG A 613 41.12 3.85 23.90
C ARG A 613 40.14 2.73 24.24
N SER A 614 40.21 2.21 25.47
CA SER A 614 39.21 1.26 25.92
C SER A 614 37.86 1.79 25.52
N TYR A 615 37.65 3.07 25.86
CA TYR A 615 36.36 3.72 25.73
C TYR A 615 36.16 4.32 24.37
N GLY A 616 36.97 3.89 23.40
CA GLY A 616 36.76 4.27 22.02
C GLY A 616 37.39 5.59 21.60
N VAL A 617 38.20 6.19 22.47
CA VAL A 617 38.91 7.42 22.09
C VAL A 617 40.29 7.10 21.57
N GLU A 618 40.42 7.18 20.27
CA GLU A 618 41.61 6.76 19.58
C GLU A 618 42.24 8.13 19.19
N PRO A 619 43.54 8.32 19.46
CA PRO A 619 44.14 9.59 19.10
C PRO A 619 44.37 9.71 17.61
N ALA A 620 44.27 10.93 17.08
CA ALA A 620 44.54 11.17 15.67
C ALA A 620 45.94 11.73 15.54
N ALA A 621 46.47 12.27 16.64
CA ALA A 621 47.89 12.56 16.77
C ALA A 621 48.25 12.52 18.23
N VAL A 622 49.53 12.35 18.50
CA VAL A 622 50.04 12.48 19.85
C VAL A 622 51.11 13.59 19.88
N VAL A 623 51.41 14.11 21.06
CA VAL A 623 52.42 15.15 21.21
C VAL A 623 53.08 14.86 22.53
N GLY A 624 54.37 15.17 22.64
CA GLY A 624 55.10 14.93 23.87
C GLY A 624 56.01 16.03 24.39
N HIS A 625 56.07 16.14 25.70
CA HIS A 625 57.01 17.03 26.37
C HIS A 625 58.26 16.30 26.88
N SER A 626 59.38 16.49 26.20
CA SER A 626 60.67 15.94 26.61
C SER A 626 60.57 14.43 26.72
N GLN A 627 60.49 13.92 27.93
CA GLN A 627 60.55 12.48 28.14
C GLN A 627 59.21 11.84 27.86
N GLY A 628 58.16 12.64 27.98
CA GLY A 628 56.85 12.25 27.52
C GLY A 628 56.74 11.95 26.04
N GLU A 629 57.74 12.26 25.26
CA GLU A 629 57.71 11.81 23.85
C GLU A 629 57.92 10.29 23.73
N ILE A 630 58.46 9.68 24.77
CA ILE A 630 58.61 8.26 24.76
C ILE A 630 57.27 7.53 24.91
N ALA A 631 56.42 7.95 25.84
CA ALA A 631 55.09 7.36 25.93
C ALA A 631 54.29 7.69 24.63
N ALA A 632 54.41 8.94 24.17
CA ALA A 632 53.88 9.36 22.86
C ALA A 632 54.25 8.33 21.77
N ALA A 633 55.55 8.04 21.62
CA ALA A 633 56.00 7.19 20.56
C ALA A 633 55.54 5.78 20.70
N HIS A 634 55.49 5.25 21.92
CA HIS A 634 54.88 3.95 22.08
C HIS A 634 53.41 3.95 21.72
N VAL A 635 52.65 4.89 22.25
CA VAL A 635 51.19 4.96 22.02
C VAL A 635 50.88 5.04 20.51
N ALA A 636 51.66 5.83 19.79
CA ALA A 636 51.56 5.92 18.36
C ALA A 636 52.00 4.65 17.61
N GLY A 637 52.71 3.75 18.28
CA GLY A 637 53.12 2.54 17.59
C GLY A 637 54.52 2.57 17.00
N ALA A 638 55.22 3.71 17.06
CA ALA A 638 56.59 3.78 16.57
C ALA A 638 57.57 2.88 17.30
N LEU A 639 57.33 2.67 18.60
CA LEU A 639 58.20 1.86 19.40
C LEU A 639 57.40 0.80 20.09
N THR A 640 57.98 -0.40 20.12
CA THR A 640 57.52 -1.49 20.94
C THR A 640 57.68 -1.07 22.40
N LEU A 641 56.94 -1.75 23.29
CA LEU A 641 57.04 -1.51 24.71
C LEU A 641 58.46 -1.80 25.21
N GLU A 642 59.10 -2.81 24.64
CA GLU A 642 60.43 -3.14 25.04
C GLU A 642 61.39 -2.00 24.71
N ASP A 643 61.38 -1.55 23.47
CA ASP A 643 62.28 -0.51 23.06
C ASP A 643 62.06 0.77 23.83
N ALA A 644 60.81 1.19 23.95
CA ALA A 644 60.49 2.41 24.68
C ALA A 644 60.92 2.33 26.15
N ALA A 645 60.90 1.14 26.71
CA ALA A 645 61.32 0.99 28.09
C ALA A 645 62.84 1.14 28.19
N LYS A 646 63.53 0.59 27.22
CA LYS A 646 64.96 0.65 27.20
C LYS A 646 65.28 2.15 27.30
N LEU A 647 64.61 2.94 26.47
CA LEU A 647 64.81 4.38 26.44
C LEU A 647 64.53 5.12 27.73
N VAL A 648 63.34 4.87 28.31
CA VAL A 648 62.93 5.61 29.49
C VAL A 648 63.82 5.23 30.63
N VAL A 649 64.11 3.95 30.76
CA VAL A 649 65.05 3.49 31.77
C VAL A 649 66.49 3.98 31.43
N GLY A 650 66.88 3.81 30.16
CA GLY A 650 68.17 4.31 29.64
C GLY A 650 68.58 5.74 29.96
N ARG A 651 67.64 6.68 29.92
CA ARG A 651 67.98 8.08 30.14
C ARG A 651 67.68 8.53 31.57
N SER A 652 66.76 7.86 32.25
CA SER A 652 66.60 8.02 33.70
C SER A 652 67.85 7.69 34.51
N ARG A 653 68.61 6.70 34.06
CA ARG A 653 69.71 6.13 34.81
C ARG A 653 70.94 7.02 34.66
N LEU A 654 71.05 7.68 33.51
CA LEU A 654 72.11 8.63 33.31
C LEU A 654 71.86 9.95 34.04
N MET A 655 70.61 10.27 34.37
CA MET A 655 70.36 11.51 35.16
C MET A 655 70.54 11.34 36.71
N ARG A 656 70.27 10.15 37.26
CA ARG A 656 70.73 9.87 38.65
C ARG A 656 72.28 10.03 38.73
N SER A 657 73.00 9.77 37.64
CA SER A 657 74.47 9.94 37.67
C SER A 657 74.96 11.31 37.22
N LEU A 658 74.06 12.29 37.27
CA LEU A 658 74.38 13.68 36.93
C LEU A 658 73.93 14.60 38.05
N SER A 659 73.37 14.00 39.11
CA SER A 659 72.81 14.75 40.25
C SER A 659 73.80 15.69 40.97
N GLY A 660 73.30 16.87 41.31
CA GLY A 660 74.11 17.93 41.90
C GLY A 660 75.06 18.59 40.91
N GLU A 661 74.91 18.27 39.64
CA GLU A 661 75.84 18.76 38.63
C GLU A 661 75.25 19.96 37.92
N GLY A 662 73.90 19.97 37.87
CA GLY A 662 73.10 21.05 37.27
C GLY A 662 71.72 21.19 37.92
N GLY A 663 70.93 22.15 37.43
CA GLY A 663 69.55 22.44 37.94
C GLY A 663 68.66 22.96 36.81
N MET A 664 67.41 23.27 37.12
CA MET A 664 66.47 23.83 36.13
C MET A 664 65.42 24.77 36.78
N ALA A 665 64.98 25.80 36.04
CA ALA A 665 64.06 26.82 36.60
C ALA A 665 63.09 27.46 35.58
N ALA A 666 61.80 27.51 35.89
CA ALA A 666 60.82 28.22 35.02
C ALA A 666 60.98 29.74 35.15
N VAL A 667 61.08 30.43 34.01
CA VAL A 667 61.13 31.89 33.99
C VAL A 667 59.79 32.36 33.42
N ALA A 668 59.20 33.36 34.09
CA ALA A 668 57.91 33.93 33.71
C ALA A 668 58.14 35.14 32.83
N LEU A 669 58.57 34.87 31.60
CA LEU A 669 59.00 35.88 30.64
C LEU A 669 59.00 35.14 29.30
N GLY A 670 58.82 35.85 28.18
CA GLY A 670 58.87 35.26 26.82
C GLY A 670 60.28 34.90 26.41
N GLU A 671 60.39 34.00 25.42
CA GLU A 671 61.66 33.37 25.02
C GLU A 671 62.69 34.35 24.54
N ALA A 672 62.26 35.23 23.64
CA ALA A 672 63.17 36.12 22.95
C ALA A 672 63.92 36.90 24.01
N ALA A 673 63.18 37.54 24.91
CA ALA A 673 63.80 38.28 25.99
C ALA A 673 64.56 37.37 26.97
N VAL A 674 64.12 36.14 27.17
CA VAL A 674 64.92 35.27 28.02
C VAL A 674 66.28 35.04 27.40
N ARG A 675 66.28 34.85 26.08
CA ARG A 675 67.51 34.72 25.30
C ARG A 675 68.36 35.97 25.45
N GLU A 676 67.71 37.14 25.35
CA GLU A 676 68.45 38.40 25.45
C GLU A 676 69.12 38.49 26.78
N ARG A 677 68.57 37.82 27.79
CA ARG A 677 69.20 37.69 29.13
C ARG A 677 70.10 36.45 29.33
N LEU A 678 70.19 35.58 28.33
CA LEU A 678 71.02 34.40 28.52
C LEU A 678 72.43 34.49 27.89
N ARG A 679 72.68 35.54 27.11
CA ARG A 679 73.93 35.67 26.35
C ARG A 679 75.21 35.60 27.22
N PRO A 680 75.29 36.39 28.31
CA PRO A 680 76.50 36.30 29.14
C PRO A 680 76.75 34.99 29.90
N TRP A 681 75.95 33.95 29.69
CA TRP A 681 76.15 32.64 30.37
C TRP A 681 75.92 31.40 29.48
N GLN A 682 76.49 31.34 28.29
CA GLN A 682 76.34 30.11 27.47
C GLN A 682 76.77 28.75 28.15
N ASP A 683 76.80 28.71 29.49
CA ASP A 683 76.87 27.45 30.26
C ASP A 683 75.47 27.09 30.63
N ARG A 684 74.54 27.87 30.10
CA ARG A 684 73.15 27.48 30.00
C ARG A 684 72.59 27.84 28.64
N LEU A 685 72.90 26.96 27.67
CA LEU A 685 72.08 26.74 26.48
C LEU A 685 70.92 26.01 27.10
N SER A 686 70.50 26.54 28.25
CA SER A 686 69.13 26.39 28.64
C SER A 686 68.27 27.04 27.57
N VAL A 687 67.09 27.47 27.97
CA VAL A 687 65.92 27.43 27.10
C VAL A 687 65.92 25.93 26.93
N ALA A 688 65.56 25.26 28.02
CA ALA A 688 65.36 23.84 28.02
C ALA A 688 64.01 23.56 27.38
N ALA A 689 63.04 24.42 27.67
CA ALA A 689 61.68 24.27 27.20
C ALA A 689 61.01 25.63 26.93
N VAL A 690 60.18 25.71 25.89
CA VAL A 690 59.34 26.88 25.68
C VAL A 690 57.87 26.43 25.75
N ASN A 691 57.21 26.78 26.85
CA ASN A 691 55.86 26.28 27.13
C ASN A 691 54.74 27.31 26.94
N GLY A 692 55.12 28.54 26.60
CA GLY A 692 54.14 29.59 26.32
C GLY A 692 54.74 30.98 26.36
N PRO A 693 53.88 32.01 26.40
CA PRO A 693 54.38 33.34 26.23
C PRO A 693 55.04 33.91 27.48
N ARG A 694 54.71 33.39 28.65
CA ARG A 694 55.42 33.79 29.85
C ARG A 694 55.84 32.50 30.53
N SER A 695 56.21 31.51 29.72
CA SER A 695 56.57 30.24 30.31
C SER A 695 57.77 29.54 29.65
N VAL A 696 58.96 29.79 30.18
CA VAL A 696 60.20 29.27 29.58
C VAL A 696 61.03 28.56 30.66
N VAL A 697 61.61 27.41 30.31
CA VAL A 697 62.43 26.71 31.29
C VAL A 697 63.94 26.85 31.05
N VAL A 698 64.67 27.10 32.13
CA VAL A 698 66.09 27.33 32.01
C VAL A 698 66.87 26.21 32.69
N SER A 699 68.00 25.85 32.10
CA SER A 699 68.79 24.68 32.53
C SER A 699 70.30 24.81 32.37
N GLY A 700 71.04 24.42 33.42
CA GLY A 700 72.50 24.44 33.37
C GLY A 700 73.26 24.31 34.69
N GLU A 701 74.51 24.73 34.67
CA GLU A 701 75.43 24.67 35.82
C GLU A 701 74.86 25.51 36.97
N PRO A 702 74.69 24.91 38.17
CA PRO A 702 73.96 25.56 39.30
C PRO A 702 74.44 26.97 39.72
N GLY A 703 75.75 27.23 39.55
CA GLY A 703 76.39 28.53 39.79
C GLY A 703 75.88 29.57 38.82
N ALA A 704 76.08 29.33 37.53
CA ALA A 704 75.44 30.11 36.45
C ALA A 704 73.91 30.39 36.62
N LEU A 705 73.16 29.40 37.09
CA LEU A 705 71.71 29.53 37.28
C LEU A 705 71.36 30.45 38.45
N ARG A 706 72.15 30.37 39.52
CA ARG A 706 71.96 31.22 40.69
C ARG A 706 72.12 32.71 40.34
N ALA A 707 73.19 33.03 39.61
CA ALA A 707 73.50 34.40 39.20
C ALA A 707 72.40 35.02 38.32
N PHE A 708 71.95 34.26 37.31
CA PHE A 708 70.91 34.67 36.35
C PHE A 708 69.52 34.90 37.02
N SER A 709 69.25 34.08 38.02
CA SER A 709 68.05 34.17 38.82
C SER A 709 68.16 35.45 39.60
N GLU A 710 69.30 35.66 40.28
CA GLU A 710 69.48 36.86 41.10
C GLU A 710 69.51 38.17 40.30
N ASP A 711 69.81 38.09 39.00
CA ASP A 711 69.66 39.24 38.14
C ASP A 711 68.21 39.33 37.68
N CYS A 712 67.55 38.17 37.64
CA CYS A 712 66.11 38.11 37.37
C CYS A 712 65.29 38.70 38.51
N ALA A 713 65.18 37.98 39.63
CA ALA A 713 64.75 38.59 40.87
C ALA A 713 65.69 39.77 40.92
N ALA A 714 65.16 40.98 41.05
CA ALA A 714 65.92 42.25 41.01
C ALA A 714 65.64 43.00 39.71
N GLU A 715 64.77 42.44 38.91
CA GLU A 715 64.11 43.19 37.86
C GLU A 715 62.67 42.77 38.01
N GLY A 716 62.39 41.96 39.04
CA GLY A 716 61.05 41.46 39.33
C GLY A 716 60.54 40.49 38.27
N ILE A 717 61.48 39.72 37.72
CA ILE A 717 61.16 38.59 36.87
C ILE A 717 61.16 37.38 37.79
N ARG A 718 60.07 36.62 37.75
CA ARG A 718 59.92 35.47 38.61
C ARG A 718 60.58 34.26 37.97
N VAL A 719 61.60 33.73 38.67
CA VAL A 719 62.11 32.40 38.40
C VAL A 719 61.96 31.60 39.68
N ARG A 720 61.26 30.48 39.60
CA ARG A 720 61.23 29.52 40.69
C ARG A 720 62.19 28.43 40.27
N ASP A 721 62.64 27.60 41.20
CA ASP A 721 63.43 26.40 40.85
C ASP A 721 62.56 25.11 40.73
N ILE A 722 62.99 24.18 39.90
CA ILE A 722 62.27 22.94 39.64
C ILE A 722 62.79 21.79 40.53
N ASP A 723 61.88 21.01 41.13
CA ASP A 723 62.35 19.92 42.00
C ASP A 723 63.03 18.80 41.21
N VAL A 724 64.27 19.08 40.83
CA VAL A 724 65.06 18.24 39.97
C VAL A 724 66.52 18.50 40.38
N ASP A 725 67.39 17.50 40.21
CA ASP A 725 68.83 17.62 40.55
C ASP A 725 69.74 17.52 39.34
N TYR A 726 69.12 17.45 38.18
CA TYR A 726 69.82 17.39 36.91
C TYR A 726 69.42 18.56 36.02
N ALA A 727 70.13 18.71 34.89
CA ALA A 727 69.88 19.78 33.94
C ALA A 727 69.77 19.24 32.52
N SER A 728 68.65 18.62 32.23
CA SER A 728 68.41 18.14 30.86
C SER A 728 68.33 19.34 29.90
N HIS A 729 68.34 19.06 28.61
CA HIS A 729 68.28 20.10 27.55
C HIS A 729 69.38 21.19 27.57
N SER A 730 70.30 21.09 28.52
CA SER A 730 71.42 22.02 28.71
C SER A 730 72.74 21.55 28.02
N PRO A 731 73.79 22.39 28.01
CA PRO A 731 75.04 21.97 27.33
C PRO A 731 75.75 20.84 28.06
N GLN A 732 75.42 20.68 29.34
CA GLN A 732 76.00 19.64 30.18
C GLN A 732 75.69 18.25 29.69
N ILE A 733 74.84 18.16 28.67
CA ILE A 733 74.25 16.89 28.29
C ILE A 733 75.11 16.29 27.18
N GLU A 734 75.85 17.17 26.50
CA GLU A 734 76.81 16.76 25.47
C GLU A 734 77.82 15.80 26.06
N ARG A 735 77.79 15.71 27.38
CA ARG A 735 78.82 15.09 28.16
C ARG A 735 78.46 13.63 28.44
N VAL A 736 77.34 13.17 27.91
CA VAL A 736 76.81 11.86 28.29
C VAL A 736 76.28 11.18 27.03
N ARG A 737 76.31 11.92 25.93
CA ARG A 737 75.83 11.46 24.63
C ARG A 737 76.34 10.05 24.32
N GLU A 738 77.65 9.90 24.53
CA GLU A 738 78.44 8.67 24.58
C GLU A 738 77.70 7.39 24.97
N GLU A 739 77.45 7.27 26.28
CA GLU A 739 76.92 6.06 26.86
C GLU A 739 75.49 5.91 26.43
N LEU A 740 74.79 7.05 26.37
CA LEU A 740 73.44 7.08 25.87
C LEU A 740 73.34 6.26 24.60
N LEU A 741 74.19 6.55 23.61
CA LEU A 741 74.10 5.83 22.34
C LEU A 741 74.48 4.36 22.43
N GLU A 742 75.40 4.03 23.35
CA GLU A 742 75.91 2.64 23.52
C GLU A 742 74.82 1.80 24.13
N THR A 743 74.27 2.39 25.20
CA THR A 743 73.21 1.83 26.04
C THR A 743 71.89 1.73 25.30
N THR A 744 71.73 2.52 24.25
CA THR A 744 70.43 2.76 23.67
C THR A 744 70.25 2.48 22.21
N GLY A 745 71.32 2.12 21.50
CA GLY A 745 71.18 1.65 20.13
C GLY A 745 70.31 0.40 20.13
N ASP A 746 70.36 -0.38 19.07
CA ASP A 746 69.54 -1.59 18.95
C ASP A 746 68.04 -1.35 19.02
N ILE A 747 67.65 -0.14 19.39
CA ILE A 747 66.26 0.23 19.23
C ILE A 747 65.93 0.10 17.73
N ALA A 748 64.76 -0.46 17.42
CA ALA A 748 64.20 -0.47 16.07
C ALA A 748 62.93 0.40 15.96
N PRO A 749 63.07 1.69 15.58
CA PRO A 749 61.82 2.42 15.31
C PRO A 749 61.05 1.75 14.17
N ARG A 750 59.79 2.11 14.03
CA ARG A 750 58.81 1.27 13.37
C ARG A 750 57.70 2.23 12.92
N PRO A 751 57.19 2.08 11.67
CA PRO A 751 56.21 3.05 11.18
C PRO A 751 55.00 3.13 12.11
N ALA A 752 54.60 4.36 12.47
CA ALA A 752 53.55 4.60 13.47
C ALA A 752 52.13 4.79 12.90
N ARG A 753 51.14 4.26 13.63
CA ARG A 753 49.77 4.21 13.14
C ARG A 753 49.11 5.58 13.26
N VAL A 754 49.67 6.39 14.15
CA VAL A 754 49.04 7.59 14.63
C VAL A 754 50.07 8.70 14.42
N THR A 755 49.63 9.91 14.05
CA THR A 755 50.57 11.04 13.79
C THR A 755 51.41 11.45 15.02
N PHE A 756 52.72 11.50 14.85
CA PHE A 756 53.66 11.91 15.92
C PHE A 756 54.16 13.30 15.58
N HIS A 757 53.55 14.33 16.15
CA HIS A 757 54.09 15.66 15.94
C HIS A 757 55.27 15.89 16.90
N SER A 758 56.49 15.97 16.39
CA SER A 758 57.62 16.12 17.29
C SER A 758 57.72 17.52 17.84
N THR A 759 57.92 17.69 19.14
CA THR A 759 58.25 19.02 19.69
C THR A 759 59.77 19.32 19.73
N VAL A 760 60.57 18.41 19.17
CA VAL A 760 62.02 18.60 19.10
C VAL A 760 62.27 19.23 17.75
N GLU A 761 61.69 18.63 16.71
CA GLU A 761 61.83 19.14 15.34
C GLU A 761 60.65 19.98 14.87
N SER A 762 59.51 19.91 15.54
CA SER A 762 58.33 20.70 15.13
C SER A 762 57.57 20.26 13.90
N ARG A 763 57.71 19.03 13.48
CA ARG A 763 56.98 18.61 12.32
C ARG A 763 56.44 17.26 12.61
N SER A 764 55.28 16.93 12.05
CA SER A 764 54.81 15.54 12.11
C SER A 764 56.04 14.75 11.83
N MET A 765 56.23 13.70 12.58
CA MET A 765 57.26 12.79 12.21
C MET A 765 56.81 11.41 11.85
N ASP A 766 57.74 10.72 11.23
CA ASP A 766 57.50 9.45 10.60
C ASP A 766 58.18 8.47 11.52
N GLY A 767 57.38 7.59 12.12
CA GLY A 767 57.83 6.73 13.21
C GLY A 767 59.26 6.26 13.13
N THR A 768 59.64 5.87 11.92
CA THR A 768 60.94 5.24 11.66
C THR A 768 62.13 6.20 11.84
N GLU A 769 61.85 7.48 12.04
CA GLU A 769 62.89 8.45 12.34
C GLU A 769 63.21 8.43 13.82
N LEU A 770 62.43 7.70 14.61
CA LEU A 770 62.61 7.70 16.07
C LEU A 770 63.72 6.84 16.60
N ASP A 771 64.88 6.98 15.96
CA ASP A 771 66.21 6.48 16.32
C ASP A 771 66.74 6.85 17.69
N ALA A 772 67.63 6.00 18.21
CA ALA A 772 68.46 6.34 19.36
C ALA A 772 68.99 7.76 19.28
N ARG A 773 69.49 8.13 18.09
CA ARG A 773 70.02 9.50 17.86
C ARG A 773 68.96 10.57 17.96
N TYR A 774 67.70 10.22 17.65
CA TYR A 774 66.60 11.20 17.80
C TYR A 774 66.32 11.37 19.30
N TRP A 775 66.36 10.26 20.01
CA TRP A 775 66.10 10.26 21.45
C TRP A 775 67.14 11.04 22.19
N TYR A 776 68.36 11.12 21.61
CA TYR A 776 69.39 11.95 22.21
C TYR A 776 69.02 13.45 22.02
N ARG A 777 68.67 13.84 20.79
CA ARG A 777 68.20 15.21 20.53
C ARG A 777 67.06 15.53 21.48
N ASN A 778 66.10 14.61 21.63
CA ASN A 778 65.02 14.81 22.61
C ASN A 778 65.50 15.33 23.94
N LEU A 779 66.36 14.53 24.58
CA LEU A 779 67.13 14.93 25.74
C LEU A 779 67.98 16.21 25.68
N ARG A 780 68.54 16.59 24.53
CA ARG A 780 69.45 17.75 24.42
C ARG A 780 68.83 19.08 23.96
N GLU A 781 68.02 18.99 22.91
CA GLU A 781 67.46 20.15 22.25
C GLU A 781 66.23 20.73 23.03
N THR A 782 65.72 21.88 22.65
CA THR A 782 64.75 22.52 23.48
C THR A 782 63.33 22.12 23.09
N VAL A 783 62.53 21.77 24.11
CA VAL A 783 61.11 21.39 23.92
C VAL A 783 60.29 22.58 23.45
N ARG A 784 59.91 22.55 22.17
CA ARG A 784 59.09 23.58 21.60
C ARG A 784 57.65 23.19 21.76
N PHE A 785 57.21 23.16 23.02
CA PHE A 785 55.87 22.73 23.38
C PHE A 785 54.73 23.67 22.99
N ALA A 786 54.88 24.97 23.14
CA ALA A 786 53.76 25.83 22.80
C ALA A 786 53.49 25.79 21.30
N ASP A 787 54.52 25.94 20.49
CA ASP A 787 54.21 26.19 19.12
C ASP A 787 53.91 24.88 18.37
N ALA A 788 54.05 23.76 19.10
CA ALA A 788 53.55 22.47 18.67
C ALA A 788 52.05 22.44 18.77
N VAL A 789 51.55 22.94 19.91
CA VAL A 789 50.14 22.80 20.22
C VAL A 789 49.38 23.77 19.35
N THR A 790 49.95 24.97 19.20
CA THR A 790 49.39 26.01 18.31
C THR A 790 49.31 25.52 16.85
N ARG A 791 50.33 24.77 16.42
CA ARG A 791 50.33 24.25 15.10
C ARG A 791 49.27 23.18 14.94
N LEU A 792 49.14 22.29 15.90
CA LEU A 792 48.07 21.31 15.82
C LEU A 792 46.73 22.03 15.74
N ALA A 793 46.53 22.97 16.66
CA ALA A 793 45.28 23.71 16.73
C ALA A 793 44.91 24.38 15.40
N GLU A 794 45.90 24.88 14.67
CA GLU A 794 45.67 25.51 13.37
C GLU A 794 45.43 24.57 12.19
N SER A 795 46.00 23.37 12.22
CA SER A 795 45.61 22.37 11.23
C SER A 795 44.33 21.62 11.61
N GLY A 796 43.48 22.20 12.45
CA GLY A 796 42.12 21.70 12.65
C GLY A 796 41.89 20.66 13.72
N TYR A 797 42.89 20.35 14.54
CA TYR A 797 42.72 19.47 15.72
C TYR A 797 42.11 20.26 16.84
N ASP A 798 41.37 19.54 17.67
CA ASP A 798 40.14 20.05 18.17
C ASP A 798 39.94 19.73 19.63
N ALA A 799 40.65 18.72 20.11
CA ALA A 799 40.39 18.23 21.43
C ALA A 799 41.71 17.77 21.93
N PHE A 800 42.05 18.27 23.10
CA PHE A 800 43.37 17.99 23.63
C PHE A 800 43.21 17.28 24.92
N ILE A 801 43.65 16.04 24.95
CA ILE A 801 43.55 15.31 26.19
C ILE A 801 44.93 15.14 26.74
N GLU A 802 45.17 15.77 27.90
CA GLU A 802 46.43 15.53 28.61
C GLU A 802 46.26 14.16 29.27
N VAL A 803 47.03 13.18 28.80
CA VAL A 803 47.05 11.83 29.39
C VAL A 803 48.11 11.87 30.48
N SER A 804 47.73 12.27 31.68
CA SER A 804 48.69 12.35 32.78
C SER A 804 47.89 12.12 34.01
N PRO A 805 48.56 11.81 35.13
CA PRO A 805 47.83 11.61 36.40
C PRO A 805 47.51 12.89 37.18
N HIS A 806 48.13 14.00 36.82
CA HIS A 806 47.72 15.32 37.34
C HIS A 806 47.95 16.27 36.17
N PRO A 807 47.16 17.36 36.05
CA PRO A 807 47.27 18.02 34.76
C PRO A 807 48.29 19.15 34.73
N VAL A 808 49.34 18.95 33.97
CA VAL A 808 50.50 19.79 34.09
C VAL A 808 50.75 20.72 32.89
N VAL A 809 50.14 20.40 31.74
CA VAL A 809 50.19 21.28 30.57
C VAL A 809 48.82 21.89 30.20
N VAL A 810 47.74 21.48 30.91
CA VAL A 810 46.37 21.86 30.53
C VAL A 810 46.18 23.37 30.32
N GLN A 811 46.56 24.18 31.28
CA GLN A 811 46.41 25.62 31.03
C GLN A 811 47.47 26.20 30.09
N ALA A 812 48.59 25.53 29.90
CA ALA A 812 49.55 26.04 28.96
C ALA A 812 49.01 25.79 27.54
N VAL A 813 48.32 24.66 27.40
CA VAL A 813 47.66 24.24 26.19
C VAL A 813 46.44 25.08 25.95
N GLU A 814 45.70 25.39 27.00
CA GLU A 814 44.57 26.30 26.85
C GLU A 814 45.10 27.61 26.30
N GLU A 815 46.16 28.11 26.94
CA GLU A 815 46.67 29.41 26.58
C GLU A 815 47.00 29.36 25.08
N ALA A 816 47.83 28.40 24.70
CA ALA A 816 48.28 28.24 23.33
C ALA A 816 47.15 28.12 22.30
N VAL A 817 45.98 27.63 22.73
CA VAL A 817 44.85 27.39 21.82
C VAL A 817 44.01 28.65 21.50
N GLU A 818 43.83 29.50 22.51
CA GLU A 818 43.24 30.82 22.33
C GLU A 818 44.02 31.75 21.41
N GLU A 819 45.35 31.63 21.37
CA GLU A 819 46.11 32.41 20.39
C GLU A 819 46.39 31.60 19.14
N ALA A 820 45.33 31.11 18.51
CA ALA A 820 45.40 30.38 17.25
C ALA A 820 44.08 30.53 16.52
N ASP A 821 44.13 31.11 15.31
CA ASP A 821 42.94 31.18 14.44
C ASP A 821 42.30 29.80 14.32
N GLY A 822 40.98 29.74 14.49
CA GLY A 822 40.29 28.44 14.45
C GLY A 822 39.43 28.15 15.67
N ALA A 823 40.07 27.78 16.79
CA ALA A 823 39.31 27.49 18.01
C ALA A 823 38.95 28.73 18.82
N GLU A 824 37.65 29.07 18.78
CA GLU A 824 37.01 29.81 19.87
C GLU A 824 36.62 28.66 20.76
N ASP A 825 36.74 27.46 20.18
CA ASP A 825 35.90 26.30 20.45
C ASP A 825 36.59 24.97 20.74
N ALA A 826 37.91 24.90 20.82
CA ALA A 826 38.56 23.64 21.18
C ALA A 826 38.17 23.21 22.56
N VAL A 827 38.38 21.95 22.89
CA VAL A 827 38.31 21.51 24.28
C VAL A 827 39.63 20.89 24.77
N VAL A 828 40.00 21.21 26.00
CA VAL A 828 41.16 20.66 26.65
C VAL A 828 40.75 20.05 27.95
N VAL A 829 41.00 18.76 28.12
CA VAL A 829 40.77 18.10 29.40
C VAL A 829 42.01 17.32 29.74
N GLY A 830 42.18 17.03 31.03
CA GLY A 830 43.26 16.18 31.49
C GLY A 830 42.67 14.80 31.73
N SER A 831 43.34 14.01 32.53
CA SER A 831 42.79 12.69 32.71
C SER A 831 42.60 12.36 34.22
N LEU A 832 43.66 12.30 35.04
CA LEU A 832 43.52 12.31 36.56
C LEU A 832 44.05 13.56 37.25
N HIS A 833 43.89 13.62 38.57
CA HIS A 833 44.33 14.74 39.40
C HIS A 833 44.94 14.18 40.70
N ARG A 834 45.67 15.01 41.46
CA ARG A 834 46.31 14.60 42.71
C ARG A 834 45.46 13.74 43.68
N ASP A 835 44.37 14.23 44.22
CA ASP A 835 43.61 13.33 45.09
C ASP A 835 42.31 12.91 44.41
N GLY A 836 42.32 12.99 43.08
CA GLY A 836 41.29 12.36 42.24
C GLY A 836 41.92 11.36 41.27
N GLY A 837 42.48 10.26 41.79
CA GLY A 837 42.90 9.12 40.96
C GLY A 837 41.62 8.36 40.85
N ASP A 838 41.61 7.04 40.74
CA ASP A 838 40.31 6.33 40.80
C ASP A 838 39.40 6.56 39.59
N LEU A 839 38.58 5.55 39.29
CA LEU A 839 37.91 5.42 38.02
C LEU A 839 36.85 6.48 37.89
N SER A 840 36.24 6.89 39.00
CA SER A 840 35.18 7.85 38.83
C SER A 840 35.70 9.24 38.50
N ALA A 841 36.93 9.54 38.94
CA ALA A 841 37.61 10.76 38.47
C ALA A 841 37.86 10.69 36.97
N PHE A 842 38.29 9.55 36.49
CA PHE A 842 38.58 9.41 35.10
C PHE A 842 37.30 9.56 34.24
N LEU A 843 36.18 9.02 34.70
CA LEU A 843 34.91 9.14 34.00
C LEU A 843 34.43 10.56 33.89
N ARG A 844 34.57 11.35 34.95
CA ARG A 844 34.12 12.75 34.88
C ARG A 844 35.03 13.60 33.96
N SER A 845 36.22 13.05 33.70
CA SER A 845 37.17 13.60 32.76
C SER A 845 36.70 13.31 31.35
N MET A 846 36.21 12.11 31.13
CA MET A 846 35.68 11.73 29.85
C MET A 846 34.34 12.46 29.61
N ALA A 847 33.53 12.58 30.67
CA ALA A 847 32.30 13.38 30.68
C ALA A 847 32.48 14.77 30.14
N THR A 848 33.47 15.46 30.69
CA THR A 848 33.85 16.81 30.36
C THR A 848 34.20 16.89 28.89
N ALA A 849 34.96 15.90 28.42
CA ALA A 849 35.34 15.84 27.02
C ALA A 849 34.12 15.48 26.18
N HIS A 850 33.27 14.61 26.71
CA HIS A 850 32.11 14.14 25.94
C HIS A 850 31.15 15.25 25.67
N VAL A 851 30.92 15.99 26.74
CA VAL A 851 30.02 17.12 26.83
C VAL A 851 30.49 18.28 25.92
N SER A 852 31.70 18.18 25.39
CA SER A 852 32.12 19.07 24.29
C SER A 852 32.40 18.37 22.96
N GLY A 853 31.89 17.16 22.73
CA GLY A 853 31.91 16.61 21.37
C GLY A 853 32.83 15.44 21.12
N VAL A 854 33.64 15.07 22.12
CA VAL A 854 34.46 13.87 22.02
C VAL A 854 33.47 12.76 22.32
N ASP A 855 33.39 11.74 21.45
CA ASP A 855 32.43 10.65 21.72
C ASP A 855 33.10 9.51 22.45
N ILE A 856 32.31 8.86 23.30
CA ILE A 856 32.80 7.89 24.22
C ILE A 856 31.85 6.70 24.20
N ARG A 857 32.43 5.51 24.06
CA ARG A 857 31.72 4.29 24.24
C ARG A 857 31.47 4.04 25.71
N TRP A 858 30.39 4.61 26.20
CA TRP A 858 30.04 4.57 27.60
C TRP A 858 29.57 3.20 28.06
N ASP A 859 29.08 2.36 27.12
CA ASP A 859 28.58 1.00 27.46
C ASP A 859 29.68 0.25 28.16
N VAL A 860 30.90 0.48 27.67
CA VAL A 860 32.12 0.00 28.30
C VAL A 860 32.18 0.20 29.84
N ALA A 861 31.58 1.28 30.36
CA ALA A 861 31.52 1.45 31.81
C ALA A 861 30.43 0.64 32.51
N LEU A 862 29.50 0.07 31.73
CA LEU A 862 28.43 -0.71 32.34
C LEU A 862 28.38 -2.18 31.83
N PRO A 863 29.42 -2.97 32.13
CA PRO A 863 29.35 -4.33 31.56
C PRO A 863 28.12 -5.08 32.16
N GLY A 864 27.50 -5.92 31.34
CA GLY A 864 26.40 -6.75 31.82
C GLY A 864 25.16 -6.03 32.35
N ALA A 865 25.17 -4.70 32.39
CA ALA A 865 23.92 -4.02 32.68
C ALA A 865 22.82 -4.49 31.67
N ALA A 866 21.60 -4.01 31.88
CA ALA A 866 20.48 -4.24 30.97
C ALA A 866 19.76 -2.90 30.74
N PRO A 867 19.43 -2.56 29.48
CA PRO A 867 18.84 -1.22 29.32
C PRO A 867 17.41 -1.14 29.86
N PHE A 868 17.10 0.03 30.40
CA PHE A 868 15.90 0.32 31.15
C PHE A 868 15.06 1.25 30.29
N ALA A 869 13.76 0.95 30.17
CA ALA A 869 12.89 1.86 29.41
C ALA A 869 12.96 3.27 30.03
N LEU A 870 13.10 4.30 29.18
CA LEU A 870 13.10 5.68 29.69
C LEU A 870 11.91 6.47 29.24
N PRO A 871 11.76 7.71 29.76
CA PRO A 871 10.72 8.58 29.20
C PRO A 871 11.21 9.09 27.86
N THR A 872 10.30 9.60 27.04
CA THR A 872 10.70 10.10 25.73
C THR A 872 11.18 11.55 25.85
N TYR A 873 11.72 12.09 24.76
CA TYR A 873 12.13 13.51 24.68
C TYR A 873 11.05 14.40 25.27
N PRO A 874 11.42 15.40 26.10
CA PRO A 874 10.44 16.37 26.66
C PRO A 874 10.32 17.61 25.77
N PHE A 875 9.46 17.52 24.76
CA PHE A 875 9.26 18.56 23.76
C PHE A 875 8.85 19.91 24.39
N GLN A 876 9.34 21.00 23.83
CA GLN A 876 9.15 22.32 24.41
C GLN A 876 8.23 23.05 23.47
N ARG A 877 6.94 23.04 23.77
CA ARG A 877 5.98 23.24 22.69
C ARG A 877 5.44 24.64 22.71
N LYS A 878 5.17 25.17 21.53
CA LYS A 878 4.41 26.40 21.39
C LYS A 878 3.09 26.16 20.67
N ARG A 879 2.16 27.09 20.85
CA ARG A 879 0.96 27.16 20.03
C ARG A 879 1.22 27.52 18.55
N TYR A 880 0.62 26.74 17.67
CA TYR A 880 0.53 27.01 16.23
C TYR A 880 -0.82 26.63 15.71
N TRP A 881 -1.52 27.61 15.14
CA TRP A 881 -2.86 27.49 14.61
C TRP A 881 -3.18 28.63 13.65
N LEU A 882 -3.88 28.35 12.57
CA LEU A 882 -4.23 29.38 11.60
C LEU A 882 -5.56 30.03 11.96
N GLN A 883 -5.68 31.33 11.75
CA GLN A 883 -6.99 31.95 12.00
C GLN A 883 -7.61 32.64 10.78
N GLU B 4 12.71 -14.45 -13.60
CA GLU B 4 11.40 -14.21 -14.29
C GLU B 4 10.23 -13.84 -13.39
N SER B 5 10.25 -14.26 -12.13
CA SER B 5 9.00 -14.74 -11.58
C SER B 5 7.66 -14.01 -11.69
N ASP B 6 6.61 -14.83 -11.64
CA ASP B 6 5.52 -14.73 -12.61
C ASP B 6 5.26 -13.28 -13.09
N PRO B 7 5.71 -12.94 -14.32
CA PRO B 7 5.77 -11.53 -14.67
C PRO B 7 4.39 -11.01 -14.95
N ILE B 8 4.20 -9.71 -14.79
CA ILE B 8 2.86 -9.13 -14.80
C ILE B 8 2.63 -8.51 -16.17
N ALA B 9 1.48 -8.79 -16.78
CA ALA B 9 1.08 -8.18 -18.05
C ALA B 9 0.19 -6.92 -17.92
N ILE B 10 0.42 -5.96 -18.82
CA ILE B 10 -0.53 -4.91 -19.07
C ILE B 10 -1.48 -5.44 -20.17
N VAL B 11 -2.76 -5.47 -19.83
CA VAL B 11 -3.71 -6.26 -20.57
C VAL B 11 -4.66 -5.31 -21.29
N SER B 12 -4.78 -4.08 -20.76
CA SER B 12 -5.60 -3.05 -21.33
C SER B 12 -5.16 -1.66 -20.87
N MET B 13 -5.56 -0.61 -21.60
CA MET B 13 -5.35 0.80 -21.19
C MET B 13 -6.56 1.75 -21.45
N ALA B 14 -6.59 2.89 -20.77
CA ALA B 14 -7.65 3.87 -20.99
C ALA B 14 -7.25 5.17 -20.38
N CYS B 15 -7.63 6.28 -21.03
CA CYS B 15 -7.35 7.58 -20.48
C CYS B 15 -8.42 8.66 -20.70
N ARG B 16 -8.38 9.70 -19.87
CA ARG B 16 -8.95 11.02 -20.22
C ARG B 16 -7.89 12.06 -20.05
N LEU B 17 -7.35 12.55 -21.14
CA LEU B 17 -6.31 13.53 -21.05
C LEU B 17 -6.74 14.87 -21.70
N PRO B 18 -5.94 15.96 -21.47
CA PRO B 18 -6.28 17.29 -22.04
C PRO B 18 -6.43 17.22 -23.53
N GLY B 19 -7.34 18.03 -24.08
CA GLY B 19 -7.38 18.31 -25.50
C GLY B 19 -8.18 17.35 -26.35
N GLY B 20 -9.02 16.50 -25.76
CA GLY B 20 -9.85 15.60 -26.60
C GLY B 20 -9.33 14.17 -26.60
N VAL B 21 -8.15 14.01 -25.98
CA VAL B 21 -7.44 12.76 -25.85
C VAL B 21 -8.20 11.89 -24.83
N ASN B 22 -9.21 11.17 -25.31
CA ASN B 22 -10.04 10.36 -24.44
C ASN B 22 -9.94 8.89 -24.75
N THR B 23 -8.84 8.54 -25.38
CA THR B 23 -8.62 7.25 -25.98
C THR B 23 -7.06 7.07 -26.03
N PRO B 24 -6.52 5.87 -25.69
CA PRO B 24 -5.05 5.69 -25.92
C PRO B 24 -4.67 5.96 -27.37
N GLN B 25 -5.55 5.68 -28.32
CA GLN B 25 -5.24 5.90 -29.76
C GLN B 25 -4.99 7.39 -30.00
N ARG B 26 -5.84 8.24 -29.41
CA ARG B 26 -5.74 9.69 -29.62
C ARG B 26 -4.50 10.27 -28.98
N LEU B 27 -3.99 9.61 -27.94
CA LEU B 27 -2.71 10.01 -27.36
C LEU B 27 -1.57 9.57 -28.23
N TRP B 28 -1.68 8.41 -28.87
CA TRP B 28 -0.59 8.03 -29.78
C TRP B 28 -0.50 9.02 -30.93
N GLU B 29 -1.66 9.38 -31.49
CA GLU B 29 -1.69 10.38 -32.54
C GLU B 29 -1.08 11.70 -32.06
N LEU B 30 -1.29 12.07 -30.81
CA LEU B 30 -0.66 13.31 -30.31
C LEU B 30 0.88 13.18 -30.20
N LEU B 31 1.34 12.10 -29.57
CA LEU B 31 2.76 11.86 -29.43
C LEU B 31 3.43 11.83 -30.81
N ARG B 32 2.83 11.11 -31.75
CA ARG B 32 3.38 10.89 -33.08
C ARG B 32 3.39 12.15 -34.01
N GLU B 33 2.38 13.00 -33.96
CA GLU B 33 2.45 14.29 -34.69
C GLU B 33 3.38 15.28 -33.98
N GLY B 34 3.99 14.83 -32.87
CA GLY B 34 4.72 15.71 -31.94
C GLY B 34 3.98 16.93 -31.40
N GLY B 35 2.66 16.83 -31.14
CA GLY B 35 1.84 17.96 -30.67
C GLY B 35 1.65 18.26 -29.17
N GLU B 36 0.90 19.33 -28.91
CA GLU B 36 0.74 19.93 -27.60
C GLU B 36 -0.68 20.34 -27.35
N THR B 37 -1.11 20.22 -26.11
CA THR B 37 -2.49 20.47 -25.74
C THR B 37 -2.74 21.61 -24.73
N LEU B 38 -1.76 22.49 -24.45
CA LEU B 38 -1.97 23.70 -23.63
C LEU B 38 -3.22 24.42 -24.10
N SER B 39 -3.92 25.11 -23.22
CA SER B 39 -5.01 25.95 -23.70
C SER B 39 -5.26 26.95 -22.61
N GLY B 40 -6.15 27.91 -22.86
CA GLY B 40 -6.50 28.90 -21.84
C GLY B 40 -7.22 28.22 -20.70
N PHE B 41 -7.37 28.93 -19.59
CA PHE B 41 -8.11 28.43 -18.44
C PHE B 41 -9.53 28.17 -18.90
N PRO B 42 -10.24 27.19 -18.29
CA PRO B 42 -11.57 26.75 -18.68
C PRO B 42 -12.63 27.78 -18.37
N THR B 43 -13.56 27.94 -19.31
CA THR B 43 -14.55 29.00 -19.16
C THR B 43 -15.79 28.54 -18.40
N ASP B 44 -15.81 27.28 -17.99
CA ASP B 44 -17.05 26.67 -17.60
C ASP B 44 -17.03 25.96 -16.24
N ARG B 45 -16.14 26.38 -15.35
CA ARG B 45 -16.05 25.74 -14.06
C ARG B 45 -16.41 26.66 -12.91
N GLY B 46 -16.88 27.85 -13.27
CA GLY B 46 -17.26 28.86 -12.29
C GLY B 46 -16.14 29.81 -11.88
N TRP B 47 -14.89 29.56 -12.30
CA TRP B 47 -13.78 30.43 -11.87
C TRP B 47 -13.91 31.93 -12.20
N ASP B 48 -13.47 32.77 -11.27
CA ASP B 48 -13.51 34.18 -11.51
C ASP B 48 -12.29 34.59 -12.33
N LEU B 49 -12.32 34.25 -13.62
CA LEU B 49 -11.20 34.45 -14.54
C LEU B 49 -10.69 35.88 -14.67
N ALA B 50 -11.59 36.87 -14.54
CA ALA B 50 -11.19 38.27 -14.58
C ALA B 50 -10.20 38.56 -13.46
N ARG B 51 -10.45 37.96 -12.29
CA ARG B 51 -9.65 38.33 -11.12
C ARG B 51 -8.53 37.37 -10.85
N LEU B 52 -8.36 36.41 -11.73
CA LEU B 52 -7.45 35.37 -11.44
C LEU B 52 -6.02 35.68 -11.89
N HIS B 53 -5.88 36.56 -12.88
CA HIS B 53 -4.59 36.70 -13.53
C HIS B 53 -3.92 37.95 -13.10
N HIS B 54 -2.63 37.82 -12.76
CA HIS B 54 -1.77 38.97 -12.46
C HIS B 54 -0.28 38.69 -12.74
N PRO B 55 0.34 39.53 -13.60
CA PRO B 55 1.73 39.29 -14.02
C PRO B 55 2.74 39.26 -12.88
N ASP B 56 2.40 39.86 -11.73
CA ASP B 56 3.33 39.91 -10.60
C ASP B 56 3.16 38.75 -9.59
N PRO B 57 4.14 37.83 -9.58
CA PRO B 57 4.13 36.63 -8.77
C PRO B 57 3.77 36.93 -7.33
N ASP B 58 4.23 38.07 -6.82
CA ASP B 58 4.08 38.36 -5.41
C ASP B 58 2.71 38.87 -5.04
N ASN B 59 1.85 39.03 -6.04
CA ASN B 59 0.50 39.53 -5.86
C ASN B 59 -0.37 38.40 -5.32
N PRO B 60 -0.86 38.52 -4.06
CA PRO B 60 -1.66 37.43 -3.43
C PRO B 60 -2.93 37.04 -4.20
N GLY B 61 -3.26 35.74 -4.20
CA GLY B 61 -4.58 35.27 -4.64
C GLY B 61 -4.77 35.06 -6.15
N THR B 62 -3.71 35.33 -6.91
CA THR B 62 -3.76 35.29 -8.36
C THR B 62 -2.70 34.40 -8.96
N SER B 63 -2.85 34.11 -10.26
CA SER B 63 -1.90 33.30 -11.03
C SER B 63 -1.16 34.08 -12.13
N TYR B 64 0.14 33.85 -12.35
CA TYR B 64 0.81 34.62 -13.44
C TYR B 64 0.80 33.95 -14.82
N VAL B 65 0.04 32.87 -14.91
CA VAL B 65 0.01 31.98 -16.03
C VAL B 65 -1.47 31.82 -16.36
N ASP B 66 -1.85 31.87 -17.62
CA ASP B 66 -3.27 31.61 -17.96
C ASP B 66 -3.43 30.43 -18.93
N LYS B 67 -2.40 29.60 -19.01
CA LYS B 67 -2.33 28.49 -19.98
C LYS B 67 -2.17 27.30 -19.08
N GLY B 68 -2.58 26.10 -19.53
CA GLY B 68 -2.48 24.88 -18.74
C GLY B 68 -3.19 23.78 -19.49
N GLY B 69 -3.22 22.55 -18.98
CA GLY B 69 -3.82 21.46 -19.74
C GLY B 69 -5.07 20.98 -19.04
N PHE B 70 -6.21 21.10 -19.70
CA PHE B 70 -7.48 20.88 -19.01
C PHE B 70 -8.33 19.90 -19.78
N LEU B 71 -9.18 19.14 -19.10
CA LEU B 71 -10.08 18.26 -19.84
C LEU B 71 -11.19 19.08 -20.52
N ASP B 72 -11.62 18.64 -21.69
CA ASP B 72 -12.63 19.35 -22.47
C ASP B 72 -14.08 19.39 -21.90
N ASP B 73 -14.61 18.27 -21.44
CA ASP B 73 -15.81 18.35 -20.58
C ASP B 73 -15.72 17.48 -19.33
N ALA B 74 -15.15 18.09 -18.30
CA ALA B 74 -14.89 17.43 -17.05
C ALA B 74 -16.15 17.26 -16.24
N ALA B 75 -17.19 18.02 -16.59
CA ALA B 75 -18.44 18.01 -15.83
C ALA B 75 -19.44 16.97 -16.31
N GLY B 76 -19.35 16.62 -17.59
CA GLY B 76 -20.24 15.60 -18.17
C GLY B 76 -20.05 14.21 -17.56
N PHE B 77 -21.18 13.53 -17.32
CA PHE B 77 -21.23 12.26 -16.69
C PHE B 77 -22.54 11.55 -17.03
N ASP B 78 -22.45 10.27 -17.44
CA ASP B 78 -23.66 9.42 -17.51
C ASP B 78 -24.04 8.84 -16.16
N ALA B 79 -24.95 9.48 -15.45
CA ALA B 79 -25.31 8.96 -14.10
C ALA B 79 -26.28 7.78 -14.06
N GLU B 80 -27.29 7.72 -14.93
CA GLU B 80 -28.18 6.55 -14.89
C GLU B 80 -27.29 5.34 -15.13
N PHE B 81 -26.38 5.43 -16.12
CA PHE B 81 -25.44 4.33 -16.34
C PHE B 81 -24.80 3.70 -15.09
N PHE B 82 -24.50 4.52 -14.08
CA PHE B 82 -23.70 4.05 -12.92
C PHE B 82 -24.58 3.97 -11.69
N GLY B 83 -25.88 3.97 -11.93
CA GLY B 83 -26.86 3.74 -10.86
C GLY B 83 -26.87 4.82 -9.82
N VAL B 84 -26.34 5.97 -10.23
CA VAL B 84 -26.13 7.12 -9.41
C VAL B 84 -27.16 8.21 -9.76
N SER B 85 -27.82 8.77 -8.74
CA SER B 85 -28.81 9.82 -8.90
C SER B 85 -28.23 11.24 -9.26
N PRO B 86 -29.02 12.07 -9.95
CA PRO B 86 -28.64 13.47 -10.24
C PRO B 86 -28.04 14.24 -9.04
N ARG B 87 -28.64 14.16 -7.85
CA ARG B 87 -28.02 14.84 -6.68
C ARG B 87 -26.64 14.32 -6.26
N GLU B 88 -26.48 13.00 -6.22
CA GLU B 88 -25.22 12.39 -5.83
C GLU B 88 -24.14 12.81 -6.81
N ALA B 89 -24.47 12.67 -8.09
CA ALA B 89 -23.61 13.09 -9.19
C ALA B 89 -23.10 14.52 -9.00
N ALA B 90 -24.02 15.41 -8.67
CA ALA B 90 -23.75 16.82 -8.45
C ALA B 90 -22.66 16.96 -7.40
N ALA B 91 -22.82 16.14 -6.35
CA ALA B 91 -21.95 16.16 -5.19
C ALA B 91 -20.59 15.46 -5.43
N MET B 92 -20.56 14.49 -6.35
CA MET B 92 -19.32 13.78 -6.75
C MET B 92 -18.23 14.68 -7.40
N ASP B 93 -17.03 14.64 -6.84
CA ASP B 93 -15.80 15.11 -7.52
C ASP B 93 -15.79 14.51 -8.92
N PRO B 94 -15.40 15.28 -9.95
CA PRO B 94 -15.10 14.81 -11.34
C PRO B 94 -14.10 13.65 -11.41
N GLN B 95 -13.09 13.67 -10.56
CA GLN B 95 -12.16 12.58 -10.40
C GLN B 95 -12.87 11.21 -10.28
N GLN B 96 -13.83 11.08 -9.36
CA GLN B 96 -14.62 9.85 -9.30
C GLN B 96 -15.47 9.60 -10.55
N ARG B 97 -16.13 10.61 -11.03
CA ARG B 97 -17.00 10.40 -12.15
C ARG B 97 -16.19 9.90 -13.35
N LEU B 98 -15.05 10.52 -13.58
CA LEU B 98 -14.27 10.12 -14.73
C LEU B 98 -13.62 8.76 -14.57
N LEU B 99 -13.43 8.36 -13.31
CA LEU B 99 -12.87 7.05 -13.04
C LEU B 99 -13.89 5.96 -13.32
N LEU B 100 -15.18 6.24 -13.04
CA LEU B 100 -16.17 5.22 -13.30
C LEU B 100 -16.18 4.95 -14.81
N GLU B 101 -16.20 6.04 -15.57
CA GLU B 101 -16.18 5.97 -17.02
C GLU B 101 -14.91 5.33 -17.57
N THR B 102 -13.79 5.76 -17.04
CA THR B 102 -12.53 5.31 -17.55
C THR B 102 -12.32 3.85 -17.25
N SER B 103 -12.82 3.39 -16.11
CA SER B 103 -12.50 2.04 -15.71
C SER B 103 -13.39 1.06 -16.38
N TRP B 104 -14.63 1.47 -16.69
CA TRP B 104 -15.48 0.71 -17.60
C TRP B 104 -14.83 0.62 -19.02
N GLU B 105 -14.31 1.76 -19.51
CA GLU B 105 -13.70 1.78 -20.82
C GLU B 105 -12.58 0.79 -20.80
N LEU B 106 -11.86 0.80 -19.70
CA LEU B 106 -10.64 0.04 -19.65
C LEU B 106 -10.91 -1.45 -19.74
N VAL B 107 -11.94 -1.92 -19.05
CA VAL B 107 -12.21 -3.33 -19.10
C VAL B 107 -12.77 -3.65 -20.49
N GLU B 108 -13.71 -2.83 -20.97
CA GLU B 108 -14.27 -3.01 -22.31
C GLU B 108 -13.13 -3.12 -23.27
N ASN B 109 -12.16 -2.25 -23.08
CA ASN B 109 -10.99 -2.23 -23.97
C ASN B 109 -10.17 -3.51 -24.01
N ALA B 110 -10.07 -4.20 -22.87
CA ALA B 110 -9.29 -5.40 -22.82
C ALA B 110 -10.05 -6.58 -23.39
N GLY B 111 -11.20 -6.35 -24.00
CA GLY B 111 -11.95 -7.48 -24.56
C GLY B 111 -12.63 -8.34 -23.53
N ILE B 112 -13.00 -7.77 -22.39
CA ILE B 112 -13.75 -8.51 -21.35
C ILE B 112 -15.07 -7.84 -21.11
N ASP B 113 -16.13 -8.64 -21.00
CA ASP B 113 -17.45 -8.15 -20.55
C ASP B 113 -17.23 -7.74 -19.09
N PRO B 114 -17.44 -6.46 -18.78
CA PRO B 114 -17.29 -5.92 -17.39
C PRO B 114 -18.06 -6.67 -16.35
N HIS B 115 -19.33 -7.00 -16.64
CA HIS B 115 -20.15 -7.82 -15.76
C HIS B 115 -19.45 -9.10 -15.29
N SER B 116 -18.53 -9.67 -16.11
CA SER B 116 -17.79 -10.91 -15.73
C SER B 116 -16.77 -10.78 -14.60
N LEU B 117 -16.40 -9.55 -14.25
CA LEU B 117 -15.61 -9.32 -13.08
C LEU B 117 -16.44 -9.25 -11.78
N ARG B 118 -17.77 -9.15 -11.87
CA ARG B 118 -18.59 -9.22 -10.66
C ARG B 118 -18.23 -10.41 -9.77
N GLY B 119 -17.92 -10.15 -8.51
CA GLY B 119 -17.60 -11.22 -7.57
C GLY B 119 -16.17 -11.75 -7.58
N THR B 120 -15.33 -11.32 -8.51
CA THR B 120 -13.97 -11.78 -8.58
C THR B 120 -13.05 -10.94 -7.69
N ALA B 121 -11.86 -11.48 -7.36
CA ALA B 121 -10.83 -10.71 -6.63
C ALA B 121 -10.15 -9.63 -7.48
N THR B 122 -10.87 -9.02 -8.41
CA THR B 122 -10.29 -7.85 -9.09
C THR B 122 -10.06 -6.69 -8.10
N GLY B 123 -8.83 -6.15 -8.06
CA GLY B 123 -8.52 -5.08 -7.13
C GLY B 123 -8.30 -3.72 -7.74
N VAL B 124 -8.26 -2.66 -6.93
CA VAL B 124 -8.04 -1.30 -7.47
C VAL B 124 -6.99 -0.47 -6.72
N PHE B 125 -6.08 0.15 -7.47
CA PHE B 125 -4.93 0.84 -6.88
C PHE B 125 -4.85 2.20 -7.48
N LEU B 126 -5.23 3.24 -6.74
CA LEU B 126 -5.15 4.56 -7.32
C LEU B 126 -4.35 5.63 -6.58
N GLY B 127 -3.64 6.42 -7.40
CA GLY B 127 -3.20 7.76 -7.00
C GLY B 127 -4.35 8.77 -7.05
N VAL B 128 -4.72 9.39 -5.95
CA VAL B 128 -5.65 10.53 -5.98
C VAL B 128 -5.50 11.45 -4.77
N ALA B 129 -5.92 12.70 -4.91
CA ALA B 129 -5.88 13.72 -3.86
C ALA B 129 -7.11 14.58 -4.02
N LYS B 130 -7.51 15.28 -2.97
CA LYS B 130 -8.53 16.32 -3.19
C LYS B 130 -7.93 17.53 -3.94
N PHE B 131 -8.71 18.06 -4.88
CA PHE B 131 -8.64 19.49 -5.24
C PHE B 131 -10.00 19.96 -4.75
N GLY B 132 -10.14 21.22 -4.42
CA GLY B 132 -11.26 21.61 -3.57
C GLY B 132 -12.66 21.62 -4.15
N TYR B 133 -13.11 20.51 -4.73
CA TYR B 133 -14.49 20.37 -5.21
C TYR B 133 -15.54 20.42 -4.14
N GLY B 134 -15.31 19.76 -3.02
CA GLY B 134 -16.28 19.96 -1.94
C GLY B 134 -16.58 21.45 -1.69
N GLU B 135 -15.52 22.23 -1.46
CA GLU B 135 -15.60 23.36 -0.54
C GLU B 135 -16.27 24.64 -1.02
N ASP B 136 -17.24 25.05 -0.23
CA ASP B 136 -18.23 26.08 -0.55
C ASP B 136 -19.58 25.55 -1.07
N THR B 137 -20.59 25.73 -0.21
CA THR B 137 -22.06 25.83 -0.45
C THR B 137 -22.99 24.77 0.18
N ALA B 138 -22.47 24.14 1.24
CA ALA B 138 -23.29 23.59 2.35
C ALA B 138 -24.63 22.92 1.99
N ASP B 142 -26.73 17.16 3.04
CA ASP B 142 -27.27 16.04 2.29
C ASP B 142 -27.54 14.95 3.32
N VAL B 143 -28.82 14.61 3.52
CA VAL B 143 -29.28 13.47 4.38
C VAL B 143 -28.70 12.11 3.95
N GLU B 144 -28.07 12.07 2.79
CA GLU B 144 -27.47 10.83 2.32
C GLU B 144 -25.96 10.99 2.48
N GLY B 145 -25.54 12.19 2.85
CA GLY B 145 -24.12 12.56 2.94
C GLY B 145 -23.43 12.30 1.63
N TYR B 146 -24.08 12.67 0.54
CA TYR B 146 -23.47 12.63 -0.79
C TYR B 146 -22.20 13.48 -0.89
N SER B 147 -22.08 14.43 0.03
CA SER B 147 -21.15 15.51 -0.05
C SER B 147 -19.86 15.24 0.68
N VAL B 148 -19.86 14.20 1.53
CA VAL B 148 -18.59 13.77 2.11
C VAL B 148 -18.08 12.60 1.23
N THR B 149 -18.98 11.67 0.92
CA THR B 149 -18.69 10.56 0.05
C THR B 149 -18.34 10.95 -1.41
N GLY B 150 -18.63 12.18 -1.80
CA GLY B 150 -18.43 12.55 -3.19
C GLY B 150 -17.04 13.09 -3.52
N VAL B 151 -16.30 13.47 -2.48
CA VAL B 151 -14.97 14.09 -2.60
C VAL B 151 -13.88 13.30 -1.84
N ALA B 152 -14.27 12.23 -1.14
CA ALA B 152 -13.29 11.46 -0.39
C ALA B 152 -12.31 10.63 -1.32
N PRO B 153 -10.99 10.88 -1.22
CA PRO B 153 -10.13 10.05 -2.09
C PRO B 153 -10.33 8.56 -1.90
N ALA B 154 -10.65 8.12 -0.68
CA ALA B 154 -10.77 6.68 -0.40
C ALA B 154 -11.94 6.10 -1.16
N VAL B 155 -12.92 6.94 -1.49
CA VAL B 155 -14.13 6.45 -2.22
C VAL B 155 -13.86 6.33 -3.71
N ALA B 156 -12.90 7.11 -4.23
CA ALA B 156 -12.55 7.04 -5.64
C ALA B 156 -12.20 5.60 -6.00
N SER B 157 -11.52 4.91 -5.06
CA SER B 157 -11.21 3.48 -5.23
C SER B 157 -12.48 2.74 -5.03
N GLY B 158 -12.98 2.83 -3.80
CA GLY B 158 -14.15 2.15 -3.31
C GLY B 158 -15.27 2.12 -4.31
N ARG B 159 -15.58 3.30 -4.85
CA ARG B 159 -16.75 3.43 -5.72
C ARG B 159 -16.57 2.64 -7.00
N ILE B 160 -15.35 2.53 -7.50
CA ILE B 160 -15.08 1.62 -8.63
C ILE B 160 -15.37 0.18 -8.22
N SER B 161 -14.84 -0.27 -7.11
CA SER B 161 -15.20 -1.61 -6.66
C SER B 161 -16.72 -1.87 -6.46
N TYR B 162 -17.41 -0.96 -5.77
CA TYR B 162 -18.80 -1.13 -5.45
C TYR B 162 -19.69 -1.25 -6.69
N THR B 163 -19.39 -0.39 -7.62
CA THR B 163 -20.12 -0.24 -8.86
C THR B 163 -19.86 -1.43 -9.76
N MET B 164 -18.61 -1.86 -9.87
CA MET B 164 -18.28 -2.95 -10.74
C MET B 164 -18.29 -4.31 -10.02
N GLY B 165 -18.55 -4.34 -8.72
CA GLY B 165 -18.64 -5.62 -7.97
C GLY B 165 -17.31 -6.29 -7.65
N LEU B 166 -16.22 -5.53 -7.72
CA LEU B 166 -14.87 -6.10 -7.53
C LEU B 166 -14.66 -6.48 -6.07
N GLU B 167 -13.78 -7.44 -5.78
CA GLU B 167 -13.64 -7.83 -4.35
C GLU B 167 -12.21 -7.85 -3.86
N GLY B 168 -11.23 -7.65 -4.74
CA GLY B 168 -9.87 -7.40 -4.24
C GLY B 168 -9.74 -6.12 -3.43
N PRO B 169 -8.56 -5.88 -2.88
CA PRO B 169 -8.18 -4.60 -2.29
C PRO B 169 -8.54 -3.40 -3.19
N SER B 170 -9.09 -2.33 -2.61
CA SER B 170 -9.22 -1.06 -3.28
C SER B 170 -8.52 -0.05 -2.42
N ILE B 171 -7.38 0.43 -2.88
CA ILE B 171 -6.63 1.42 -2.15
C ILE B 171 -6.33 2.71 -2.95
N SER B 172 -6.45 3.82 -2.26
CA SER B 172 -6.04 5.08 -2.77
C SER B 172 -4.79 5.45 -2.03
N VAL B 173 -3.82 5.92 -2.82
CA VAL B 173 -2.45 6.28 -2.43
C VAL B 173 -2.15 7.77 -2.76
N ASP B 174 -1.51 8.49 -1.86
CA ASP B 174 -1.08 9.88 -2.15
C ASP B 174 0.41 9.92 -1.86
N THR B 175 1.21 9.96 -2.91
CA THR B 175 2.65 10.07 -2.78
C THR B 175 3.00 11.20 -3.73
N ALA B 176 2.01 12.03 -3.97
CA ALA B 176 2.13 13.16 -4.86
C ALA B 176 2.41 12.72 -6.30
N CYS B 177 3.20 13.37 -7.04
CA CYS B 177 3.62 13.21 -8.43
C CYS B 177 4.25 11.81 -8.63
N SER B 178 4.52 10.96 -7.71
CA SER B 178 4.69 9.52 -7.97
C SER B 178 3.48 8.62 -7.60
N SER B 179 2.36 9.22 -7.20
CA SER B 179 1.21 8.42 -6.77
C SER B 179 0.91 7.21 -7.68
N SER B 180 0.86 7.42 -9.00
CA SER B 180 0.41 6.35 -9.82
C SER B 180 1.47 5.23 -10.03
N LEU B 181 2.74 5.52 -9.83
CA LEU B 181 3.77 4.50 -10.01
C LEU B 181 3.89 3.68 -8.76
N VAL B 182 3.65 4.33 -7.65
CA VAL B 182 3.51 3.63 -6.40
C VAL B 182 2.36 2.62 -6.43
N ALA B 183 1.24 3.02 -6.99
CA ALA B 183 0.06 2.17 -7.12
C ALA B 183 0.38 0.92 -7.92
N LEU B 184 1.04 1.15 -9.07
CA LEU B 184 1.46 0.07 -9.97
C LEU B 184 2.29 -0.89 -9.17
N HIS B 185 3.16 -0.37 -8.30
CA HIS B 185 4.11 -1.19 -7.57
C HIS B 185 3.43 -2.05 -6.52
N LEU B 186 2.40 -1.50 -5.91
CA LEU B 186 1.61 -2.22 -4.94
C LEU B 186 0.76 -3.29 -5.58
N ALA B 187 0.26 -3.02 -6.77
CA ALA B 187 -0.63 -3.94 -7.47
C ALA B 187 0.14 -5.18 -7.95
N VAL B 188 1.38 -4.96 -8.39
CA VAL B 188 2.18 -6.09 -8.80
C VAL B 188 2.29 -7.08 -7.64
N GLU B 189 2.55 -6.57 -6.43
CA GLU B 189 2.73 -7.45 -5.29
C GLU B 189 1.42 -8.14 -5.05
N SER B 190 0.36 -7.37 -4.98
CA SER B 190 -0.91 -7.97 -4.78
C SER B 190 -1.10 -9.11 -5.77
N LEU B 191 -0.68 -8.89 -7.01
CA LEU B 191 -0.80 -9.88 -8.06
C LEU B 191 0.21 -11.00 -7.89
N ARG B 192 1.46 -10.63 -7.71
CA ARG B 192 2.57 -11.55 -7.44
C ARG B 192 2.16 -12.63 -6.45
N LYS B 193 1.28 -12.28 -5.51
CA LYS B 193 0.97 -13.20 -4.41
C LYS B 193 -0.47 -13.78 -4.40
N GLY B 194 -1.23 -13.51 -5.45
CA GLY B 194 -2.54 -14.15 -5.61
C GLY B 194 -3.63 -13.45 -4.83
N GLU B 195 -3.26 -12.35 -4.17
CA GLU B 195 -4.25 -11.62 -3.37
C GLU B 195 -5.26 -10.89 -4.24
N SER B 196 -4.88 -10.61 -5.50
CA SER B 196 -5.74 -9.96 -6.49
C SER B 196 -5.61 -10.79 -7.74
N SER B 197 -6.67 -10.99 -8.50
CA SER B 197 -6.53 -11.78 -9.76
C SER B 197 -6.28 -10.90 -10.98
N MET B 198 -6.90 -9.70 -11.02
CA MET B 198 -6.53 -8.62 -11.98
C MET B 198 -6.41 -7.39 -11.14
N ALA B 199 -5.74 -6.35 -11.65
CA ALA B 199 -5.78 -5.04 -10.98
C ALA B 199 -5.97 -3.88 -11.93
N VAL B 200 -6.83 -2.94 -11.51
CA VAL B 200 -7.04 -1.69 -12.16
C VAL B 200 -6.12 -0.70 -11.45
N VAL B 201 -5.32 0.03 -12.22
CA VAL B 201 -4.20 0.78 -11.62
C VAL B 201 -4.02 2.16 -12.26
N GLY B 202 -3.95 3.21 -11.45
CA GLY B 202 -3.78 4.48 -12.07
C GLY B 202 -3.84 5.70 -11.22
N GLY B 203 -4.23 6.80 -11.85
CA GLY B 203 -4.48 8.03 -11.15
C GLY B 203 -5.50 8.89 -11.86
N ALA B 204 -6.13 9.75 -11.07
CA ALA B 204 -7.03 10.77 -11.58
C ALA B 204 -6.52 12.07 -11.05
N ALA B 205 -6.52 13.13 -11.88
CA ALA B 205 -6.33 14.52 -11.38
C ALA B 205 -7.16 15.56 -12.16
N VAL B 206 -8.26 16.01 -11.58
CA VAL B 206 -9.06 17.02 -12.25
C VAL B 206 -9.15 18.17 -11.30
N MET B 207 -8.66 19.34 -11.71
CA MET B 207 -8.58 20.54 -10.87
C MET B 207 -9.97 21.21 -10.79
N ALA B 208 -10.66 21.07 -9.67
CA ALA B 208 -11.89 21.83 -9.37
C ALA B 208 -11.76 23.38 -9.30
N THR B 209 -10.69 23.84 -8.67
CA THR B 209 -10.39 25.27 -8.48
C THR B 209 -9.05 25.53 -9.16
N PRO B 210 -8.68 26.81 -9.38
CA PRO B 210 -7.30 27.17 -9.81
C PRO B 210 -6.26 27.21 -8.67
N GLY B 211 -6.65 26.74 -7.49
CA GLY B 211 -5.73 26.50 -6.36
C GLY B 211 -4.28 26.23 -6.67
N VAL B 212 -4.00 25.15 -7.40
CA VAL B 212 -2.59 24.84 -7.71
C VAL B 212 -1.90 25.96 -8.49
N PHE B 213 -2.63 26.71 -9.28
CA PHE B 213 -1.99 27.75 -10.05
C PHE B 213 -1.60 28.90 -9.17
N VAL B 214 -2.43 29.18 -8.19
CA VAL B 214 -2.21 30.35 -7.35
C VAL B 214 -1.07 30.02 -6.38
N ASP B 215 -1.24 28.91 -5.70
CA ASP B 215 -0.25 28.43 -4.78
C ASP B 215 1.15 28.43 -5.40
N PHE B 216 1.31 27.82 -6.59
CA PHE B 216 2.64 27.75 -7.21
C PHE B 216 3.14 29.04 -7.90
N SER B 217 2.22 29.93 -8.23
CA SER B 217 2.61 31.26 -8.66
C SER B 217 3.30 31.97 -7.50
N ARG B 218 2.77 31.81 -6.27
CA ARG B 218 3.42 32.41 -5.10
C ARG B 218 4.91 32.05 -5.06
N GLN B 219 5.23 30.83 -5.49
CA GLN B 219 6.58 30.26 -5.39
C GLN B 219 7.46 30.54 -6.58
N ARG B 220 6.91 31.21 -7.61
CA ARG B 220 7.58 31.34 -8.91
C ARG B 220 7.97 29.94 -9.49
N ALA B 221 7.12 28.94 -9.26
CA ALA B 221 7.40 27.56 -9.70
C ALA B 221 6.89 27.20 -11.08
N LEU B 222 6.04 28.04 -11.64
CA LEU B 222 5.42 27.81 -12.93
C LEU B 222 6.18 28.45 -14.07
N ALA B 223 6.44 27.67 -15.11
CA ALA B 223 6.78 28.17 -16.40
C ALA B 223 5.89 29.38 -16.83
N ALA B 224 6.46 30.46 -17.37
CA ALA B 224 5.63 31.56 -17.94
C ALA B 224 4.74 31.14 -19.16
N ASP B 225 5.35 30.50 -20.16
CA ASP B 225 4.68 29.82 -21.28
C ASP B 225 3.54 28.87 -20.89
N GLY B 226 3.64 28.32 -19.69
CA GLY B 226 2.91 27.12 -19.41
C GLY B 226 3.49 25.84 -20.02
N ARG B 227 4.58 25.90 -20.76
CA ARG B 227 5.18 24.67 -21.29
C ARG B 227 6.15 24.03 -20.30
N SER B 228 6.12 22.70 -20.27
CA SER B 228 7.05 21.93 -19.47
C SER B 228 8.22 21.55 -20.32
N LYS B 229 9.24 22.39 -20.34
CA LYS B 229 10.34 22.11 -21.26
C LYS B 229 11.36 21.10 -20.72
N ALA B 230 11.07 19.80 -20.81
CA ALA B 230 11.96 18.79 -20.20
C ALA B 230 13.36 18.64 -20.87
N PHE B 231 14.37 18.83 -20.03
CA PHE B 231 15.79 18.86 -20.42
C PHE B 231 16.15 19.87 -21.52
N GLY B 232 15.34 20.91 -21.67
CA GLY B 232 15.64 21.95 -22.63
C GLY B 232 16.28 23.14 -21.94
N ALA B 233 16.93 23.99 -22.73
CA ALA B 233 17.62 25.16 -22.25
C ALA B 233 16.67 26.17 -21.57
N GLY B 234 15.41 26.18 -22.01
CA GLY B 234 14.38 27.03 -21.42
C GLY B 234 13.65 26.53 -20.19
N ALA B 235 14.00 25.36 -19.66
CA ALA B 235 13.24 24.90 -18.51
C ALA B 235 12.99 26.03 -17.46
N ASP B 236 11.70 26.31 -17.29
CA ASP B 236 11.09 27.51 -16.70
C ASP B 236 10.33 27.25 -15.38
N GLY B 237 10.03 25.98 -15.11
CA GLY B 237 8.99 25.62 -14.16
C GLY B 237 7.96 24.61 -14.67
N PHE B 238 7.02 24.26 -13.79
CA PHE B 238 6.01 23.30 -14.14
C PHE B 238 4.97 23.92 -15.03
N GLY B 239 4.37 23.07 -15.84
CA GLY B 239 3.06 23.31 -16.42
C GLY B 239 2.09 22.21 -16.01
N PHE B 240 1.02 22.58 -15.30
CA PHE B 240 0.08 21.62 -14.75
C PHE B 240 -1.03 21.31 -15.67
N SER B 241 -1.45 20.03 -15.66
CA SER B 241 -2.52 19.46 -16.48
C SER B 241 -3.36 18.47 -15.66
N GLU B 242 -4.45 18.04 -16.26
CA GLU B 242 -5.38 17.21 -15.62
C GLU B 242 -5.23 15.87 -16.31
N GLY B 243 -5.43 14.79 -15.58
CA GLY B 243 -5.47 13.51 -16.26
C GLY B 243 -6.21 12.50 -15.46
N VAL B 244 -6.83 11.56 -16.16
CA VAL B 244 -7.36 10.38 -15.51
C VAL B 244 -6.94 9.15 -16.33
N THR B 245 -5.83 8.51 -15.91
CA THR B 245 -5.25 7.39 -16.69
C THR B 245 -5.23 6.07 -15.94
N LEU B 246 -5.49 5.00 -16.67
CA LEU B 246 -5.63 3.66 -16.11
C LEU B 246 -5.02 2.54 -16.98
N VAL B 247 -4.47 1.56 -16.31
CA VAL B 247 -4.02 0.35 -16.96
C VAL B 247 -4.62 -0.88 -16.20
N LEU B 248 -4.69 -2.02 -16.90
CA LEU B 248 -5.24 -3.25 -16.32
C LEU B 248 -4.18 -4.31 -16.31
N LEU B 249 -3.88 -4.76 -15.12
CA LEU B 249 -2.80 -5.66 -14.88
C LEU B 249 -3.26 -7.07 -14.48
N GLU B 250 -2.50 -8.05 -14.90
CA GLU B 250 -2.83 -9.42 -14.69
C GLU B 250 -1.48 -10.11 -14.84
N ARG B 251 -1.18 -11.10 -14.02
CA ARG B 251 0.00 -11.95 -14.29
C ARG B 251 -0.01 -12.57 -15.69
N LEU B 252 1.16 -12.62 -16.32
CA LEU B 252 1.26 -13.09 -17.69
C LEU B 252 0.62 -14.46 -17.81
N SER B 253 0.98 -15.38 -16.92
CA SER B 253 0.39 -16.75 -16.90
C SER B 253 -1.11 -16.76 -16.98
N GLU B 254 -1.75 -15.74 -16.42
CA GLU B 254 -3.20 -15.72 -16.29
C GLU B 254 -3.88 -15.10 -17.49
N ALA B 255 -3.27 -14.07 -18.04
CA ALA B 255 -3.63 -13.58 -19.36
C ALA B 255 -3.62 -14.71 -20.43
N ARG B 256 -2.54 -15.48 -20.52
CA ARG B 256 -2.50 -16.59 -21.50
C ARG B 256 -3.71 -17.51 -21.33
N ARG B 257 -3.74 -18.21 -20.22
CA ARG B 257 -4.88 -19.06 -19.80
C ARG B 257 -6.29 -18.49 -19.98
N ASN B 258 -6.50 -17.18 -19.85
CA ASN B 258 -7.81 -16.61 -20.15
C ASN B 258 -7.87 -16.16 -21.61
N GLY B 259 -6.69 -16.06 -22.24
CA GLY B 259 -6.58 -15.58 -23.62
C GLY B 259 -6.77 -14.08 -23.78
N HIS B 260 -6.21 -13.29 -22.86
CA HIS B 260 -6.29 -11.84 -23.00
C HIS B 260 -5.04 -11.33 -23.70
N GLU B 261 -5.20 -10.49 -24.70
CA GLU B 261 -4.07 -9.87 -25.33
C GLU B 261 -3.19 -9.09 -24.34
N VAL B 262 -1.90 -9.25 -24.52
CA VAL B 262 -0.89 -8.69 -23.67
C VAL B 262 -0.24 -7.55 -24.48
N LEU B 263 -0.41 -6.32 -24.01
CA LEU B 263 0.24 -5.16 -24.63
C LEU B 263 1.71 -5.06 -24.22
N ALA B 264 2.01 -5.46 -22.98
CA ALA B 264 3.33 -5.34 -22.39
C ALA B 264 3.44 -5.96 -21.01
N VAL B 265 4.61 -5.82 -20.39
CA VAL B 265 4.99 -6.70 -19.32
C VAL B 265 5.75 -5.87 -18.34
N VAL B 266 5.32 -5.92 -17.10
CA VAL B 266 5.98 -5.14 -16.07
C VAL B 266 7.06 -6.10 -15.60
N ARG B 267 8.29 -5.76 -15.87
CA ARG B 267 9.37 -6.69 -15.57
C ARG B 267 9.84 -6.54 -14.12
N GLY B 268 9.98 -5.31 -13.66
CA GLY B 268 10.27 -5.01 -12.27
C GLY B 268 10.17 -3.51 -11.98
N SER B 269 10.39 -3.13 -10.74
CA SER B 269 10.13 -1.79 -10.29
C SER B 269 10.69 -1.61 -8.89
N ALA B 270 10.94 -0.36 -8.51
CA ALA B 270 11.45 -0.06 -7.17
C ALA B 270 10.89 1.24 -6.64
N LEU B 271 10.84 1.33 -5.32
CA LEU B 271 10.43 2.54 -4.63
C LEU B 271 11.46 2.87 -3.59
N ASN B 272 11.66 4.16 -3.36
CA ASN B 272 12.53 4.55 -2.30
C ASN B 272 12.28 6.03 -1.98
N GLN B 273 13.12 6.61 -1.13
CA GLN B 273 12.83 7.89 -0.56
C GLN B 273 14.15 8.49 -0.52
N ASP B 274 14.25 9.77 -0.77
CA ASP B 274 15.57 10.30 -0.71
C ASP B 274 15.98 10.98 0.59
N GLY B 275 15.18 10.78 1.67
CA GLY B 275 15.52 11.16 3.02
C GLY B 275 16.05 12.56 3.20
N ALA B 276 17.26 12.67 3.75
CA ALA B 276 17.85 13.97 4.03
C ALA B 276 18.43 14.62 2.79
N SER B 277 17.58 15.02 1.85
CA SER B 277 17.91 15.94 0.79
C SER B 277 18.17 17.37 1.32
N ASN B 278 18.62 18.26 0.45
CA ASN B 278 18.68 19.72 0.66
C ASN B 278 17.34 20.44 0.74
N GLY B 279 16.34 19.77 1.27
CA GLY B 279 15.06 20.42 1.49
C GLY B 279 13.94 19.45 1.27
N LEU B 280 12.90 19.59 2.08
CA LEU B 280 11.70 18.78 1.91
C LEU B 280 11.27 18.78 0.46
N SER B 281 11.37 19.94 -0.16
CA SER B 281 11.12 20.18 -1.59
C SER B 281 12.00 19.44 -2.65
N ALA B 282 13.27 19.25 -2.37
CA ALA B 282 14.24 19.16 -3.46
C ALA B 282 14.58 17.72 -3.86
N PRO B 283 14.84 17.46 -5.16
CA PRO B 283 15.21 16.07 -5.53
C PRO B 283 16.58 15.61 -4.96
N SER B 284 16.89 14.33 -5.08
CA SER B 284 18.15 13.82 -4.60
C SER B 284 18.70 12.86 -5.64
N GLY B 285 19.88 13.17 -6.16
CA GLY B 285 20.45 12.45 -7.25
C GLY B 285 20.92 11.11 -6.77
N PRO B 286 21.62 11.07 -5.61
CA PRO B 286 21.94 9.75 -5.12
C PRO B 286 20.66 8.95 -4.97
N ALA B 287 19.62 9.53 -4.38
CA ALA B 287 18.40 8.75 -4.19
C ALA B 287 17.89 8.17 -5.51
N GLN B 288 18.03 8.90 -6.61
CA GLN B 288 17.49 8.48 -7.91
C GLN B 288 18.33 7.38 -8.52
N ARG B 289 19.64 7.49 -8.32
CA ARG B 289 20.55 6.54 -8.86
C ARG B 289 20.19 5.23 -8.26
N ARG B 290 19.85 5.28 -6.96
CA ARG B 290 19.55 4.10 -6.14
C ARG B 290 18.24 3.41 -6.49
N VAL B 291 17.15 4.15 -6.65
CA VAL B 291 15.92 3.48 -7.08
C VAL B 291 16.10 2.78 -8.45
N ILE B 292 16.86 3.39 -9.36
CA ILE B 292 17.09 2.92 -10.71
C ILE B 292 17.77 1.58 -10.65
N ARG B 293 18.94 1.56 -9.98
CA ARG B 293 19.72 0.35 -9.65
C ARG B 293 18.94 -0.77 -8.97
N GLN B 294 18.05 -0.42 -8.04
CA GLN B 294 17.27 -1.41 -7.29
C GLN B 294 16.15 -1.95 -8.19
N ALA B 295 15.63 -1.11 -9.10
CA ALA B 295 14.69 -1.58 -10.13
C ALA B 295 15.33 -2.62 -11.05
N LEU B 296 16.54 -2.32 -11.56
CA LEU B 296 17.27 -3.23 -12.42
C LEU B 296 17.56 -4.54 -11.74
N GLU B 297 17.97 -4.49 -10.48
CA GLU B 297 18.34 -5.71 -9.79
C GLU B 297 17.08 -6.52 -9.41
N SER B 298 15.98 -5.85 -9.15
CA SER B 298 14.81 -6.60 -8.71
C SER B 298 14.28 -7.52 -9.82
N CYS B 299 14.57 -7.23 -11.08
CA CYS B 299 14.20 -8.23 -12.12
C CYS B 299 15.32 -9.06 -12.78
N GLY B 300 16.58 -8.80 -12.43
CA GLY B 300 17.72 -9.49 -13.01
C GLY B 300 18.31 -8.80 -14.24
N LEU B 301 18.07 -7.52 -14.39
CA LEU B 301 18.59 -6.80 -15.53
C LEU B 301 19.79 -5.98 -15.15
N GLU B 302 20.66 -5.73 -16.13
CA GLU B 302 21.76 -4.80 -16.01
C GLU B 302 21.29 -3.60 -16.81
N PRO B 303 21.85 -2.41 -16.56
CA PRO B 303 21.40 -1.18 -17.29
C PRO B 303 21.39 -1.32 -18.81
N GLY B 304 22.41 -1.99 -19.35
CA GLY B 304 22.56 -2.13 -20.77
C GLY B 304 21.36 -2.69 -21.50
N ASP B 305 20.53 -3.42 -20.75
CA ASP B 305 19.34 -4.09 -21.27
C ASP B 305 18.18 -3.15 -21.53
N VAL B 306 18.33 -1.88 -21.15
CA VAL B 306 17.22 -0.91 -21.27
C VAL B 306 17.44 0.10 -22.42
N ASP B 307 16.46 0.19 -23.32
CA ASP B 307 16.64 0.97 -24.54
C ASP B 307 16.26 2.45 -24.42
N ALA B 308 15.38 2.80 -23.46
CA ALA B 308 14.82 4.14 -23.35
C ALA B 308 14.22 4.45 -22.00
N VAL B 309 14.27 5.71 -21.58
CA VAL B 309 13.60 6.11 -20.32
C VAL B 309 12.66 7.19 -20.59
N GLU B 310 11.45 7.02 -20.06
CA GLU B 310 10.41 8.04 -20.11
C GLU B 310 10.49 8.64 -18.75
N ALA B 311 11.09 9.80 -18.71
CA ALA B 311 11.49 10.34 -17.42
C ALA B 311 10.34 11.01 -16.63
N HIS B 312 10.67 11.37 -15.40
CA HIS B 312 9.80 12.25 -14.65
C HIS B 312 9.70 13.62 -15.33
N GLY B 313 10.84 14.12 -15.77
CA GLY B 313 10.97 15.39 -16.54
C GLY B 313 9.89 16.43 -16.40
N THR B 314 9.96 17.24 -15.35
CA THR B 314 8.95 18.27 -15.09
C THR B 314 9.29 19.59 -15.79
N GLY B 315 10.57 19.81 -16.03
CA GLY B 315 10.98 21.02 -16.72
C GLY B 315 11.31 22.13 -15.75
N THR B 316 11.75 21.70 -14.57
CA THR B 316 12.01 22.55 -13.44
C THR B 316 13.47 22.83 -13.62
N ALA B 317 13.88 24.10 -13.56
CA ALA B 317 15.29 24.45 -13.76
C ALA B 317 16.24 23.56 -12.94
N LEU B 318 15.86 23.26 -11.68
CA LEU B 318 16.75 22.57 -10.74
C LEU B 318 16.65 21.04 -10.84
N GLY B 319 15.50 20.53 -11.25
CA GLY B 319 15.27 19.08 -11.20
C GLY B 319 15.66 18.25 -12.41
N ASP B 320 15.62 18.86 -13.61
CA ASP B 320 16.11 18.22 -14.85
C ASP B 320 17.60 17.81 -14.77
N PRO B 321 18.51 18.76 -14.47
CA PRO B 321 19.91 18.34 -14.38
C PRO B 321 20.06 17.18 -13.43
N ILE B 322 19.45 17.31 -12.23
CA ILE B 322 19.50 16.24 -11.22
C ILE B 322 19.02 14.94 -11.81
N GLU B 323 17.82 14.94 -12.40
CA GLU B 323 17.35 13.72 -13.07
C GLU B 323 18.31 13.15 -14.12
N ALA B 324 18.87 14.00 -15.01
CA ALA B 324 19.66 13.51 -16.18
C ALA B 324 20.99 12.90 -15.73
N ASN B 325 21.71 13.63 -14.85
CA ASN B 325 22.93 13.12 -14.26
C ASN B 325 22.74 11.82 -13.60
N ALA B 326 21.56 11.57 -13.06
CA ALA B 326 21.37 10.33 -12.39
C ALA B 326 21.22 9.21 -13.45
N LEU B 327 20.68 9.54 -14.60
CA LEU B 327 20.67 8.61 -15.68
C LEU B 327 22.08 8.40 -16.26
N LEU B 328 22.86 9.48 -16.33
CA LEU B 328 24.20 9.41 -16.83
C LEU B 328 25.13 8.61 -15.91
N ASP B 329 24.76 8.43 -14.65
CA ASP B 329 25.58 7.74 -13.66
C ASP B 329 25.20 6.26 -13.51
N THR B 330 24.04 5.93 -14.04
CA THR B 330 23.60 4.55 -14.02
C THR B 330 23.62 4.02 -15.43
N TYR B 331 22.61 4.40 -16.18
CA TYR B 331 22.43 3.87 -17.51
C TYR B 331 23.56 4.24 -18.44
N GLY B 332 24.00 5.49 -18.35
CA GLY B 332 25.06 6.03 -19.18
C GLY B 332 26.49 5.59 -18.91
N ARG B 333 26.75 4.82 -17.83
CA ARG B 333 28.13 4.41 -17.44
C ARG B 333 28.86 3.44 -18.41
N ASP B 334 28.41 2.20 -18.50
CA ASP B 334 28.82 1.28 -19.59
C ASP B 334 28.24 1.98 -20.81
N ARG B 335 28.33 1.41 -22.01
CA ARG B 335 27.81 2.08 -23.18
C ARG B 335 28.42 1.63 -24.48
N ASP B 336 27.59 1.39 -25.49
CA ASP B 336 28.10 1.43 -26.84
C ASP B 336 27.85 2.86 -27.20
N ALA B 337 28.90 3.51 -27.70
CA ALA B 337 28.79 4.84 -28.28
C ALA B 337 27.89 4.79 -29.54
N ASP B 338 27.19 3.67 -29.72
CA ASP B 338 26.22 3.56 -30.81
C ASP B 338 24.89 2.91 -30.37
N ARG B 339 24.66 2.88 -29.05
CA ARG B 339 23.37 2.50 -28.45
C ARG B 339 23.11 3.36 -27.21
N PRO B 340 22.85 4.64 -27.39
CA PRO B 340 22.72 5.39 -26.13
C PRO B 340 21.36 5.17 -25.53
N LEU B 341 21.18 5.59 -24.30
CA LEU B 341 19.87 5.53 -23.72
C LEU B 341 19.04 6.71 -24.19
N TRP B 342 17.89 6.41 -24.79
CA TRP B 342 17.00 7.43 -25.36
C TRP B 342 16.19 8.00 -24.20
N LEU B 343 16.15 9.33 -24.09
CA LEU B 343 15.44 10.04 -23.04
C LEU B 343 14.37 10.96 -23.64
N GLY B 344 13.16 10.91 -23.08
CA GLY B 344 12.10 11.88 -23.37
C GLY B 344 11.13 11.98 -22.20
N SER B 345 10.05 12.73 -22.38
CA SER B 345 9.01 12.85 -21.34
C SER B 345 7.68 13.21 -21.93
N VAL B 346 6.62 12.54 -21.50
CA VAL B 346 5.27 12.95 -21.91
C VAL B 346 4.90 14.38 -21.51
N LYS B 347 5.42 14.84 -20.38
CA LYS B 347 5.01 16.16 -19.91
C LYS B 347 5.27 17.30 -20.95
N SER B 348 6.25 17.12 -21.84
CA SER B 348 6.49 18.03 -22.95
C SER B 348 5.31 18.06 -23.92
N ASN B 349 4.78 16.91 -24.26
CA ASN B 349 3.55 16.91 -24.98
C ASN B 349 2.34 17.44 -24.20
N ILE B 350 2.08 16.87 -23.03
CA ILE B 350 0.78 17.09 -22.37
C ILE B 350 0.85 17.65 -20.96
N GLY B 351 1.97 18.19 -20.54
CA GLY B 351 2.06 18.75 -19.20
C GLY B 351 2.13 17.70 -18.07
N HIS B 352 2.12 18.18 -16.84
CA HIS B 352 2.34 17.37 -15.67
C HIS B 352 1.01 17.03 -15.00
N THR B 353 0.59 15.77 -15.08
CA THR B 353 -0.79 15.38 -14.78
C THR B 353 -0.92 14.88 -13.33
N GLN B 354 0.09 15.23 -12.53
CA GLN B 354 0.05 15.12 -11.07
C GLN B 354 -0.07 13.67 -10.70
N ALA B 355 -1.20 13.26 -10.15
CA ALA B 355 -1.35 11.86 -9.72
C ALA B 355 -1.41 10.94 -10.91
N ALA B 356 -1.83 11.46 -12.06
CA ALA B 356 -1.91 10.62 -13.25
C ALA B 356 -0.55 10.59 -14.00
N ALA B 357 0.46 11.28 -13.44
CA ALA B 357 1.76 11.48 -14.12
C ALA B 357 2.48 10.22 -14.49
N GLY B 358 2.78 9.36 -13.53
CA GLY B 358 3.58 8.16 -13.80
C GLY B 358 2.93 7.10 -14.69
N VAL B 359 1.68 6.72 -14.39
CA VAL B 359 0.95 5.81 -15.24
C VAL B 359 0.75 6.43 -16.62
N THR B 360 0.75 7.76 -16.75
CA THR B 360 0.71 8.32 -18.12
C THR B 360 2.04 8.05 -18.82
N GLY B 361 3.12 8.06 -18.04
CA GLY B 361 4.45 7.63 -18.50
C GLY B 361 4.36 6.25 -19.15
N LEU B 362 3.71 5.32 -18.45
CA LEU B 362 3.45 3.99 -18.99
C LEU B 362 2.72 3.98 -20.34
N LEU B 363 1.61 4.73 -20.42
CA LEU B 363 0.81 4.75 -21.64
C LEU B 363 1.67 4.96 -22.85
N LYS B 364 2.51 5.99 -22.80
CA LYS B 364 3.41 6.34 -23.88
C LYS B 364 4.31 5.15 -24.11
N VAL B 365 4.86 4.62 -23.03
CA VAL B 365 5.83 3.57 -23.21
C VAL B 365 5.20 2.41 -23.94
N VAL B 366 3.98 2.04 -23.54
CA VAL B 366 3.36 0.84 -24.04
C VAL B 366 2.87 1.08 -25.46
N LEU B 367 2.61 2.35 -25.75
CA LEU B 367 2.13 2.76 -27.03
C LEU B 367 3.30 2.84 -27.98
N ALA B 368 4.46 3.22 -27.46
CA ALA B 368 5.64 3.23 -28.32
C ALA B 368 5.95 1.78 -28.66
N LEU B 369 5.94 0.92 -27.63
CA LEU B 369 6.15 -0.53 -27.84
C LEU B 369 5.32 -1.01 -29.01
N ARG B 370 4.01 -0.96 -28.86
CA ARG B 370 3.14 -1.50 -29.87
C ARG B 370 3.06 -0.75 -31.20
N ASN B 371 3.44 0.53 -31.24
CA ASN B 371 3.53 1.19 -32.56
C ASN B 371 4.94 1.27 -33.12
N GLY B 372 5.88 0.51 -32.55
CA GLY B 372 7.21 0.34 -33.08
C GLY B 372 8.10 1.57 -33.16
N GLU B 373 7.86 2.55 -32.28
CA GLU B 373 8.73 3.73 -32.23
C GLU B 373 8.63 4.63 -31.01
N LEU B 374 9.69 5.42 -30.83
CA LEU B 374 9.81 6.37 -29.74
C LEU B 374 9.59 7.81 -30.22
N PRO B 375 8.53 8.48 -29.68
CA PRO B 375 8.21 9.82 -30.13
C PRO B 375 9.25 10.80 -29.65
N ALA B 376 9.19 12.02 -30.16
CA ALA B 376 10.17 13.04 -29.85
C ALA B 376 9.68 13.57 -28.53
N THR B 377 10.59 14.17 -27.74
CA THR B 377 10.20 15.05 -26.64
C THR B 377 10.31 16.43 -27.21
N LEU B 378 9.65 17.41 -26.59
CA LEU B 378 9.57 18.72 -27.21
C LEU B 378 10.35 19.76 -26.44
N HIS B 379 10.56 20.92 -27.05
CA HIS B 379 11.31 22.01 -26.43
C HIS B 379 12.71 21.59 -26.09
N VAL B 380 13.38 20.97 -27.04
CA VAL B 380 14.78 20.59 -26.83
C VAL B 380 15.73 21.03 -27.91
N GLU B 381 15.36 22.01 -28.74
CA GLU B 381 16.27 22.60 -29.77
C GLU B 381 17.69 22.71 -29.25
N GLU B 382 17.82 23.12 -27.98
CA GLU B 382 19.06 23.10 -27.22
C GLU B 382 18.82 22.40 -25.88
N PRO B 383 19.60 21.34 -25.57
CA PRO B 383 19.52 20.68 -24.28
C PRO B 383 20.04 21.59 -23.18
N THR B 384 19.61 21.36 -21.95
CA THR B 384 20.09 22.16 -20.82
C THR B 384 21.62 22.13 -20.72
N PRO B 385 22.23 23.31 -20.49
CA PRO B 385 23.70 23.34 -20.37
C PRO B 385 24.24 22.80 -19.04
N HIS B 386 23.40 22.32 -18.15
CA HIS B 386 23.91 21.90 -16.86
C HIS B 386 24.20 20.41 -16.79
N VAL B 387 24.39 19.80 -17.94
CA VAL B 387 24.60 18.37 -18.05
C VAL B 387 25.63 18.16 -19.17
N ASP B 388 26.53 17.18 -19.03
CA ASP B 388 27.38 16.78 -20.14
C ASP B 388 26.66 15.75 -20.99
N TRP B 389 26.14 16.16 -22.13
CA TRP B 389 25.36 15.23 -22.92
C TRP B 389 26.17 14.31 -23.85
N SER B 390 26.80 14.88 -24.88
CA SER B 390 27.51 14.11 -25.91
C SER B 390 28.76 13.38 -25.35
N SER B 391 28.93 13.48 -24.02
CA SER B 391 29.91 12.74 -23.23
C SER B 391 29.22 11.71 -22.31
N GLY B 392 29.30 10.43 -22.65
CA GLY B 392 28.46 9.46 -21.95
C GLY B 392 27.15 9.24 -22.70
N GLY B 393 26.45 8.13 -22.43
CA GLY B 393 25.48 7.65 -23.38
C GLY B 393 24.01 7.74 -23.03
N VAL B 394 23.53 8.98 -22.91
CA VAL B 394 22.11 9.29 -22.75
C VAL B 394 21.77 10.39 -23.73
N ALA B 395 20.76 10.17 -24.56
CA ALA B 395 20.56 10.95 -25.79
C ALA B 395 19.13 11.37 -25.91
N LEU B 396 18.87 12.66 -25.79
CA LEU B 396 17.47 13.09 -25.79
C LEU B 396 16.84 12.67 -27.10
N LEU B 397 15.53 12.40 -27.07
CA LEU B 397 14.85 11.98 -28.28
C LEU B 397 14.43 13.24 -29.09
N ALA B 398 15.40 14.01 -29.56
CA ALA B 398 15.08 15.17 -30.40
C ALA B 398 14.17 14.86 -31.61
N GLY B 399 14.26 13.67 -32.19
CA GLY B 399 13.22 13.21 -33.12
C GLY B 399 12.68 11.84 -32.73
N ASN B 400 11.75 11.33 -33.52
CA ASN B 400 11.22 10.00 -33.25
C ASN B 400 12.18 8.96 -33.82
N GLN B 401 12.41 7.88 -33.08
CA GLN B 401 13.36 6.83 -33.52
C GLN B 401 12.66 5.48 -33.72
N PRO B 402 13.10 4.70 -34.70
CA PRO B 402 12.53 3.37 -34.77
C PRO B 402 12.88 2.62 -33.53
N TRP B 403 11.93 1.79 -33.11
CA TRP B 403 12.07 0.95 -31.96
C TRP B 403 11.26 -0.28 -32.24
N ARG B 404 11.81 -1.20 -33.05
CA ARG B 404 11.03 -2.31 -33.67
C ARG B 404 11.40 -3.66 -33.15
N ARG B 405 10.42 -4.57 -33.05
CA ARG B 405 10.70 -5.99 -32.75
C ARG B 405 11.84 -6.51 -33.61
N GLY B 406 12.92 -6.88 -32.96
CA GLY B 406 14.08 -7.40 -33.67
C GLY B 406 14.63 -8.58 -32.90
N GLU B 407 15.95 -8.73 -32.92
CA GLU B 407 16.62 -9.79 -32.20
C GLU B 407 16.71 -9.44 -30.72
N ARG B 408 16.89 -8.15 -30.45
CA ARG B 408 17.15 -7.58 -29.13
C ARG B 408 15.82 -7.25 -28.43
N THR B 409 15.67 -7.69 -27.18
CA THR B 409 14.41 -7.40 -26.50
C THR B 409 14.26 -5.90 -26.28
N ARG B 410 13.03 -5.41 -26.44
CA ARG B 410 12.79 -4.01 -26.22
C ARG B 410 12.40 -3.82 -24.79
N ARG B 411 13.07 -2.88 -24.14
CA ARG B 411 12.75 -2.48 -22.77
C ARG B 411 12.98 -0.99 -22.60
N ALA B 412 12.21 -0.42 -21.68
CA ALA B 412 12.25 1.00 -21.35
C ALA B 412 11.67 1.15 -19.95
N ALA B 413 11.93 2.27 -19.31
CA ALA B 413 11.62 2.47 -17.92
C ALA B 413 10.91 3.80 -17.65
N VAL B 414 10.14 3.84 -16.57
CA VAL B 414 9.37 5.03 -16.28
C VAL B 414 9.80 5.44 -14.93
N SER B 415 10.04 6.73 -14.77
CA SER B 415 10.39 7.12 -13.46
C SER B 415 9.48 8.23 -13.08
N ALA B 416 9.19 8.33 -11.80
CA ALA B 416 8.30 9.35 -11.24
C ALA B 416 8.83 9.73 -9.85
N PHE B 417 8.91 11.01 -9.54
CA PHE B 417 9.55 11.46 -8.26
C PHE B 417 8.77 12.58 -7.57
N GLY B 418 8.00 12.30 -6.53
CA GLY B 418 7.19 13.36 -5.92
C GLY B 418 7.91 14.37 -4.99
N ILE B 419 7.23 15.49 -4.68
CA ILE B 419 7.81 16.49 -3.77
C ILE B 419 7.91 16.00 -2.32
N SER B 420 7.21 14.92 -1.95
CA SER B 420 7.38 14.37 -0.61
C SER B 420 8.65 13.51 -0.57
N GLY B 421 9.26 13.25 -1.73
CA GLY B 421 10.52 12.52 -1.78
C GLY B 421 10.49 11.00 -2.01
N THR B 422 9.32 10.47 -2.40
CA THR B 422 9.22 9.06 -2.62
C THR B 422 9.34 8.86 -4.14
N ASN B 423 10.17 7.91 -4.54
CA ASN B 423 10.58 7.75 -5.94
C ASN B 423 10.21 6.39 -6.41
N ALA B 424 9.83 6.31 -7.67
CA ALA B 424 9.57 5.06 -8.33
C ALA B 424 10.36 4.96 -9.62
N HIS B 425 10.54 3.71 -10.08
CA HIS B 425 11.18 3.46 -11.34
C HIS B 425 10.77 2.09 -11.82
N VAL B 426 10.00 2.06 -12.89
CA VAL B 426 9.38 0.82 -13.34
C VAL B 426 10.01 0.43 -14.66
N ILE B 427 10.24 -0.88 -14.82
CA ILE B 427 10.83 -1.39 -16.03
C ILE B 427 9.79 -2.15 -16.82
N VAL B 428 9.58 -1.69 -18.04
CA VAL B 428 8.59 -2.27 -18.94
C VAL B 428 9.25 -3.01 -20.08
N GLU B 429 8.66 -4.11 -20.50
CA GLU B 429 9.23 -4.96 -21.53
C GLU B 429 8.17 -5.26 -22.60
N GLU B 430 8.54 -5.34 -23.87
CA GLU B 430 7.59 -5.77 -24.89
C GLU B 430 7.00 -7.13 -24.51
N ALA B 431 5.73 -7.33 -24.82
CA ALA B 431 5.08 -8.61 -24.79
C ALA B 431 5.83 -9.65 -25.62
N PRO B 432 5.74 -10.94 -25.22
CA PRO B 432 6.35 -11.98 -26.06
C PRO B 432 5.54 -12.13 -27.35
N GLU B 433 6.15 -12.65 -28.40
CA GLU B 433 5.54 -12.61 -29.72
C GLU B 433 4.26 -13.44 -29.79
N ARG B 434 3.44 -13.10 -30.79
CA ARG B 434 2.11 -13.69 -30.97
C ARG B 434 2.15 -15.18 -31.27
N THR B 439 -6.97 -14.92 -40.21
CA THR B 439 -8.37 -14.83 -40.63
C THR B 439 -8.96 -16.24 -40.74
N THR B 440 -8.85 -16.97 -39.62
CA THR B 440 -9.25 -18.38 -39.44
C THR B 440 -10.67 -18.77 -39.91
N ALA B 441 -10.84 -18.82 -41.23
CA ALA B 441 -12.15 -19.09 -41.87
C ALA B 441 -13.23 -18.06 -41.51
N HIS B 442 -14.32 -18.03 -42.30
CA HIS B 442 -15.41 -17.06 -42.10
C HIS B 442 -16.69 -17.30 -42.90
N ASP B 443 -16.74 -16.72 -44.11
CA ASP B 443 -17.97 -16.27 -44.77
C ASP B 443 -18.98 -17.33 -45.20
N GLY B 444 -20.07 -16.87 -45.81
CA GLY B 444 -21.32 -17.60 -45.91
C GLY B 444 -21.78 -17.73 -44.46
N ARG B 445 -23.08 -17.87 -44.23
CA ARG B 445 -23.55 -18.29 -42.89
C ARG B 445 -24.08 -17.15 -42.01
N PRO B 446 -25.17 -17.42 -41.27
CA PRO B 446 -25.82 -16.44 -40.41
C PRO B 446 -25.01 -16.11 -39.19
N VAL B 447 -25.00 -14.82 -38.84
CA VAL B 447 -24.30 -14.30 -37.66
C VAL B 447 -25.17 -13.33 -36.88
N PRO B 448 -25.45 -13.67 -35.61
CA PRO B 448 -26.17 -12.78 -34.69
C PRO B 448 -25.36 -11.61 -34.18
N LEU B 449 -25.94 -10.44 -34.34
CA LEU B 449 -25.37 -9.24 -33.78
C LEU B 449 -26.35 -8.79 -32.73
N VAL B 450 -25.87 -8.72 -31.49
CA VAL B 450 -26.62 -8.27 -30.35
C VAL B 450 -25.93 -7.04 -29.79
N VAL B 451 -26.68 -5.96 -29.62
CA VAL B 451 -26.23 -4.80 -28.89
C VAL B 451 -27.14 -4.55 -27.70
N SER B 452 -26.59 -3.93 -26.67
CA SER B 452 -27.38 -3.49 -25.54
C SER B 452 -26.85 -2.18 -24.92
N ALA B 453 -27.66 -1.56 -24.10
CA ALA B 453 -27.29 -0.32 -23.43
C ALA B 453 -28.38 0.00 -22.41
N ARG B 454 -28.06 0.87 -21.45
CA ARG B 454 -28.90 1.04 -20.28
C ARG B 454 -30.02 2.07 -20.48
N SER B 455 -30.05 2.63 -21.69
CA SER B 455 -31.14 3.52 -22.08
C SER B 455 -31.43 3.42 -23.58
N THR B 456 -32.61 3.90 -23.95
CA THR B 456 -33.05 3.95 -25.32
C THR B 456 -32.05 4.75 -26.16
N ALA B 457 -31.68 5.94 -25.69
CA ALA B 457 -30.74 6.78 -26.45
C ALA B 457 -29.38 6.07 -26.62
N ALA B 458 -28.90 5.46 -25.53
CA ALA B 458 -27.67 4.66 -25.55
C ALA B 458 -27.72 3.45 -26.49
N LEU B 459 -28.86 2.80 -26.60
CA LEU B 459 -28.96 1.67 -27.51
C LEU B 459 -28.86 2.19 -28.96
N ARG B 460 -29.62 3.24 -29.27
CA ARG B 460 -29.55 3.86 -30.59
C ARG B 460 -28.12 4.26 -30.95
N ALA B 461 -27.40 4.84 -29.99
CA ALA B 461 -26.03 5.25 -30.24
C ALA B 461 -25.19 4.00 -30.41
N GLN B 462 -25.38 3.05 -29.50
CA GLN B 462 -24.60 1.83 -29.55
C GLN B 462 -24.81 1.12 -30.89
N ALA B 463 -26.03 1.09 -31.42
CA ALA B 463 -26.23 0.51 -32.76
C ALA B 463 -25.47 1.31 -33.87
N ALA B 464 -25.48 2.64 -33.76
CA ALA B 464 -24.91 3.48 -34.81
C ALA B 464 -23.37 3.38 -34.91
N GLN B 465 -22.67 3.38 -33.78
CA GLN B 465 -21.24 3.19 -33.85
C GLN B 465 -20.92 1.77 -34.33
N ILE B 466 -21.76 0.78 -34.08
CA ILE B 466 -21.48 -0.56 -34.65
C ILE B 466 -21.89 -0.62 -36.14
N ALA B 467 -22.99 0.04 -36.49
CA ALA B 467 -23.30 0.33 -37.89
C ALA B 467 -22.05 0.84 -38.58
N GLU B 468 -21.43 1.90 -38.08
CA GLU B 468 -20.32 2.46 -38.82
C GLU B 468 -19.01 1.66 -38.76
N LEU B 469 -18.89 0.71 -37.83
CA LEU B 469 -17.76 -0.19 -37.78
C LEU B 469 -17.84 -1.19 -38.89
N LEU B 470 -19.02 -1.73 -39.10
CA LEU B 470 -19.18 -2.85 -40.01
C LEU B 470 -18.97 -2.46 -41.46
N GLU B 471 -19.33 -1.23 -41.79
CA GLU B 471 -19.14 -0.76 -43.13
C GLU B 471 -17.71 -0.30 -43.41
N ARG B 472 -16.85 -0.32 -42.39
CA ARG B 472 -15.41 -0.17 -42.59
C ARG B 472 -14.82 -1.49 -43.09
N PRO B 473 -14.59 -1.62 -44.41
CA PRO B 473 -14.55 -2.96 -45.00
C PRO B 473 -13.36 -3.76 -44.49
N ASP B 474 -12.38 -3.01 -44.00
CA ASP B 474 -11.31 -3.48 -43.14
C ASP B 474 -11.51 -4.92 -42.66
N ALA B 475 -12.35 -5.12 -41.64
CA ALA B 475 -12.57 -6.45 -41.08
C ALA B 475 -13.96 -6.61 -40.43
N ASP B 476 -14.45 -7.86 -40.45
CA ASP B 476 -15.88 -8.04 -40.61
C ASP B 476 -16.62 -9.08 -39.73
N LEU B 477 -17.54 -9.77 -40.38
CA LEU B 477 -18.86 -10.02 -39.83
C LEU B 477 -18.97 -10.86 -38.53
N ALA B 478 -18.43 -12.08 -38.53
CA ALA B 478 -18.51 -12.93 -37.36
C ALA B 478 -17.65 -12.43 -36.17
N GLY B 479 -16.51 -11.79 -36.46
CA GLY B 479 -15.68 -11.16 -35.42
C GLY B 479 -16.49 -10.13 -34.66
N VAL B 480 -17.23 -9.29 -35.37
CA VAL B 480 -18.05 -8.29 -34.69
C VAL B 480 -19.13 -9.01 -33.89
N GLY B 481 -19.76 -10.03 -34.50
CA GLY B 481 -20.63 -10.95 -33.82
C GLY B 481 -20.13 -11.61 -32.53
N LEU B 482 -18.94 -12.21 -32.57
CA LEU B 482 -18.33 -12.79 -31.41
C LEU B 482 -17.92 -11.73 -30.36
N GLY B 483 -17.34 -10.64 -30.84
CA GLY B 483 -16.93 -9.54 -29.96
C GLY B 483 -18.12 -8.94 -29.21
N LEU B 484 -19.22 -8.73 -29.90
CA LEU B 484 -20.44 -8.28 -29.26
C LEU B 484 -21.02 -9.22 -28.21
N ALA B 485 -20.87 -10.53 -28.41
CA ALA B 485 -21.48 -11.51 -27.51
C ALA B 485 -20.64 -11.81 -26.24
N THR B 486 -19.35 -12.00 -26.39
CA THR B 486 -18.57 -12.48 -25.28
C THR B 486 -17.82 -11.37 -24.56
N THR B 487 -18.04 -10.14 -25.00
CA THR B 487 -17.12 -9.07 -24.75
C THR B 487 -17.71 -7.72 -24.26
N ARG B 488 -19.04 -7.63 -24.27
CA ARG B 488 -19.78 -6.48 -23.73
C ARG B 488 -20.75 -7.00 -22.71
N ALA B 489 -21.05 -6.17 -21.71
CA ALA B 489 -22.09 -6.51 -20.77
C ALA B 489 -23.41 -6.52 -21.55
N ARG B 490 -24.35 -7.31 -21.03
CA ARG B 490 -25.70 -7.33 -21.58
C ARG B 490 -26.60 -6.46 -20.71
N HIS B 491 -27.13 -5.42 -21.30
CA HIS B 491 -27.88 -4.48 -20.51
C HIS B 491 -29.38 -4.61 -20.76
N GLU B 492 -30.14 -3.72 -20.14
CA GLU B 492 -31.58 -3.82 -20.03
C GLU B 492 -32.26 -3.63 -21.36
N HIS B 493 -31.79 -2.67 -22.13
CA HIS B 493 -32.27 -2.43 -23.50
C HIS B 493 -31.44 -3.21 -24.50
N ARG B 494 -32.06 -4.16 -25.19
CA ARG B 494 -31.37 -5.08 -26.12
C ARG B 494 -31.94 -5.06 -27.53
N ALA B 495 -31.07 -5.23 -28.51
CA ALA B 495 -31.56 -5.43 -29.82
C ALA B 495 -30.65 -6.43 -30.55
N ALA B 496 -31.17 -7.09 -31.59
CA ALA B 496 -30.41 -8.11 -32.29
C ALA B 496 -30.71 -8.15 -33.76
N VAL B 497 -29.67 -8.34 -34.57
CA VAL B 497 -29.85 -8.50 -36.00
C VAL B 497 -29.33 -9.85 -36.39
N VAL B 498 -30.12 -10.63 -37.10
CA VAL B 498 -29.53 -11.79 -37.75
C VAL B 498 -29.33 -11.54 -39.24
N ALA B 499 -28.09 -11.65 -39.67
CA ALA B 499 -27.67 -11.18 -40.96
C ALA B 499 -26.56 -12.11 -41.40
N SER B 500 -26.41 -12.29 -42.70
CA SER B 500 -25.34 -13.18 -43.16
C SER B 500 -24.43 -12.42 -44.13
N THR B 501 -24.72 -11.14 -44.26
CA THR B 501 -24.02 -10.26 -45.16
C THR B 501 -23.97 -8.91 -44.46
N ARG B 502 -22.78 -8.30 -44.46
CA ARG B 502 -22.52 -7.00 -43.83
C ARG B 502 -23.41 -5.82 -44.25
N GLU B 503 -23.76 -5.68 -45.54
CA GLU B 503 -24.76 -4.66 -45.91
C GLU B 503 -26.11 -4.93 -45.22
N GLU B 504 -26.53 -6.19 -45.17
CA GLU B 504 -27.71 -6.61 -44.42
C GLU B 504 -27.63 -6.07 -42.96
N ALA B 505 -26.55 -6.42 -42.27
CA ALA B 505 -26.33 -6.00 -40.88
C ALA B 505 -26.36 -4.48 -40.68
N VAL B 506 -25.64 -3.70 -41.48
CA VAL B 506 -25.66 -2.29 -41.16
C VAL B 506 -27.05 -1.77 -41.42
N ARG B 507 -27.68 -2.35 -42.44
CA ARG B 507 -29.02 -1.96 -42.84
C ARG B 507 -29.98 -2.05 -41.64
N GLY B 508 -29.77 -3.05 -40.77
CA GLY B 508 -30.63 -3.28 -39.59
C GLY B 508 -30.18 -2.64 -38.27
N LEU B 509 -28.88 -2.36 -38.14
CA LEU B 509 -28.38 -1.53 -37.05
C LEU B 509 -28.90 -0.09 -37.22
N ARG B 510 -28.75 0.46 -38.42
CA ARG B 510 -29.40 1.69 -38.84
C ARG B 510 -30.89 1.80 -38.47
N GLU B 511 -31.67 0.80 -38.86
CA GLU B 511 -33.06 0.76 -38.47
C GLU B 511 -33.17 0.91 -36.93
N ILE B 512 -32.33 0.18 -36.17
CA ILE B 512 -32.34 0.33 -34.71
C ILE B 512 -31.93 1.72 -34.23
N ALA B 513 -30.85 2.26 -34.82
CA ALA B 513 -30.36 3.57 -34.46
C ALA B 513 -31.43 4.59 -34.70
N ALA B 514 -32.16 4.39 -35.79
CA ALA B 514 -33.17 5.33 -36.25
C ALA B 514 -34.49 5.31 -35.47
N GLY B 515 -34.57 4.50 -34.41
CA GLY B 515 -35.81 4.39 -33.62
C GLY B 515 -37.02 3.88 -34.39
N ALA B 516 -36.85 3.70 -35.72
CA ALA B 516 -37.88 3.18 -36.66
C ALA B 516 -38.07 1.66 -36.55
N ALA B 517 -37.71 1.15 -35.38
CA ALA B 517 -38.22 -0.11 -34.86
C ALA B 517 -38.13 -1.28 -35.85
N THR B 518 -39.22 -1.50 -36.56
CA THR B 518 -39.41 -2.81 -37.16
C THR B 518 -38.72 -2.89 -38.54
N ALA B 519 -38.95 -4.03 -39.20
CA ALA B 519 -37.98 -4.68 -40.07
C ALA B 519 -37.97 -6.12 -39.63
N ASP B 520 -37.78 -7.01 -40.59
CA ASP B 520 -38.14 -8.41 -40.45
C ASP B 520 -37.22 -9.15 -39.50
N ALA B 521 -35.95 -9.26 -39.87
CA ALA B 521 -34.93 -9.92 -39.05
C ALA B 521 -34.31 -8.99 -37.99
N VAL B 522 -35.02 -7.92 -37.63
CA VAL B 522 -34.61 -7.07 -36.52
C VAL B 522 -35.52 -7.18 -35.29
N VAL B 523 -34.94 -7.61 -34.18
CA VAL B 523 -35.67 -7.75 -32.94
C VAL B 523 -35.14 -6.81 -31.85
N GLU B 524 -36.06 -6.13 -31.18
CA GLU B 524 -35.80 -5.21 -30.08
C GLU B 524 -36.53 -5.67 -28.82
N GLY B 525 -35.99 -5.34 -27.64
CA GLY B 525 -36.63 -5.62 -26.38
C GLY B 525 -35.94 -5.03 -25.17
N VAL B 526 -36.53 -5.28 -24.01
CA VAL B 526 -36.16 -4.61 -22.78
C VAL B 526 -36.36 -5.63 -21.70
N THR B 527 -35.43 -5.73 -20.77
CA THR B 527 -35.52 -6.72 -19.69
C THR B 527 -34.79 -6.29 -18.40
N GLU B 528 -35.34 -6.68 -17.25
CA GLU B 528 -34.70 -6.38 -15.97
C GLU B 528 -34.23 -7.65 -15.24
N VAL B 529 -33.94 -8.73 -15.96
CA VAL B 529 -33.52 -9.96 -15.27
C VAL B 529 -32.14 -10.60 -15.66
N ASP B 530 -31.62 -10.31 -16.85
CA ASP B 530 -30.34 -10.91 -17.24
C ASP B 530 -30.32 -12.46 -17.10
N GLY B 531 -31.45 -13.14 -17.34
CA GLY B 531 -31.55 -14.61 -17.20
C GLY B 531 -32.95 -14.97 -16.72
N ARG B 532 -33.46 -16.16 -17.05
CA ARG B 532 -34.76 -16.61 -16.51
C ARG B 532 -35.01 -18.10 -16.31
N ASN B 533 -36.13 -18.43 -15.66
CA ASN B 533 -36.60 -19.83 -15.46
C ASN B 533 -37.36 -20.27 -16.67
N VAL B 534 -36.73 -21.17 -17.43
CA VAL B 534 -37.16 -21.53 -18.77
C VAL B 534 -37.97 -22.78 -18.77
N VAL B 535 -39.11 -22.70 -19.46
CA VAL B 535 -39.94 -23.85 -19.69
C VAL B 535 -39.98 -24.15 -21.17
N PHE B 536 -39.66 -25.39 -21.53
CA PHE B 536 -39.84 -25.87 -22.90
C PHE B 536 -41.20 -26.55 -23.01
N LEU B 537 -41.98 -26.13 -24.01
CA LEU B 537 -43.32 -26.68 -24.22
C LEU B 537 -43.37 -27.47 -25.48
N PHE B 538 -43.75 -28.74 -25.41
CA PHE B 538 -43.84 -29.59 -26.62
C PHE B 538 -45.29 -29.90 -27.02
N PRO B 539 -45.72 -29.29 -28.12
CA PRO B 539 -47.12 -29.35 -28.56
C PRO B 539 -47.46 -30.67 -29.20
N GLY B 540 -48.75 -30.94 -29.42
CA GLY B 540 -49.18 -32.12 -30.10
C GLY B 540 -49.10 -31.87 -31.57
N GLN B 541 -49.71 -32.78 -32.34
CA GLN B 541 -49.73 -32.70 -33.80
C GLN B 541 -50.57 -31.51 -34.22
N GLY B 542 -50.28 -30.99 -35.41
CA GLY B 542 -50.96 -29.80 -35.91
C GLY B 542 -49.99 -28.81 -36.52
N SER B 543 -48.76 -28.80 -36.00
CA SER B 543 -47.73 -27.81 -36.38
C SER B 543 -46.84 -28.26 -37.55
N GLN B 544 -47.21 -29.34 -38.20
CA GLN B 544 -46.37 -29.93 -39.21
C GLN B 544 -46.49 -29.20 -40.52
N TRP B 545 -45.34 -28.92 -41.13
CA TRP B 545 -45.31 -28.56 -42.53
C TRP B 545 -44.42 -29.51 -43.37
N ALA B 546 -44.71 -29.59 -44.66
CA ALA B 546 -43.88 -30.39 -45.56
C ALA B 546 -42.41 -29.93 -45.62
N GLY B 547 -42.15 -28.64 -45.48
CA GLY B 547 -40.73 -28.25 -45.30
C GLY B 547 -40.08 -28.93 -44.07
N MET B 548 -40.61 -28.64 -42.88
CA MET B 548 -39.96 -28.94 -41.61
C MET B 548 -38.42 -28.91 -41.54
N GLY B 549 -37.75 -30.03 -41.28
CA GLY B 549 -36.33 -29.90 -40.90
C GLY B 549 -35.24 -29.85 -41.97
N ALA B 550 -35.64 -29.74 -43.23
CA ALA B 550 -34.71 -29.92 -44.32
C ALA B 550 -33.45 -29.05 -44.20
N GLU B 551 -33.59 -27.72 -44.25
CA GLU B 551 -32.41 -26.82 -44.27
C GLU B 551 -31.49 -27.10 -43.08
N LEU B 552 -32.13 -27.30 -41.92
CA LEU B 552 -31.47 -27.62 -40.64
C LEU B 552 -30.58 -28.86 -40.66
N LEU B 553 -31.06 -29.89 -41.34
CA LEU B 553 -30.35 -31.15 -41.48
C LEU B 553 -29.01 -30.95 -42.17
N SER B 554 -28.95 -29.97 -43.08
CA SER B 554 -27.78 -29.73 -43.89
C SER B 554 -26.90 -28.60 -43.37
N SER B 555 -27.35 -27.88 -42.36
CA SER B 555 -26.58 -26.75 -41.82
C SER B 555 -26.25 -26.88 -40.33
N SER B 556 -26.73 -27.94 -39.69
CA SER B 556 -26.61 -28.05 -38.25
C SER B 556 -26.36 -29.49 -37.76
N PRO B 557 -25.12 -29.77 -37.36
CA PRO B 557 -24.64 -31.10 -36.96
C PRO B 557 -25.36 -31.63 -35.73
N VAL B 558 -25.61 -30.76 -34.75
CA VAL B 558 -26.39 -31.05 -33.55
C VAL B 558 -27.83 -31.54 -33.86
N PHE B 559 -28.52 -30.86 -34.76
CA PHE B 559 -29.88 -31.23 -35.13
C PHE B 559 -29.91 -32.51 -35.95
N ALA B 560 -29.07 -32.60 -36.98
CA ALA B 560 -28.97 -33.83 -37.77
C ALA B 560 -28.47 -34.94 -36.87
N GLY B 561 -27.72 -34.56 -35.84
CA GLY B 561 -27.33 -35.48 -34.77
C GLY B 561 -28.51 -36.28 -34.26
N LYS B 562 -29.47 -35.59 -33.66
CA LYS B 562 -30.61 -36.26 -33.09
C LYS B 562 -31.51 -36.93 -34.11
N ILE B 563 -31.77 -36.24 -35.21
CA ILE B 563 -32.54 -36.85 -36.27
C ILE B 563 -31.96 -38.21 -36.62
N ARG B 564 -30.63 -38.30 -36.66
CA ARG B 564 -29.93 -39.55 -37.01
C ARG B 564 -30.06 -40.57 -35.90
N ALA B 565 -29.86 -40.15 -34.65
CA ALA B 565 -30.08 -41.03 -33.49
C ALA B 565 -31.52 -41.60 -33.42
N CYS B 566 -32.52 -40.75 -33.68
CA CYS B 566 -33.93 -41.16 -33.70
C CYS B 566 -34.20 -42.19 -34.78
N ASP B 567 -33.72 -41.95 -36.00
CA ASP B 567 -33.81 -42.94 -37.07
C ASP B 567 -33.18 -44.27 -36.69
N GLU B 568 -32.05 -44.18 -36.01
CA GLU B 568 -31.39 -45.33 -35.42
C GLU B 568 -32.27 -46.03 -34.37
N SER B 569 -32.91 -45.28 -33.48
CA SER B 569 -33.75 -45.91 -32.45
C SER B 569 -35.06 -46.51 -32.97
N MET B 570 -35.58 -45.92 -34.05
CA MET B 570 -36.87 -46.27 -34.66
C MET B 570 -36.79 -47.35 -35.74
N ALA B 571 -35.58 -47.67 -36.21
CA ALA B 571 -35.41 -48.61 -37.32
C ALA B 571 -36.09 -49.96 -37.19
N PRO B 572 -36.02 -50.61 -36.00
CA PRO B 572 -36.68 -51.93 -35.85
C PRO B 572 -38.20 -51.89 -35.85
N MET B 573 -38.75 -50.68 -35.69
CA MET B 573 -40.18 -50.44 -35.54
C MET B 573 -40.82 -50.03 -36.87
N GLN B 574 -40.02 -49.55 -37.83
CA GLN B 574 -40.54 -49.16 -39.17
C GLN B 574 -39.51 -49.30 -40.29
N ASP B 575 -39.89 -49.03 -41.54
CA ASP B 575 -38.94 -49.13 -42.68
C ASP B 575 -38.67 -47.81 -43.42
N TRP B 576 -39.44 -46.79 -43.10
CA TRP B 576 -39.17 -45.48 -43.61
C TRP B 576 -38.43 -44.78 -42.50
N LYS B 577 -37.72 -43.72 -42.86
CA LYS B 577 -36.96 -43.00 -41.86
C LYS B 577 -37.18 -41.52 -41.95
N VAL B 578 -37.23 -40.92 -40.79
CA VAL B 578 -37.49 -39.50 -40.58
C VAL B 578 -36.66 -38.58 -41.47
N SER B 579 -35.35 -38.82 -41.60
CA SER B 579 -34.56 -37.92 -42.44
C SER B 579 -35.17 -37.95 -43.84
N ASP B 580 -35.64 -39.13 -44.27
CA ASP B 580 -36.14 -39.28 -45.61
C ASP B 580 -37.43 -38.52 -45.78
N VAL B 581 -38.38 -38.68 -44.88
CA VAL B 581 -39.58 -37.81 -44.88
C VAL B 581 -39.27 -36.29 -44.75
N LEU B 582 -38.30 -35.92 -43.91
CA LEU B 582 -37.93 -34.51 -43.76
C LEU B 582 -37.34 -34.01 -45.07
N ARG B 583 -36.75 -34.94 -45.83
CA ARG B 583 -36.09 -34.58 -47.07
C ARG B 583 -37.09 -34.54 -48.20
N GLN B 584 -38.15 -35.32 -48.07
CA GLN B 584 -39.13 -35.49 -49.13
C GLN B 584 -38.44 -36.18 -50.31
N ALA B 585 -37.88 -37.35 -50.01
CA ALA B 585 -37.15 -38.14 -50.97
C ALA B 585 -38.16 -38.93 -51.76
N PRO B 586 -37.85 -39.27 -53.02
CA PRO B 586 -38.79 -40.20 -53.68
C PRO B 586 -39.07 -41.40 -52.75
N GLY B 587 -40.33 -41.76 -52.57
CA GLY B 587 -40.71 -42.85 -51.66
C GLY B 587 -40.97 -42.42 -50.21
N ALA B 588 -40.80 -41.13 -49.92
CA ALA B 588 -41.03 -40.64 -48.57
C ALA B 588 -42.46 -40.92 -48.18
N PRO B 589 -42.69 -41.54 -47.03
CA PRO B 589 -44.07 -41.46 -46.56
C PRO B 589 -44.39 -39.98 -46.36
N GLY B 590 -45.64 -39.60 -46.55
CA GLY B 590 -46.04 -38.19 -46.46
C GLY B 590 -46.83 -37.93 -45.19
N LEU B 591 -46.86 -36.67 -44.80
CA LEU B 591 -47.45 -36.26 -43.52
C LEU B 591 -48.97 -36.19 -43.61
N ASP B 592 -49.60 -37.36 -43.75
CA ASP B 592 -51.06 -37.53 -43.79
C ASP B 592 -51.45 -38.55 -42.74
N ARG B 593 -50.64 -39.60 -42.64
CA ARG B 593 -50.91 -40.67 -41.73
C ARG B 593 -50.26 -40.36 -40.38
N VAL B 594 -51.13 -40.20 -39.39
CA VAL B 594 -50.77 -40.07 -38.00
C VAL B 594 -49.55 -40.91 -37.54
N ASP B 595 -49.40 -42.13 -38.06
CA ASP B 595 -48.30 -43.02 -37.65
C ASP B 595 -46.97 -42.70 -38.35
N VAL B 596 -46.98 -41.71 -39.24
CA VAL B 596 -45.77 -41.13 -39.77
C VAL B 596 -45.56 -39.76 -39.13
N VAL B 597 -46.65 -39.03 -38.96
CA VAL B 597 -46.59 -37.67 -38.47
C VAL B 597 -46.00 -37.64 -37.07
N GLN B 598 -46.55 -38.50 -36.20
CA GLN B 598 -46.30 -38.44 -34.75
C GLN B 598 -44.87 -38.83 -34.42
N PRO B 599 -44.36 -39.90 -35.04
CA PRO B 599 -42.91 -40.10 -34.93
C PRO B 599 -42.07 -38.94 -35.49
N VAL B 600 -42.40 -38.44 -36.69
CA VAL B 600 -41.54 -37.42 -37.34
C VAL B 600 -41.47 -36.22 -36.40
N LEU B 601 -42.63 -35.81 -35.92
CA LEU B 601 -42.75 -34.68 -35.02
C LEU B 601 -41.96 -34.91 -33.75
N PHE B 602 -41.93 -36.14 -33.29
CA PHE B 602 -41.23 -36.43 -32.05
C PHE B 602 -39.78 -36.09 -32.29
N ALA B 603 -39.24 -36.66 -33.36
CA ALA B 603 -37.86 -36.45 -33.78
C ALA B 603 -37.51 -34.95 -33.93
N VAL B 604 -38.31 -34.23 -34.69
CA VAL B 604 -38.14 -32.81 -34.88
C VAL B 604 -38.17 -32.12 -33.54
N MET B 605 -39.25 -32.30 -32.80
CA MET B 605 -39.39 -31.53 -31.57
C MET B 605 -38.19 -31.88 -30.72
N VAL B 606 -37.93 -33.18 -30.56
CA VAL B 606 -36.79 -33.55 -29.70
C VAL B 606 -35.44 -33.03 -30.18
N SER B 607 -35.28 -32.86 -31.49
CA SER B 607 -34.01 -32.43 -32.08
C SER B 607 -33.76 -30.95 -31.92
N LEU B 608 -34.86 -30.18 -31.85
CA LEU B 608 -34.79 -28.74 -31.63
C LEU B 608 -34.43 -28.45 -30.22
N ALA B 609 -35.03 -29.20 -29.33
CA ALA B 609 -34.74 -29.16 -27.91
C ALA B 609 -33.23 -29.28 -27.75
N GLU B 610 -32.64 -30.32 -28.36
CA GLU B 610 -31.21 -30.45 -28.48
C GLU B 610 -30.50 -29.17 -28.99
N LEU B 611 -30.95 -28.64 -30.13
CA LEU B 611 -30.33 -27.45 -30.72
C LEU B 611 -30.32 -26.28 -29.72
N TRP B 612 -31.49 -25.96 -29.14
CA TRP B 612 -31.57 -25.01 -27.98
C TRP B 612 -30.53 -25.21 -26.87
N ARG B 613 -30.21 -26.47 -26.55
CA ARG B 613 -29.32 -26.78 -25.46
C ARG B 613 -27.88 -26.50 -25.88
N SER B 614 -27.56 -26.79 -27.14
CA SER B 614 -26.33 -26.33 -27.80
C SER B 614 -25.94 -24.92 -27.44
N TYR B 615 -26.89 -23.99 -27.48
CA TYR B 615 -26.60 -22.59 -27.21
C TYR B 615 -26.87 -22.31 -25.73
N GLY B 616 -26.73 -23.34 -24.90
CA GLY B 616 -26.86 -23.18 -23.46
C GLY B 616 -28.24 -22.92 -22.89
N VAL B 617 -29.30 -23.01 -23.68
CA VAL B 617 -30.62 -22.95 -23.04
C VAL B 617 -31.07 -24.30 -22.46
N GLU B 618 -30.94 -24.44 -21.14
CA GLU B 618 -31.42 -25.61 -20.38
C GLU B 618 -32.77 -25.30 -19.77
N PRO B 619 -33.79 -26.12 -20.07
CA PRO B 619 -35.10 -25.96 -19.43
C PRO B 619 -35.06 -26.34 -17.95
N ALA B 620 -35.70 -25.51 -17.13
CA ALA B 620 -35.95 -25.83 -15.75
C ALA B 620 -37.19 -26.72 -15.62
N ALA B 621 -38.07 -26.70 -16.61
CA ALA B 621 -39.19 -27.63 -16.68
C ALA B 621 -39.69 -27.85 -18.10
N VAL B 622 -40.35 -28.98 -18.33
CA VAL B 622 -41.08 -29.22 -19.54
C VAL B 622 -42.57 -29.50 -19.24
N VAL B 623 -43.37 -29.45 -20.31
CA VAL B 623 -44.81 -29.57 -20.27
C VAL B 623 -45.05 -29.97 -21.70
N GLY B 624 -46.03 -30.83 -21.92
CA GLY B 624 -46.33 -31.33 -23.26
C GLY B 624 -47.81 -31.50 -23.49
N HIS B 625 -48.22 -31.32 -24.73
CA HIS B 625 -49.60 -31.46 -25.10
C HIS B 625 -49.82 -32.84 -25.73
N SER B 626 -50.59 -33.72 -25.06
CA SER B 626 -50.99 -35.01 -25.56
C SER B 626 -49.74 -35.86 -25.87
N GLN B 627 -49.65 -36.39 -27.09
CA GLN B 627 -48.49 -37.18 -27.46
C GLN B 627 -47.20 -36.35 -27.27
N GLY B 628 -47.32 -35.01 -27.24
CA GLY B 628 -46.16 -34.15 -26.98
C GLY B 628 -45.46 -34.42 -25.64
N GLU B 629 -46.15 -35.07 -24.72
CA GLU B 629 -45.55 -35.36 -23.44
C GLU B 629 -44.43 -36.38 -23.62
N ILE B 630 -44.52 -37.21 -24.65
CA ILE B 630 -43.48 -38.22 -24.91
C ILE B 630 -42.20 -37.45 -25.14
N ALA B 631 -42.25 -36.44 -26.00
CA ALA B 631 -41.06 -35.64 -26.32
C ALA B 631 -40.57 -34.89 -25.08
N ALA B 632 -41.52 -34.24 -24.39
CA ALA B 632 -41.24 -33.60 -23.12
C ALA B 632 -40.47 -34.58 -22.27
N ALA B 633 -41.09 -35.74 -22.01
CA ALA B 633 -40.50 -36.80 -21.15
C ALA B 633 -39.07 -37.25 -21.54
N HIS B 634 -38.84 -37.39 -22.84
CA HIS B 634 -37.48 -37.71 -23.28
C HIS B 634 -36.52 -36.57 -23.03
N VAL B 635 -37.01 -35.34 -23.10
CA VAL B 635 -36.07 -34.28 -22.96
C VAL B 635 -35.68 -34.06 -21.50
N ALA B 636 -36.62 -34.17 -20.57
CA ALA B 636 -36.26 -34.20 -19.13
C ALA B 636 -35.39 -35.45 -18.83
N GLY B 637 -35.49 -36.46 -19.68
CA GLY B 637 -34.67 -37.62 -19.55
C GLY B 637 -35.30 -38.66 -18.67
N ALA B 638 -36.63 -38.67 -18.58
CA ALA B 638 -37.36 -39.75 -17.93
C ALA B 638 -37.47 -40.98 -18.84
N LEU B 639 -37.15 -40.81 -20.12
CA LEU B 639 -37.28 -41.88 -21.12
C LEU B 639 -36.06 -41.88 -21.99
N THR B 640 -35.40 -43.04 -22.12
CA THR B 640 -34.37 -43.26 -23.12
C THR B 640 -34.98 -42.97 -24.50
N LEU B 641 -34.12 -42.80 -25.50
CA LEU B 641 -34.61 -42.60 -26.86
C LEU B 641 -35.34 -43.80 -27.39
N GLU B 642 -34.89 -44.99 -26.98
CA GLU B 642 -35.56 -46.18 -27.47
C GLU B 642 -36.94 -46.35 -26.82
N ASP B 643 -37.13 -45.87 -25.60
CA ASP B 643 -38.42 -46.12 -24.94
C ASP B 643 -39.47 -45.09 -25.46
N ALA B 644 -39.07 -43.82 -25.47
CA ALA B 644 -39.74 -42.72 -26.22
C ALA B 644 -40.22 -43.10 -27.61
N ALA B 645 -39.31 -43.59 -28.45
CA ALA B 645 -39.72 -44.09 -29.77
C ALA B 645 -40.77 -45.22 -29.67
N LYS B 646 -40.46 -46.23 -28.85
CA LYS B 646 -41.36 -47.37 -28.64
C LYS B 646 -42.80 -46.82 -28.41
N LEU B 647 -42.94 -45.94 -27.41
CA LEU B 647 -44.17 -45.23 -27.12
C LEU B 647 -44.78 -44.45 -28.27
N VAL B 648 -44.02 -43.55 -28.88
CA VAL B 648 -44.61 -42.70 -29.91
C VAL B 648 -45.11 -43.53 -31.07
N VAL B 649 -44.36 -44.56 -31.42
CA VAL B 649 -44.73 -45.41 -32.55
C VAL B 649 -45.88 -46.39 -32.21
N GLY B 650 -45.78 -47.04 -31.04
CA GLY B 650 -46.80 -47.96 -30.63
C GLY B 650 -48.11 -47.22 -30.71
N ARG B 651 -48.14 -46.07 -30.06
CA ARG B 651 -49.37 -45.33 -29.89
C ARG B 651 -49.96 -44.98 -31.23
N SER B 652 -49.17 -44.39 -32.11
CA SER B 652 -49.75 -43.92 -33.37
C SER B 652 -50.06 -45.04 -34.35
N ARG B 653 -49.34 -46.16 -34.32
CA ARG B 653 -49.75 -47.24 -35.18
C ARG B 653 -51.20 -47.66 -34.89
N LEU B 654 -51.54 -47.66 -33.60
CA LEU B 654 -52.90 -47.93 -33.14
C LEU B 654 -53.89 -46.89 -33.69
N MET B 655 -53.58 -45.60 -33.49
CA MET B 655 -54.44 -44.53 -34.00
C MET B 655 -54.80 -44.79 -35.46
N ARG B 656 -53.80 -45.19 -36.25
CA ARG B 656 -53.98 -45.58 -37.65
C ARG B 656 -54.89 -46.80 -37.87
N SER B 657 -54.89 -47.76 -36.94
CA SER B 657 -55.90 -48.84 -37.01
C SER B 657 -57.29 -48.24 -36.78
N LEU B 658 -57.42 -47.34 -35.80
CA LEU B 658 -58.73 -46.72 -35.47
C LEU B 658 -59.29 -45.69 -36.49
N SER B 659 -58.71 -45.65 -37.69
CA SER B 659 -59.09 -44.61 -38.65
C SER B 659 -60.49 -44.82 -39.17
N GLY B 660 -61.32 -43.77 -39.04
CA GLY B 660 -62.71 -43.81 -39.45
C GLY B 660 -63.63 -44.01 -38.26
N GLU B 661 -63.15 -44.75 -37.25
CA GLU B 661 -63.93 -45.01 -35.99
C GLU B 661 -64.41 -43.77 -35.17
N GLY B 662 -63.70 -42.65 -35.20
CA GLY B 662 -64.05 -41.48 -34.36
C GLY B 662 -63.66 -40.10 -34.94
N GLY B 663 -63.79 -39.03 -34.14
CA GLY B 663 -63.46 -37.67 -34.57
C GLY B 663 -63.33 -36.55 -33.53
N MET B 664 -62.70 -35.45 -33.96
CA MET B 664 -62.33 -34.34 -33.07
C MET B 664 -62.61 -32.96 -33.67
N ALA B 665 -62.82 -31.97 -32.79
CA ALA B 665 -63.14 -30.60 -33.21
C ALA B 665 -62.75 -29.56 -32.15
N ALA B 666 -62.32 -28.38 -32.60
CA ALA B 666 -62.09 -27.18 -31.74
C ALA B 666 -63.34 -26.34 -31.60
N VAL B 667 -63.69 -25.95 -30.38
CA VAL B 667 -64.85 -25.14 -30.09
C VAL B 667 -64.42 -23.83 -29.45
N ALA B 668 -64.86 -22.73 -30.04
CA ALA B 668 -64.62 -21.38 -29.50
C ALA B 668 -65.51 -21.12 -28.29
N LEU B 669 -65.25 -21.80 -27.17
CA LEU B 669 -66.10 -21.71 -25.97
C LEU B 669 -65.35 -22.14 -24.73
N GLY B 670 -65.81 -21.72 -23.54
CA GLY B 670 -65.20 -22.12 -22.26
C GLY B 670 -65.57 -23.53 -21.80
N GLU B 671 -64.72 -24.17 -20.97
CA GLU B 671 -64.91 -25.59 -20.63
C GLU B 671 -66.32 -25.91 -20.12
N ALA B 672 -66.81 -25.08 -19.20
CA ALA B 672 -68.12 -25.31 -18.56
C ALA B 672 -69.30 -25.21 -19.56
N ALA B 673 -69.26 -24.24 -20.48
CA ALA B 673 -70.32 -24.09 -21.46
C ALA B 673 -70.31 -25.28 -22.39
N VAL B 674 -69.13 -25.70 -22.82
CA VAL B 674 -69.01 -26.84 -23.68
C VAL B 674 -69.58 -28.03 -22.92
N ARG B 675 -69.27 -28.10 -21.62
CA ARG B 675 -69.68 -29.22 -20.80
C ARG B 675 -71.19 -29.32 -20.64
N GLU B 676 -71.90 -28.19 -20.52
CA GLU B 676 -73.35 -28.25 -20.58
C GLU B 676 -73.82 -28.65 -21.97
N ARG B 677 -73.07 -28.25 -22.99
CA ARG B 677 -73.49 -28.58 -24.35
C ARG B 677 -73.39 -30.08 -24.70
N LEU B 678 -72.42 -30.77 -24.10
CA LEU B 678 -72.15 -32.17 -24.40
C LEU B 678 -73.02 -33.17 -23.62
N ARG B 679 -73.84 -32.68 -22.70
CA ARG B 679 -74.63 -33.54 -21.83
C ARG B 679 -75.61 -34.48 -22.54
N PRO B 680 -76.31 -34.00 -23.59
CA PRO B 680 -77.12 -34.95 -24.38
C PRO B 680 -76.34 -36.11 -25.03
N TRP B 681 -75.01 -36.07 -25.00
CA TRP B 681 -74.28 -37.16 -25.61
C TRP B 681 -73.45 -38.00 -24.61
N GLN B 682 -72.73 -39.00 -25.13
CA GLN B 682 -71.68 -39.78 -24.41
C GLN B 682 -70.90 -40.54 -25.46
N ASP B 683 -71.48 -40.58 -26.65
CA ASP B 683 -70.78 -41.08 -27.82
C ASP B 683 -69.75 -40.00 -28.17
N ARG B 684 -69.56 -39.08 -27.22
CA ARG B 684 -68.75 -37.92 -27.46
C ARG B 684 -68.51 -37.07 -26.22
N LEU B 685 -68.36 -37.69 -25.07
CA LEU B 685 -67.71 -37.03 -23.93
C LEU B 685 -66.29 -36.80 -24.40
N SER B 686 -66.17 -35.76 -25.19
CA SER B 686 -64.92 -35.14 -25.35
C SER B 686 -64.64 -34.32 -24.13
N VAL B 687 -64.39 -33.06 -24.38
CA VAL B 687 -63.41 -32.35 -23.61
C VAL B 687 -62.24 -33.31 -23.72
N ALA B 688 -61.65 -33.33 -24.92
CA ALA B 688 -60.34 -33.88 -25.16
C ALA B 688 -59.29 -32.97 -24.53
N ALA B 689 -59.33 -31.67 -24.85
CA ALA B 689 -58.29 -30.75 -24.38
C ALA B 689 -58.84 -29.39 -23.99
N VAL B 690 -58.31 -28.77 -22.95
CA VAL B 690 -58.68 -27.39 -22.60
C VAL B 690 -57.44 -26.48 -22.74
N ASN B 691 -57.44 -25.61 -23.76
CA ASN B 691 -56.22 -24.85 -24.07
C ASN B 691 -56.28 -23.38 -23.69
N GLY B 692 -57.45 -22.90 -23.37
CA GLY B 692 -57.64 -21.52 -22.99
C GLY B 692 -59.12 -21.36 -22.90
N PRO B 693 -59.58 -20.16 -22.60
CA PRO B 693 -61.00 -19.96 -22.33
C PRO B 693 -61.85 -20.10 -23.59
N ARG B 694 -61.28 -19.81 -24.75
CA ARG B 694 -62.09 -19.90 -25.94
C ARG B 694 -61.59 -20.99 -26.88
N SER B 695 -60.99 -22.03 -26.30
CA SER B 695 -60.32 -23.04 -27.09
C SER B 695 -60.31 -24.36 -26.34
N VAL B 696 -61.26 -25.19 -26.74
CA VAL B 696 -61.55 -26.43 -26.07
C VAL B 696 -61.75 -27.46 -27.17
N VAL B 697 -61.09 -28.61 -27.02
CA VAL B 697 -61.26 -29.66 -28.02
C VAL B 697 -62.18 -30.75 -27.55
N VAL B 698 -62.98 -31.23 -28.50
CA VAL B 698 -64.07 -32.16 -28.25
C VAL B 698 -63.91 -33.41 -29.16
N SER B 699 -64.31 -34.59 -28.67
CA SER B 699 -63.84 -35.87 -29.21
C SER B 699 -64.90 -36.96 -29.00
N GLY B 700 -65.15 -37.78 -30.04
CA GLY B 700 -66.13 -38.86 -29.91
C GLY B 700 -66.62 -39.39 -31.24
N GLU B 701 -67.77 -40.08 -31.26
CA GLU B 701 -68.24 -40.68 -32.52
C GLU B 701 -68.67 -39.59 -33.50
N PRO B 702 -68.28 -39.74 -34.79
CA PRO B 702 -68.58 -38.81 -35.86
C PRO B 702 -69.99 -38.31 -35.83
N GLY B 703 -70.94 -39.24 -35.72
CA GLY B 703 -72.37 -38.92 -35.77
C GLY B 703 -72.88 -38.07 -34.64
N ALA B 704 -72.14 -38.06 -33.53
CA ALA B 704 -72.52 -37.22 -32.40
C ALA B 704 -71.76 -35.93 -32.51
N LEU B 705 -70.60 -35.98 -33.14
CA LEU B 705 -69.83 -34.78 -33.38
C LEU B 705 -70.53 -33.90 -34.41
N ARG B 706 -70.78 -34.49 -35.58
CA ARG B 706 -71.47 -33.79 -36.69
C ARG B 706 -72.74 -33.15 -36.18
N ALA B 707 -73.46 -33.88 -35.34
CA ALA B 707 -74.77 -33.46 -34.88
C ALA B 707 -74.68 -32.38 -33.83
N PHE B 708 -73.54 -32.32 -33.16
CA PHE B 708 -73.32 -31.40 -32.04
C PHE B 708 -72.69 -30.13 -32.58
N SER B 709 -71.83 -30.29 -33.58
CA SER B 709 -71.14 -29.18 -34.17
C SER B 709 -72.09 -28.38 -35.03
N GLU B 710 -72.79 -29.06 -35.96
CA GLU B 710 -73.87 -28.43 -36.77
C GLU B 710 -74.79 -27.71 -35.79
N ASP B 711 -75.13 -28.44 -34.72
CA ASP B 711 -76.04 -28.00 -33.67
C ASP B 711 -75.66 -26.69 -33.01
N CYS B 712 -74.38 -26.31 -33.08
CA CYS B 712 -74.12 -24.91 -32.84
C CYS B 712 -73.51 -24.05 -33.95
N ALA B 713 -73.88 -24.37 -35.18
CA ALA B 713 -73.81 -23.40 -36.25
C ALA B 713 -75.03 -22.51 -36.06
N ALA B 714 -76.20 -23.12 -35.74
CA ALA B 714 -77.31 -22.42 -35.03
C ALA B 714 -76.67 -21.92 -33.74
N GLU B 715 -77.12 -20.82 -33.18
CA GLU B 715 -76.36 -20.21 -32.06
C GLU B 715 -74.99 -19.61 -32.42
N GLY B 716 -74.50 -19.84 -33.64
CA GLY B 716 -73.31 -19.20 -34.16
C GLY B 716 -72.01 -19.42 -33.40
N ILE B 717 -71.98 -20.44 -32.56
CA ILE B 717 -70.77 -20.81 -31.84
C ILE B 717 -69.78 -21.50 -32.79
N ARG B 718 -68.56 -21.00 -32.88
CA ARG B 718 -67.59 -21.55 -33.82
C ARG B 718 -67.08 -22.94 -33.41
N VAL B 719 -67.23 -23.89 -34.32
CA VAL B 719 -66.54 -25.18 -34.27
C VAL B 719 -65.83 -25.42 -35.57
N ARG B 720 -64.55 -25.68 -35.47
CA ARG B 720 -63.72 -26.02 -36.60
C ARG B 720 -63.36 -27.50 -36.38
N ASP B 721 -63.40 -28.31 -37.43
CA ASP B 721 -62.97 -29.72 -37.33
C ASP B 721 -61.45 -29.91 -37.46
N ILE B 722 -60.89 -30.77 -36.62
CA ILE B 722 -59.46 -31.07 -36.65
C ILE B 722 -59.18 -32.25 -37.60
N ASP B 723 -58.23 -32.07 -38.52
CA ASP B 723 -57.87 -33.10 -39.52
C ASP B 723 -57.26 -34.34 -38.82
N VAL B 724 -58.13 -35.28 -38.49
CA VAL B 724 -57.79 -36.46 -37.71
C VAL B 724 -58.89 -37.51 -37.91
N ASP B 725 -58.48 -38.78 -37.93
CA ASP B 725 -59.34 -39.88 -38.29
C ASP B 725 -59.78 -40.74 -37.10
N TYR B 726 -59.85 -40.13 -35.90
CA TYR B 726 -59.98 -40.87 -34.63
C TYR B 726 -60.27 -39.93 -33.45
N ALA B 727 -60.96 -40.44 -32.43
CA ALA B 727 -61.31 -39.65 -31.24
C ALA B 727 -60.39 -39.90 -30.05
N SER B 728 -59.20 -39.29 -29.96
CA SER B 728 -58.35 -39.54 -28.76
C SER B 728 -58.86 -38.79 -27.53
N HIS B 729 -58.40 -39.19 -26.37
CA HIS B 729 -58.93 -38.64 -25.10
C HIS B 729 -60.43 -38.81 -24.91
N SER B 730 -60.94 -39.96 -25.34
CA SER B 730 -62.35 -40.27 -25.23
C SER B 730 -62.59 -41.78 -25.02
N PRO B 731 -63.84 -42.17 -24.73
CA PRO B 731 -64.15 -43.59 -24.59
C PRO B 731 -63.82 -44.43 -25.83
N GLN B 732 -64.03 -43.87 -27.03
CA GLN B 732 -63.64 -44.56 -28.28
C GLN B 732 -62.15 -44.91 -28.36
N ILE B 733 -61.42 -44.68 -27.26
CA ILE B 733 -60.02 -45.09 -27.09
C ILE B 733 -59.88 -46.35 -26.24
N GLU B 734 -60.89 -46.64 -25.44
CA GLU B 734 -60.79 -47.70 -24.43
C GLU B 734 -60.39 -49.08 -25.04
N ARG B 735 -60.71 -49.28 -26.31
CA ARG B 735 -60.58 -50.60 -26.95
C ARG B 735 -59.20 -50.96 -27.53
N VAL B 736 -58.25 -50.03 -27.46
CA VAL B 736 -56.86 -50.28 -27.85
C VAL B 736 -55.93 -50.38 -26.65
N ARG B 737 -56.50 -50.29 -25.46
CA ARG B 737 -55.77 -50.25 -24.20
C ARG B 737 -54.88 -51.44 -24.01
N GLU B 738 -55.40 -52.62 -24.33
CA GLU B 738 -54.67 -53.85 -24.12
C GLU B 738 -53.54 -54.04 -25.11
N GLU B 739 -53.82 -53.94 -26.41
CA GLU B 739 -52.72 -53.96 -27.41
C GLU B 739 -51.62 -52.94 -26.97
N LEU B 740 -52.04 -51.78 -26.44
CA LEU B 740 -51.08 -50.75 -26.04
C LEU B 740 -50.24 -51.14 -24.82
N LEU B 741 -50.88 -51.50 -23.72
CA LEU B 741 -50.14 -51.87 -22.52
C LEU B 741 -49.28 -53.06 -22.85
N GLU B 742 -49.61 -53.74 -23.93
CA GLU B 742 -48.92 -54.96 -24.29
C GLU B 742 -47.69 -54.57 -25.06
N THR B 743 -47.88 -53.83 -26.15
CA THR B 743 -46.84 -53.42 -27.10
C THR B 743 -45.72 -52.62 -26.42
N THR B 744 -45.86 -52.36 -25.13
CA THR B 744 -45.14 -51.24 -24.56
C THR B 744 -44.86 -51.32 -23.07
N GLY B 745 -45.28 -52.43 -22.46
CA GLY B 745 -44.95 -52.66 -21.06
C GLY B 745 -43.44 -52.83 -20.94
N ASP B 746 -42.96 -52.74 -19.71
CA ASP B 746 -41.49 -52.75 -19.48
C ASP B 746 -40.70 -51.91 -20.51
N ILE B 747 -41.17 -50.67 -20.67
CA ILE B 747 -40.37 -49.49 -20.92
C ILE B 747 -39.74 -49.23 -19.54
N ALA B 748 -38.54 -48.67 -19.48
CA ALA B 748 -37.95 -48.41 -18.19
C ALA B 748 -37.74 -46.92 -17.97
N PRO B 749 -38.72 -46.27 -17.35
CA PRO B 749 -38.61 -44.84 -16.98
C PRO B 749 -37.55 -44.60 -15.87
N ARG B 750 -36.94 -43.42 -15.83
CA ARG B 750 -35.90 -43.08 -14.85
C ARG B 750 -36.19 -41.72 -14.26
N PRO B 751 -35.55 -41.36 -13.12
CA PRO B 751 -35.45 -39.99 -12.63
C PRO B 751 -35.29 -38.93 -13.69
N ALA B 752 -36.05 -37.86 -13.50
CA ALA B 752 -36.13 -36.70 -14.41
C ALA B 752 -35.04 -35.72 -14.02
N ARG B 753 -34.20 -35.36 -14.98
CA ARG B 753 -33.18 -34.36 -14.70
C ARG B 753 -33.83 -32.97 -14.57
N VAL B 754 -34.94 -32.81 -15.29
CA VAL B 754 -35.67 -31.57 -15.41
C VAL B 754 -37.08 -31.82 -14.86
N THR B 755 -37.63 -30.86 -14.08
CA THR B 755 -39.05 -30.86 -13.67
C THR B 755 -39.95 -31.16 -14.87
N PHE B 756 -40.81 -32.19 -14.71
CA PHE B 756 -41.81 -32.61 -15.69
C PHE B 756 -43.18 -32.30 -15.08
N HIS B 757 -43.86 -31.28 -15.60
CA HIS B 757 -45.20 -30.98 -15.12
C HIS B 757 -46.16 -31.67 -16.07
N SER B 758 -47.01 -32.55 -15.55
CA SER B 758 -47.97 -33.29 -16.39
C SER B 758 -49.29 -32.51 -16.62
N THR B 759 -49.80 -32.58 -17.85
CA THR B 759 -51.00 -31.89 -18.29
C THR B 759 -52.19 -32.82 -18.10
N VAL B 760 -51.87 -34.07 -17.79
CA VAL B 760 -52.81 -35.12 -17.44
C VAL B 760 -53.03 -35.15 -15.96
N GLU B 761 -51.97 -35.45 -15.20
CA GLU B 761 -52.07 -35.51 -13.75
C GLU B 761 -52.13 -34.12 -13.10
N SER B 762 -51.69 -33.09 -13.80
CA SER B 762 -51.74 -31.70 -13.33
C SER B 762 -50.80 -31.40 -12.17
N ARG B 763 -49.58 -31.91 -12.27
CA ARG B 763 -48.55 -31.67 -11.28
C ARG B 763 -47.22 -32.12 -11.81
N SER B 764 -46.15 -31.76 -11.09
CA SER B 764 -44.80 -32.32 -11.26
C SER B 764 -44.83 -33.79 -10.95
N MET B 765 -44.14 -34.58 -11.77
CA MET B 765 -44.22 -36.00 -11.71
C MET B 765 -42.86 -36.60 -11.73
N ASP B 766 -42.48 -37.35 -10.69
CA ASP B 766 -41.19 -38.00 -10.75
C ASP B 766 -41.17 -38.89 -12.02
N GLY B 767 -40.07 -38.81 -12.78
CA GLY B 767 -39.90 -39.55 -14.04
C GLY B 767 -40.11 -41.05 -13.94
N THR B 768 -40.06 -41.49 -12.70
CA THR B 768 -40.26 -42.86 -12.28
C THR B 768 -41.73 -43.28 -12.34
N GLU B 769 -42.66 -42.33 -12.22
CA GLU B 769 -44.08 -42.65 -12.35
C GLU B 769 -44.53 -42.73 -13.82
N LEU B 770 -43.61 -42.57 -14.78
CA LEU B 770 -43.99 -42.49 -16.19
C LEU B 770 -44.03 -43.85 -16.91
N ASP B 771 -44.52 -44.82 -16.13
CA ASP B 771 -45.15 -46.09 -16.55
C ASP B 771 -45.77 -46.17 -17.93
N ALA B 772 -45.88 -47.38 -18.47
CA ALA B 772 -46.83 -47.62 -19.58
C ALA B 772 -48.30 -47.22 -19.22
N ARG B 773 -48.64 -47.25 -17.94
CA ARG B 773 -50.04 -46.95 -17.60
C ARG B 773 -50.29 -45.48 -17.68
N TYR B 774 -49.30 -44.72 -17.26
CA TYR B 774 -49.34 -43.28 -17.40
C TYR B 774 -49.53 -42.89 -18.90
N TRP B 775 -48.78 -43.51 -19.80
CA TRP B 775 -48.90 -43.13 -21.21
C TRP B 775 -50.24 -43.52 -21.77
N TYR B 776 -50.89 -44.49 -21.12
CA TYR B 776 -52.23 -44.84 -21.53
C TYR B 776 -53.12 -43.73 -21.09
N ARG B 777 -52.99 -43.32 -19.84
CA ARG B 777 -53.76 -42.20 -19.28
C ARG B 777 -53.61 -40.93 -20.12
N ASN B 778 -52.38 -40.50 -20.37
CA ASN B 778 -52.16 -39.46 -21.39
C ASN B 778 -53.11 -39.61 -22.58
N LEU B 779 -53.04 -40.77 -23.23
CA LEU B 779 -53.82 -41.03 -24.42
C LEU B 779 -55.34 -40.92 -24.19
N ARG B 780 -55.78 -41.38 -23.01
CA ARG B 780 -57.17 -41.53 -22.62
C ARG B 780 -57.81 -40.32 -21.98
N GLU B 781 -57.06 -39.42 -21.38
CA GLU B 781 -57.68 -38.35 -20.59
C GLU B 781 -57.55 -36.94 -21.16
N THR B 782 -58.42 -36.05 -20.69
CA THR B 782 -58.44 -34.69 -21.17
C THR B 782 -57.09 -34.10 -20.88
N VAL B 783 -56.53 -33.36 -21.83
CA VAL B 783 -55.27 -32.70 -21.58
C VAL B 783 -55.50 -31.28 -21.08
N ARG B 784 -54.97 -31.06 -19.90
CA ARG B 784 -55.25 -29.84 -19.17
C ARG B 784 -54.11 -28.79 -19.41
N PHE B 785 -54.04 -28.31 -20.65
CA PHE B 785 -52.95 -27.47 -21.11
C PHE B 785 -52.83 -26.05 -20.50
N ALA B 786 -53.91 -25.26 -20.57
CA ALA B 786 -53.93 -23.94 -19.92
C ALA B 786 -53.63 -24.00 -18.40
N ASP B 787 -54.18 -24.98 -17.68
CA ASP B 787 -53.94 -25.11 -16.24
C ASP B 787 -52.43 -25.33 -15.97
N ALA B 788 -51.81 -26.16 -16.81
CA ALA B 788 -50.40 -26.47 -16.58
C ALA B 788 -49.62 -25.19 -16.65
N VAL B 789 -49.76 -24.50 -17.77
CA VAL B 789 -48.99 -23.29 -18.05
C VAL B 789 -49.26 -22.28 -16.96
N THR B 790 -50.55 -21.99 -16.71
CA THR B 790 -50.96 -21.14 -15.58
C THR B 790 -50.25 -21.48 -14.23
N ARG B 791 -50.37 -22.69 -13.69
CA ARG B 791 -49.63 -23.10 -12.46
C ARG B 791 -48.09 -22.87 -12.51
N LEU B 792 -47.50 -23.00 -13.69
CA LEU B 792 -46.06 -22.78 -13.84
C LEU B 792 -45.72 -21.30 -13.73
N ALA B 793 -46.63 -20.47 -14.21
CA ALA B 793 -46.40 -19.05 -14.16
C ALA B 793 -46.64 -18.53 -12.75
N GLU B 794 -47.55 -19.17 -12.03
CA GLU B 794 -47.82 -18.89 -10.61
C GLU B 794 -46.62 -19.21 -9.73
N SER B 795 -45.81 -20.19 -10.15
CA SER B 795 -44.75 -20.62 -9.27
C SER B 795 -43.39 -20.16 -9.73
N GLY B 796 -43.35 -19.12 -10.53
CA GLY B 796 -42.09 -18.42 -10.78
C GLY B 796 -41.52 -18.49 -12.17
N TYR B 797 -41.87 -19.55 -12.92
CA TYR B 797 -41.35 -19.74 -14.27
C TYR B 797 -41.73 -18.61 -15.20
N ASP B 798 -40.78 -18.27 -16.06
CA ASP B 798 -40.62 -16.91 -16.57
C ASP B 798 -40.54 -16.83 -18.08
N ALA B 799 -39.98 -17.88 -18.66
CA ALA B 799 -39.72 -17.89 -20.08
C ALA B 799 -40.29 -19.18 -20.61
N PHE B 800 -41.27 -19.07 -21.51
CA PHE B 800 -42.03 -20.19 -22.05
C PHE B 800 -41.73 -20.29 -23.52
N ILE B 801 -41.03 -21.36 -23.90
CA ILE B 801 -40.49 -21.57 -25.24
C ILE B 801 -41.10 -22.80 -25.94
N GLU B 802 -41.84 -22.56 -27.02
CA GLU B 802 -42.47 -23.61 -27.79
C GLU B 802 -41.48 -24.25 -28.76
N VAL B 803 -41.18 -25.54 -28.53
CA VAL B 803 -40.19 -26.25 -29.28
C VAL B 803 -40.88 -26.96 -30.44
N SER B 804 -41.23 -26.24 -31.48
CA SER B 804 -41.92 -26.86 -32.62
C SER B 804 -41.60 -26.21 -33.97
N PRO B 805 -42.08 -26.80 -35.05
CA PRO B 805 -41.91 -26.42 -36.45
C PRO B 805 -42.76 -25.22 -36.78
N HIS B 806 -43.75 -24.97 -35.94
CA HIS B 806 -44.67 -23.89 -36.14
C HIS B 806 -45.43 -23.62 -34.84
N PRO B 807 -45.55 -22.33 -34.45
CA PRO B 807 -46.07 -22.04 -33.13
C PRO B 807 -47.58 -22.21 -33.10
N VAL B 808 -48.02 -23.26 -32.43
CA VAL B 808 -49.43 -23.61 -32.40
C VAL B 808 -49.98 -23.27 -31.02
N VAL B 809 -49.12 -23.20 -30.00
CA VAL B 809 -49.57 -22.89 -28.64
C VAL B 809 -49.10 -21.57 -28.03
N VAL B 810 -48.40 -20.74 -28.79
CA VAL B 810 -47.95 -19.45 -28.24
C VAL B 810 -49.12 -18.62 -27.74
N GLN B 811 -50.10 -18.38 -28.61
CA GLN B 811 -51.26 -17.61 -28.19
C GLN B 811 -51.86 -18.19 -26.93
N ALA B 812 -51.94 -19.52 -26.87
CA ALA B 812 -52.56 -20.18 -25.73
C ALA B 812 -51.73 -19.89 -24.49
N VAL B 813 -50.40 -19.87 -24.66
CA VAL B 813 -49.48 -19.54 -23.56
C VAL B 813 -49.58 -18.07 -23.13
N GLU B 814 -49.67 -17.14 -24.07
CA GLU B 814 -49.78 -15.76 -23.69
C GLU B 814 -51.07 -15.55 -22.86
N GLU B 815 -52.14 -16.24 -23.25
CA GLU B 815 -53.38 -16.26 -22.49
C GLU B 815 -53.29 -16.84 -21.07
N ALA B 816 -52.54 -17.89 -20.85
CA ALA B 816 -52.56 -18.52 -19.54
C ALA B 816 -51.66 -17.80 -18.58
N VAL B 817 -50.52 -17.37 -19.10
CA VAL B 817 -49.62 -16.51 -18.35
C VAL B 817 -50.34 -15.23 -17.97
N GLU B 818 -50.97 -14.59 -18.96
CA GLU B 818 -51.52 -13.25 -18.78
C GLU B 818 -52.37 -13.20 -17.53
N GLU B 819 -53.36 -14.11 -17.47
CA GLU B 819 -54.16 -14.26 -16.28
C GLU B 819 -53.56 -15.34 -15.39
N ALA B 820 -52.59 -14.91 -14.58
CA ALA B 820 -51.95 -15.67 -13.52
C ALA B 820 -51.17 -14.65 -12.67
N ASP B 821 -51.22 -14.79 -11.35
CA ASP B 821 -50.64 -13.77 -10.45
C ASP B 821 -49.17 -13.47 -10.69
N GLY B 822 -48.88 -12.23 -11.13
CA GLY B 822 -47.52 -11.71 -11.29
C GLY B 822 -46.73 -12.31 -12.44
N ALA B 823 -47.07 -11.93 -13.66
CA ALA B 823 -46.37 -12.45 -14.84
C ALA B 823 -46.46 -11.50 -16.04
N GLU B 824 -46.60 -10.20 -15.76
CA GLU B 824 -46.63 -9.20 -16.83
C GLU B 824 -45.19 -8.96 -17.28
N ASP B 825 -44.30 -9.78 -16.72
CA ASP B 825 -42.91 -9.74 -17.13
C ASP B 825 -42.43 -11.14 -17.58
N ALA B 826 -43.08 -11.74 -18.59
CA ALA B 826 -42.70 -13.08 -19.06
C ALA B 826 -42.64 -13.20 -20.56
N VAL B 827 -41.76 -14.08 -21.04
CA VAL B 827 -41.51 -14.26 -22.47
C VAL B 827 -42.14 -15.52 -22.98
N VAL B 828 -42.83 -15.43 -24.11
CA VAL B 828 -43.30 -16.61 -24.84
C VAL B 828 -42.79 -16.57 -26.27
N VAL B 829 -42.14 -17.65 -26.70
CA VAL B 829 -41.51 -17.71 -28.00
C VAL B 829 -41.64 -19.08 -28.59
N GLY B 830 -41.83 -19.13 -29.91
CA GLY B 830 -41.78 -20.36 -30.70
C GLY B 830 -40.35 -20.55 -31.17
N SER B 831 -40.14 -21.46 -32.10
CA SER B 831 -38.80 -21.67 -32.54
C SER B 831 -38.69 -21.71 -34.05
N LEU B 832 -39.61 -22.39 -34.73
CA LEU B 832 -39.62 -22.33 -36.19
C LEU B 832 -41.02 -22.03 -36.69
N HIS B 833 -41.13 -21.50 -37.90
CA HIS B 833 -42.40 -21.24 -38.56
C HIS B 833 -42.45 -21.88 -39.95
N ARG B 834 -43.62 -21.86 -40.57
CA ARG B 834 -43.84 -22.38 -41.92
C ARG B 834 -42.97 -21.77 -43.05
N ASP B 835 -43.11 -20.49 -43.36
CA ASP B 835 -42.27 -19.99 -44.47
C ASP B 835 -40.94 -19.48 -43.90
N GLY B 836 -40.52 -20.11 -42.80
CA GLY B 836 -39.32 -19.69 -42.09
C GLY B 836 -38.74 -20.64 -41.05
N GLY B 837 -38.45 -21.89 -41.45
CA GLY B 837 -37.58 -22.79 -40.70
C GLY B 837 -36.25 -22.62 -41.41
N ASP B 838 -35.16 -23.15 -40.86
CA ASP B 838 -33.73 -22.77 -41.21
C ASP B 838 -32.95 -22.03 -40.11
N LEU B 839 -31.64 -22.11 -40.17
CA LEU B 839 -30.74 -21.56 -39.15
C LEU B 839 -31.05 -20.15 -38.70
N SER B 840 -31.31 -19.27 -39.65
CA SER B 840 -31.52 -17.86 -39.27
C SER B 840 -32.88 -17.63 -38.61
N ALA B 841 -33.87 -18.37 -39.06
CA ALA B 841 -35.13 -18.37 -38.37
C ALA B 841 -34.90 -18.75 -36.92
N PHE B 842 -34.14 -19.82 -36.70
CA PHE B 842 -33.97 -20.27 -35.34
C PHE B 842 -33.21 -19.21 -34.54
N LEU B 843 -32.10 -18.72 -35.09
CA LEU B 843 -31.37 -17.63 -34.48
C LEU B 843 -32.27 -16.43 -34.18
N ARG B 844 -33.27 -16.22 -35.02
CA ARG B 844 -34.26 -15.16 -34.77
C ARG B 844 -35.15 -15.45 -33.55
N SER B 845 -35.61 -16.68 -33.42
CA SER B 845 -36.30 -17.02 -32.19
C SER B 845 -35.43 -16.77 -30.95
N MET B 846 -34.14 -17.09 -31.04
CA MET B 846 -33.27 -17.02 -29.87
C MET B 846 -32.98 -15.56 -29.50
N ALA B 847 -32.84 -14.71 -30.52
CA ALA B 847 -32.77 -13.28 -30.38
C ALA B 847 -34.00 -12.75 -29.64
N THR B 848 -35.18 -13.21 -30.08
CA THR B 848 -36.47 -12.82 -29.54
C THR B 848 -36.55 -13.22 -28.05
N ALA B 849 -36.13 -14.45 -27.75
CA ALA B 849 -35.97 -14.85 -26.40
C ALA B 849 -34.87 -14.04 -25.72
N HIS B 850 -33.80 -13.69 -26.42
CA HIS B 850 -32.67 -13.04 -25.71
C HIS B 850 -33.00 -11.63 -25.14
N VAL B 851 -33.75 -10.93 -25.95
CA VAL B 851 -34.03 -9.55 -25.80
C VAL B 851 -35.01 -9.35 -24.63
N SER B 852 -35.80 -10.38 -24.31
CA SER B 852 -36.66 -10.34 -23.13
C SER B 852 -36.03 -11.08 -21.96
N GLY B 853 -34.79 -11.52 -22.12
CA GLY B 853 -34.03 -11.93 -20.96
C GLY B 853 -33.37 -13.29 -20.92
N VAL B 854 -33.58 -14.14 -21.93
CA VAL B 854 -33.09 -15.51 -21.85
C VAL B 854 -31.69 -15.51 -22.39
N ASP B 855 -30.71 -16.06 -21.69
CA ASP B 855 -29.40 -16.02 -22.29
C ASP B 855 -29.08 -17.21 -23.11
N ILE B 856 -28.37 -16.88 -24.16
CA ILE B 856 -27.95 -17.79 -25.16
C ILE B 856 -26.44 -17.58 -25.13
N ARG B 857 -25.68 -18.65 -25.40
CA ARG B 857 -24.24 -18.60 -25.71
C ARG B 857 -24.06 -18.49 -27.22
N TRP B 858 -24.00 -17.25 -27.69
CA TRP B 858 -23.95 -16.98 -29.12
C TRP B 858 -22.67 -17.49 -29.84
N ASP B 859 -21.59 -17.65 -29.09
CA ASP B 859 -20.34 -18.11 -29.64
C ASP B 859 -20.41 -19.47 -30.34
N VAL B 860 -21.49 -20.21 -30.05
CA VAL B 860 -21.77 -21.47 -30.75
C VAL B 860 -22.13 -21.25 -32.24
N ALA B 861 -22.79 -20.13 -32.54
CA ALA B 861 -23.08 -19.80 -33.92
C ALA B 861 -21.82 -19.28 -34.63
N LEU B 862 -20.69 -19.22 -33.91
CA LEU B 862 -19.46 -18.67 -34.48
C LEU B 862 -18.15 -19.43 -34.13
N PRO B 863 -18.10 -20.74 -34.42
CA PRO B 863 -16.84 -21.45 -34.20
C PRO B 863 -15.77 -20.95 -35.18
N GLY B 864 -14.53 -20.92 -34.72
CA GLY B 864 -13.42 -20.45 -35.56
C GLY B 864 -13.28 -18.93 -35.54
N ALA B 865 -14.38 -18.22 -35.29
CA ALA B 865 -14.38 -16.78 -35.35
C ALA B 865 -13.44 -16.27 -34.28
N ALA B 866 -12.85 -15.10 -34.55
CA ALA B 866 -12.03 -14.42 -33.56
C ALA B 866 -12.61 -13.00 -33.34
N PRO B 867 -12.67 -12.55 -32.06
CA PRO B 867 -13.28 -11.30 -31.62
C PRO B 867 -12.65 -10.11 -32.28
N PHE B 868 -13.49 -9.27 -32.88
CA PHE B 868 -13.04 -7.99 -33.36
C PHE B 868 -12.99 -6.97 -32.16
N ALA B 869 -11.97 -6.11 -32.12
CA ALA B 869 -11.90 -5.01 -31.14
C ALA B 869 -13.00 -4.03 -31.51
N LEU B 870 -13.76 -3.61 -30.51
CA LEU B 870 -14.96 -2.79 -30.72
C LEU B 870 -14.81 -1.45 -30.03
N PRO B 871 -15.67 -0.45 -30.34
CA PRO B 871 -15.60 0.85 -29.65
C PRO B 871 -16.25 0.72 -28.28
N THR B 872 -16.06 1.69 -27.38
CA THR B 872 -16.54 1.52 -26.02
C THR B 872 -17.94 2.09 -25.83
N TYR B 873 -18.51 1.88 -24.63
CA TYR B 873 -19.88 2.29 -24.32
C TYR B 873 -20.13 3.75 -24.65
N PRO B 874 -21.27 4.03 -25.29
CA PRO B 874 -21.76 5.38 -25.72
C PRO B 874 -22.39 6.23 -24.63
N PHE B 875 -21.59 6.70 -23.69
CA PHE B 875 -22.14 7.37 -22.53
C PHE B 875 -23.05 8.54 -22.88
N GLN B 876 -24.17 8.66 -22.17
CA GLN B 876 -25.16 9.74 -22.42
C GLN B 876 -25.09 10.83 -21.35
N ARG B 877 -24.15 11.75 -21.57
CA ARG B 877 -23.67 12.62 -20.51
C ARG B 877 -24.52 13.84 -20.27
N LYS B 878 -24.57 14.28 -19.02
CA LYS B 878 -25.19 15.54 -18.61
C LYS B 878 -24.21 16.32 -17.77
N ARG B 879 -24.38 17.63 -17.76
CA ARG B 879 -23.55 18.50 -16.92
C ARG B 879 -23.85 18.34 -15.40
N TYR B 880 -22.91 17.84 -14.59
CA TYR B 880 -23.02 18.02 -13.14
C TYR B 880 -21.90 18.91 -12.58
N TRP B 881 -22.26 19.82 -11.68
CA TRP B 881 -21.35 20.81 -11.14
C TRP B 881 -22.08 21.73 -10.16
N LEU B 882 -21.45 22.01 -9.03
CA LEU B 882 -22.06 22.87 -8.02
C LEU B 882 -21.61 24.32 -8.14
N GLN B 883 -22.49 25.25 -7.77
CA GLN B 883 -22.03 26.59 -7.30
C GLN B 883 -21.72 26.38 -5.82
C ACT C . 63.57 15.74 31.42
O ACT C . 63.18 15.69 30.23
OXT ACT C . 64.34 14.83 31.81
CH3 ACT C . 63.18 16.83 32.38
CL CL D . -19.85 -18.15 2.34
C1 CER E . -16.34 3.40 9.11
N1 CER E . -17.03 2.57 8.31
O1 CER E . -14.24 7.44 8.94
C2 CER E . -15.60 4.53 8.46
O2 CER E . -16.28 3.29 10.33
C3 CER E . -16.05 5.88 9.05
O3 CER E . -17.46 6.08 8.84
C4 CER E . -15.30 7.05 8.44
C ACT F . -53.33 -37.14 -29.98
O ACT F . -52.40 -36.58 -29.36
OXT ACT F . -53.53 -38.34 -29.71
CH3 ACT F . -54.14 -36.40 -30.99
CL CL G . 25.78 6.19 -5.15
C1 CER H . 6.64 17.03 -8.71
N1 CER H . 7.77 17.62 -8.30
O1 CER H . 2.46 19.27 -7.52
C2 CER H . 5.45 17.20 -7.80
O2 CER H . 6.54 16.38 -9.74
C3 CER H . 4.45 18.19 -8.36
O3 CER H . 5.19 19.29 -8.92
C4 CER H . 3.54 18.73 -7.27
#